data_6ZXX
#
_entry.id   6ZXX
#
_cell.length_a   180.182
_cell.length_b   170.391
_cell.length_c   107.957
_cell.angle_alpha   90.00
_cell.angle_beta   99.16
_cell.angle_gamma   90.00
#
_symmetry.space_group_name_H-M   'C 1 2 1'
#
loop_
_entity.id
_entity.type
_entity.pdbx_description
1 polymer 'Oxidoreductase, NAD-binding/iron-sulfur cluster-binding protein'
2 non-polymer 'IRON/SULFUR CLUSTER'
3 non-polymer COBALAMIN
4 non-polymer 'SODIUM ION'
5 non-polymer '3,5-bis(bromanyl)-4-oxidanyl-benzoic acid'
6 non-polymer '3 bromo 4 hydroxybenzoic acid'
7 non-polymer 'BROMIDE ION'
8 water water
#
_entity_poly.entity_id   1
_entity_poly.type   'polypeptide(L)'
_entity_poly.pdbx_seq_one_letter_code
;MVQTSFEHHHHHHSAGENLYFQGAQISMRLYSNRDRPNHLGPLALERLARVDDVVAQPARQPEDGFAASEDSLLGDVEEY
ARLFTRFLDGPVAPLGDAIPDDPARRAENLKASAYFLDASMVGICRLDPDDRAGDCDPSHTHALVFAVQFGREPEAGEAG
AEWIRGTNAARTDMRCAEIAAILSGYVRWMGFPARGHFSGDAQVDLARLAVRAGLARVVDGVLVAPFLRRGFRLGVVTTG
YALAADRPLAPEGDLGETAPEVMLGIDGTRPGWEDAEEEKRPLHMGRYPMETIRRVDEPTTLVVRQEIQRVAKRGDFFKR
AEAGDLGEKAKQEKKRFPMKHPLALGMQPLIQNMVPLQGTREKLAPTGKGGDLSDPGRNAEAIKALGYYLGADFVGICRA
EPWMYYASDEVEGKPIEAYHDYAVVMLIDQGYETMEGASGDDWISASQSMRAYMRGAEIAGVMAAHCRRMGYSARSHSNA
HSEVIHNPAILMAGLGEVSRIGDTLLNPFIGPRSKSIVFTTDLPMSVDRPIDFGLQDFCNQCRKCARECPCNAISFGDKV
MFNGYEIWKADVEKCTKYRVTQMKGSACGRCMKMCPWNREDTVEGRRLAELSIKVPEARAAIIAMDDALQNGKRNLIKRW
WFDLEVIDGVAGAPRMGTNERDLSPDRGDKIGANQKLAMYPPRLQPPPGTTLDAVLPVDRSGGLAEYAAAETPAAARARL
KSSAG
;
_entity_poly.pdbx_strand_id   A,B,C
#
# COMPACT_ATOMS: atom_id res chain seq x y z
N GLN A 25 -25.55 -19.73 -23.52
CA GLN A 25 -24.07 -19.78 -23.66
C GLN A 25 -23.71 -19.92 -25.12
N ILE A 26 -22.87 -18.72 -25.63
CA ILE A 26 -22.85 -18.53 -27.06
C ILE A 26 -21.42 -18.53 -27.56
N SER A 27 -20.50 -18.79 -26.63
CA SER A 27 -19.06 -18.58 -26.86
C SER A 27 -18.34 -19.76 -27.53
N MET A 28 -19.02 -20.92 -27.68
CA MET A 28 -18.42 -22.07 -28.37
C MET A 28 -18.27 -21.83 -29.88
N ARG A 29 -17.32 -22.53 -30.46
CA ARG A 29 -17.04 -22.42 -31.87
C ARG A 29 -18.22 -22.88 -32.67
N LEU A 30 -18.56 -22.11 -33.69
CA LEU A 30 -19.54 -22.52 -34.65
C LEU A 30 -19.00 -23.57 -35.63
N TYR A 31 -17.70 -23.48 -35.94
CA TYR A 31 -17.05 -24.25 -36.99
C TYR A 31 -16.11 -25.30 -36.45
N SER A 32 -16.10 -26.47 -37.08
CA SER A 32 -15.24 -27.56 -36.66
C SER A 32 -13.82 -27.39 -37.13
N ASN A 33 -12.88 -27.90 -36.35
CA ASN A 33 -11.48 -27.89 -36.73
C ASN A 33 -10.99 -29.20 -37.31
N ARG A 34 -11.91 -30.03 -37.75
CA ARG A 34 -11.58 -31.37 -38.18
C ARG A 34 -10.49 -31.42 -39.23
N ASP A 35 -10.48 -30.40 -40.09
CA ASP A 35 -9.53 -30.36 -41.20
C ASP A 35 -8.32 -29.47 -40.91
N ARG A 36 -8.24 -28.97 -39.67
CA ARG A 36 -7.13 -28.14 -39.24
C ARG A 36 -6.07 -29.03 -38.61
N PRO A 37 -4.84 -29.05 -39.17
CA PRO A 37 -3.76 -29.74 -38.50
C PRO A 37 -3.35 -29.05 -37.22
N ASN A 38 -2.91 -29.86 -36.29
CA ASN A 38 -2.58 -29.39 -34.95
C ASN A 38 -1.48 -28.33 -34.85
N HIS A 39 -0.52 -28.37 -35.75
CA HIS A 39 0.56 -27.40 -35.72
C HIS A 39 0.16 -25.96 -35.96
N LEU A 40 -1.06 -25.76 -36.48
CA LEU A 40 -1.62 -24.44 -36.75
C LEU A 40 -2.23 -23.78 -35.51
N GLY A 41 -2.54 -24.62 -34.53
CA GLY A 41 -3.01 -24.14 -33.25
C GLY A 41 -4.45 -23.70 -33.27
N PRO A 42 -4.96 -23.26 -32.10
CA PRO A 42 -6.35 -22.82 -31.97
C PRO A 42 -6.60 -21.42 -32.48
N LEU A 43 -5.54 -20.66 -32.74
CA LEU A 43 -5.62 -19.26 -33.15
C LEU A 43 -5.32 -19.17 -34.65
N ALA A 44 -5.88 -18.19 -35.32
CA ALA A 44 -5.71 -18.05 -36.76
C ALA A 44 -4.48 -17.22 -37.08
N LEU A 45 -3.34 -17.74 -36.68
CA LEU A 45 -2.08 -17.00 -36.78
C LEU A 45 -1.64 -16.92 -38.23
N GLU A 46 -2.03 -17.91 -39.01
CA GLU A 46 -1.75 -17.92 -40.45
C GLU A 46 -2.45 -16.80 -41.25
N ARG A 47 -3.41 -16.14 -40.61
CA ARG A 47 -4.11 -15.01 -41.25
C ARG A 47 -3.58 -13.62 -40.90
N LEU A 48 -2.47 -13.59 -40.17
CA LEU A 48 -1.93 -12.36 -39.70
C LEU A 48 -0.86 -11.90 -40.68
N ALA A 49 -0.81 -10.59 -40.86
CA ALA A 49 0.17 -9.97 -41.72
C ALA A 49 1.57 -10.25 -41.21
N ARG A 50 2.43 -10.70 -42.14
CA ARG A 50 3.83 -11.01 -41.87
C ARG A 50 4.82 -10.45 -42.92
N VAL A 51 6.07 -10.31 -42.48
CA VAL A 51 7.17 -9.88 -43.30
C VAL A 51 8.32 -10.82 -43.10
N ASP A 52 9.29 -10.80 -44.02
CA ASP A 52 10.43 -11.70 -43.96
C ASP A 52 11.31 -11.45 -42.72
N ASP A 53 11.51 -10.19 -42.37
CA ASP A 53 12.42 -9.85 -41.27
C ASP A 53 11.96 -8.59 -40.60
N VAL A 54 12.45 -8.38 -39.39
CA VAL A 54 12.22 -7.10 -38.73
C VAL A 54 13.44 -6.67 -37.94
N VAL A 55 13.52 -5.39 -37.68
CA VAL A 55 14.67 -4.83 -37.01
C VAL A 55 14.49 -5.09 -35.51
N ALA A 56 15.51 -5.67 -34.88
CA ALA A 56 15.43 -5.95 -33.44
C ALA A 56 15.27 -4.65 -32.70
N GLN A 57 14.56 -4.67 -31.58
CA GLN A 57 14.47 -3.51 -30.69
C GLN A 57 14.26 -3.94 -29.27
N PRO A 58 14.78 -3.19 -28.31
CA PRO A 58 14.63 -3.62 -26.93
C PRO A 58 13.16 -3.72 -26.48
N ALA A 59 12.89 -4.78 -25.70
CA ALA A 59 11.53 -5.09 -25.27
C ALA A 59 11.53 -6.02 -24.07
N ARG A 60 10.55 -5.88 -23.20
CA ARG A 60 10.37 -6.81 -22.12
C ARG A 60 9.01 -7.52 -22.22
N GLN A 61 8.89 -8.59 -21.48
CA GLN A 61 7.68 -9.38 -21.41
C GLN A 61 6.70 -8.68 -20.53
N PRO A 62 5.41 -9.01 -20.72
CA PRO A 62 4.35 -8.46 -19.85
C PRO A 62 4.57 -8.85 -18.40
N GLU A 63 4.17 -7.99 -17.48
CA GLU A 63 4.27 -8.24 -16.06
C GLU A 63 2.91 -8.04 -15.40
N ASP A 64 2.78 -8.38 -14.13
CA ASP A 64 1.52 -8.11 -13.42
C ASP A 64 1.38 -6.61 -13.19
N GLY A 65 0.14 -6.12 -13.17
CA GLY A 65 -0.16 -4.73 -12.80
C GLY A 65 0.03 -4.48 -11.32
N PHE A 66 -0.69 -5.25 -10.48
CA PHE A 66 -0.62 -5.18 -9.01
C PHE A 66 0.47 -6.12 -8.44
N ALA A 67 1.12 -5.72 -7.35
CA ALA A 67 2.10 -6.60 -6.68
C ALA A 67 1.41 -7.63 -5.80
N ALA A 68 2.16 -8.69 -5.45
CA ALA A 68 1.60 -9.88 -4.75
C ALA A 68 1.74 -9.81 -3.23
N SER A 69 0.66 -10.01 -2.50
CA SER A 69 0.66 -9.92 -1.04
C SER A 69 1.41 -11.10 -0.36
N GLU A 70 1.65 -10.97 0.96
CA GLU A 70 2.29 -12.03 1.76
C GLU A 70 1.32 -13.24 1.84
N ASP A 71 0.03 -12.95 1.87
CA ASP A 71 -1.06 -13.93 1.85
C ASP A 71 -1.36 -14.57 0.43
N SER A 72 -0.38 -14.47 -0.51
CA SER A 72 -0.53 -14.97 -1.87
C SER A 72 0.27 -16.24 -2.15
N LEU A 73 0.03 -16.76 -3.34
CA LEU A 73 0.50 -18.04 -3.82
C LEU A 73 1.91 -18.03 -4.47
N LEU A 74 2.49 -16.84 -4.53
CA LEU A 74 3.67 -16.62 -5.34
C LEU A 74 4.79 -17.58 -5.01
N GLY A 75 5.01 -17.85 -3.74
CA GLY A 75 6.11 -18.71 -3.33
C GLY A 75 6.01 -20.11 -3.88
N ASP A 76 4.78 -20.59 -4.02
CA ASP A 76 4.50 -21.95 -4.47
C ASP A 76 4.72 -22.13 -5.99
N VAL A 77 4.26 -21.17 -6.78
CA VAL A 77 4.55 -21.23 -8.23
C VAL A 77 6.04 -21.05 -8.50
N GLU A 78 6.69 -20.25 -7.67
CA GLU A 78 8.15 -20.07 -7.76
C GLU A 78 8.90 -21.35 -7.44
N GLU A 79 8.38 -22.10 -6.47
CA GLU A 79 9.02 -23.38 -6.14
C GLU A 79 8.96 -24.42 -7.26
N TYR A 80 7.79 -24.54 -7.88
CA TYR A 80 7.60 -25.54 -8.98
C TYR A 80 8.35 -25.11 -10.20
N ALA A 81 8.41 -23.80 -10.41
CA ALA A 81 9.22 -23.30 -11.50
C ALA A 81 10.69 -23.64 -11.28
N ARG A 82 11.19 -23.51 -10.04
CA ARG A 82 12.57 -23.92 -9.71
C ARG A 82 12.79 -25.40 -9.94
N LEU A 83 11.82 -26.20 -9.56
CA LEU A 83 11.90 -27.61 -9.84
C LEU A 83 12.05 -27.89 -11.33
N PHE A 84 11.19 -27.33 -12.13
CA PHE A 84 11.20 -27.63 -13.57
C PHE A 84 12.45 -27.07 -14.22
N THR A 85 13.00 -25.97 -13.66
CA THR A 85 14.27 -25.41 -14.18
C THR A 85 15.40 -26.50 -14.23
N ARG A 86 15.29 -27.52 -13.39
CA ARG A 86 16.26 -28.65 -13.34
C ARG A 86 16.25 -29.49 -14.57
N PHE A 87 15.18 -29.38 -15.34
CA PHE A 87 15.03 -30.30 -16.49
C PHE A 87 15.11 -29.55 -17.85
N LEU A 88 15.50 -28.28 -17.80
CA LEU A 88 15.73 -27.49 -19.01
C LEU A 88 16.89 -28.05 -19.82
N ASP A 89 17.82 -28.74 -19.13
CA ASP A 89 18.86 -29.51 -19.83
C ASP A 89 18.98 -30.88 -19.19
N GLY A 90 19.56 -31.80 -19.94
CA GLY A 90 19.70 -33.16 -19.47
C GLY A 90 20.46 -34.01 -20.48
N PRO A 91 20.50 -35.30 -20.25
CA PRO A 91 21.27 -36.18 -21.09
C PRO A 91 20.61 -36.38 -22.45
N VAL A 92 21.47 -36.48 -23.48
CA VAL A 92 21.07 -36.64 -24.85
C VAL A 92 21.20 -38.10 -25.23
N ALA A 93 20.14 -38.63 -25.81
CA ALA A 93 20.10 -40.04 -26.18
C ALA A 93 20.93 -40.23 -27.46
N PRO A 94 21.36 -41.46 -27.69
CA PRO A 94 21.93 -41.76 -28.98
C PRO A 94 20.92 -41.51 -30.07
N LEU A 95 21.44 -41.08 -31.21
CA LEU A 95 20.65 -40.88 -32.40
C LEU A 95 20.33 -42.21 -33.06
N GLY A 96 19.05 -42.52 -33.17
CA GLY A 96 18.58 -43.68 -33.91
C GLY A 96 18.38 -43.26 -35.36
N ASP A 97 17.80 -44.16 -36.14
CA ASP A 97 17.61 -43.97 -37.58
C ASP A 97 16.17 -43.67 -37.99
N ALA A 98 15.34 -43.22 -37.06
CA ALA A 98 13.89 -43.11 -37.32
C ALA A 98 13.36 -41.70 -37.24
N ILE A 99 14.22 -40.69 -37.09
CA ILE A 99 13.79 -39.29 -36.97
C ILE A 99 13.65 -38.64 -38.34
N PRO A 100 12.47 -38.11 -38.67
CA PRO A 100 12.29 -37.45 -39.98
C PRO A 100 13.30 -36.36 -40.26
N ASP A 101 13.79 -36.33 -41.50
CA ASP A 101 14.81 -35.39 -41.93
C ASP A 101 14.25 -34.05 -42.28
N ASP A 102 13.04 -34.05 -42.82
CA ASP A 102 12.41 -32.82 -43.29
C ASP A 102 12.18 -31.77 -42.19
N PRO A 103 12.83 -30.60 -42.28
CA PRO A 103 12.62 -29.59 -41.24
C PRO A 103 11.21 -29.03 -41.17
N ALA A 104 10.46 -29.09 -42.27
CA ALA A 104 9.08 -28.61 -42.27
C ALA A 104 8.22 -29.51 -41.44
N ARG A 105 8.42 -30.79 -41.60
CA ARG A 105 7.69 -31.79 -40.81
C ARG A 105 8.09 -31.75 -39.35
N ARG A 106 9.40 -31.55 -39.11
CA ARG A 106 9.94 -31.42 -37.76
C ARG A 106 9.34 -30.25 -37.07
N ALA A 107 9.20 -29.14 -37.79
CA ALA A 107 8.59 -27.92 -37.25
C ALA A 107 7.14 -28.14 -36.87
N GLU A 108 6.42 -28.76 -37.78
CA GLU A 108 5.02 -29.08 -37.54
C GLU A 108 4.82 -29.94 -36.31
N ASN A 109 5.64 -30.97 -36.20
CA ASN A 109 5.55 -31.89 -35.06
C ASN A 109 5.85 -31.24 -33.69
N LEU A 110 6.79 -30.29 -33.70
CA LEU A 110 7.20 -29.64 -32.48
C LEU A 110 6.21 -28.56 -32.10
N LYS A 111 5.73 -27.81 -33.08
CA LYS A 111 4.61 -26.89 -32.81
C LYS A 111 3.39 -27.65 -32.28
N ALA A 112 3.07 -28.76 -32.88
CA ALA A 112 1.94 -29.54 -32.45
C ALA A 112 2.15 -30.03 -31.02
N SER A 113 3.38 -30.47 -30.71
CA SER A 113 3.78 -30.94 -29.36
C SER A 113 3.55 -29.84 -28.34
N ALA A 114 3.96 -28.64 -28.71
CA ALA A 114 3.83 -27.50 -27.79
C ALA A 114 2.34 -27.10 -27.59
N TYR A 115 1.55 -27.13 -28.65
CA TYR A 115 0.12 -26.82 -28.50
C TYR A 115 -0.56 -27.89 -27.65
N PHE A 116 -0.15 -29.13 -27.81
CA PHE A 116 -0.69 -30.28 -27.04
C PHE A 116 -0.48 -30.04 -25.55
N LEU A 117 0.62 -29.38 -25.19
CA LEU A 117 0.94 -29.05 -23.81
C LEU A 117 0.41 -27.68 -23.39
N ASP A 118 -0.49 -27.13 -24.20
CA ASP A 118 -1.18 -25.90 -23.93
C ASP A 118 -0.34 -24.62 -24.00
N ALA A 119 0.66 -24.59 -24.89
CA ALA A 119 1.23 -23.30 -25.36
C ALA A 119 0.04 -22.54 -26.03
N SER A 120 -0.02 -21.21 -25.83
CA SER A 120 -1.11 -20.37 -26.42
C SER A 120 -0.82 -20.10 -27.88
N MET A 121 0.47 -19.91 -28.15
CA MET A 121 0.99 -19.45 -29.43
C MET A 121 2.42 -19.99 -29.56
N VAL A 122 2.75 -20.47 -30.76
CA VAL A 122 4.03 -21.07 -31.02
C VAL A 122 4.62 -20.59 -32.36
N GLY A 123 5.94 -20.41 -32.36
CA GLY A 123 6.68 -19.97 -33.52
C GLY A 123 8.09 -20.54 -33.46
N ILE A 124 8.81 -20.43 -34.59
CA ILE A 124 10.16 -20.96 -34.74
C ILE A 124 11.02 -19.94 -35.48
N CYS A 125 12.22 -19.72 -34.97
CA CYS A 125 13.20 -18.88 -35.64
C CYS A 125 14.62 -19.49 -35.64
N ARG A 126 15.42 -19.05 -36.62
CA ARG A 126 16.85 -19.33 -36.70
C ARG A 126 17.56 -18.52 -35.56
N LEU A 127 18.58 -19.13 -34.95
CA LEU A 127 19.45 -18.43 -34.00
C LEU A 127 20.65 -17.87 -34.75
N ASP A 128 21.05 -16.65 -34.40
CA ASP A 128 22.21 -16.02 -35.05
C ASP A 128 23.37 -16.05 -34.05
N PRO A 129 24.55 -15.51 -34.43
CA PRO A 129 25.68 -15.64 -33.51
C PRO A 129 25.61 -14.80 -32.23
N ASP A 130 24.83 -13.71 -32.21
CA ASP A 130 24.62 -12.96 -30.94
C ASP A 130 23.99 -13.83 -29.84
N ASP A 131 23.20 -14.81 -30.29
CA ASP A 131 22.42 -15.72 -29.42
C ASP A 131 23.32 -16.81 -28.80
N ARG A 132 24.12 -17.44 -29.66
CA ARG A 132 25.20 -18.37 -29.26
C ARG A 132 26.40 -17.69 -28.57
N ALA A 133 26.66 -16.42 -28.89
CA ALA A 133 27.68 -15.63 -28.21
C ALA A 133 27.55 -15.74 -26.67
N GLY A 134 26.33 -15.82 -26.14
CA GLY A 134 26.11 -15.96 -24.68
C GLY A 134 26.40 -17.36 -24.16
N ASP A 135 25.84 -17.70 -23.01
CA ASP A 135 26.02 -19.04 -22.40
C ASP A 135 25.46 -20.20 -23.24
N CYS A 136 24.71 -19.86 -24.28
CA CYS A 136 24.00 -20.86 -25.05
C CYS A 136 24.99 -21.75 -25.81
N ASP A 137 24.70 -23.06 -25.79
CA ASP A 137 25.42 -24.06 -26.59
C ASP A 137 25.55 -23.49 -27.99
N PRO A 138 26.80 -23.42 -28.52
CA PRO A 138 27.05 -22.92 -29.89
C PRO A 138 26.70 -23.91 -31.02
N SER A 139 26.27 -25.11 -30.67
CA SER A 139 25.76 -26.05 -31.65
C SER A 139 24.30 -25.76 -32.04
N HIS A 140 23.69 -24.84 -31.31
CA HIS A 140 22.27 -24.55 -31.45
C HIS A 140 22.00 -23.55 -32.58
N THR A 141 21.17 -24.00 -33.53
CA THR A 141 20.85 -23.22 -34.73
C THR A 141 19.45 -22.63 -34.76
N HIS A 142 18.51 -23.29 -34.09
CA HIS A 142 17.11 -22.91 -34.11
C HIS A 142 16.48 -22.82 -32.75
N ALA A 143 15.47 -21.95 -32.67
CA ALA A 143 14.67 -21.79 -31.47
C ALA A 143 13.18 -22.07 -31.72
N LEU A 144 12.62 -22.89 -30.85
CA LEU A 144 11.18 -23.01 -30.76
C LEU A 144 10.70 -22.03 -29.70
N VAL A 145 9.93 -21.02 -30.13
CA VAL A 145 9.46 -20.01 -29.24
C VAL A 145 7.98 -20.22 -29.02
N PHE A 146 7.55 -20.16 -27.75
CA PHE A 146 6.13 -20.29 -27.42
C PHE A 146 5.73 -19.30 -26.34
N ALA A 147 4.48 -18.87 -26.40
CA ALA A 147 3.90 -17.98 -25.38
C ALA A 147 2.79 -18.71 -24.68
N VAL A 148 2.66 -18.44 -23.38
CA VAL A 148 1.52 -18.92 -22.56
C VAL A 148 0.79 -17.65 -22.05
N GLN A 149 -0.52 -17.56 -22.31
CA GLN A 149 -1.27 -16.41 -21.87
C GLN A 149 -1.46 -16.38 -20.36
N PHE A 150 -1.49 -15.19 -19.78
CA PHE A 150 -1.79 -15.00 -18.36
C PHE A 150 -3.11 -15.64 -18.04
N GLY A 151 -3.21 -16.20 -16.85
CA GLY A 151 -4.47 -16.78 -16.35
C GLY A 151 -5.54 -15.74 -16.06
N ARG A 152 -6.80 -16.14 -16.03
CA ARG A 152 -7.86 -15.23 -15.58
C ARG A 152 -7.74 -15.13 -14.09
N GLU A 153 -7.98 -13.94 -13.56
CA GLU A 153 -7.93 -13.71 -12.10
C GLU A 153 -9.33 -13.36 -11.58
N PRO A 154 -9.61 -13.63 -10.28
CA PRO A 154 -10.89 -13.19 -9.74
C PRO A 154 -11.00 -11.69 -9.69
N GLU A 155 -12.18 -11.17 -9.98
CA GLU A 155 -12.42 -9.76 -9.91
C GLU A 155 -12.26 -9.38 -8.44
N ALA A 156 -12.05 -8.09 -8.21
CA ALA A 156 -11.86 -7.56 -6.84
C ALA A 156 -13.04 -7.89 -5.95
N GLY A 157 -12.75 -8.31 -4.73
CA GLY A 157 -13.79 -8.74 -3.80
C GLY A 157 -14.37 -10.13 -4.02
N GLU A 158 -13.99 -10.81 -5.10
CA GLU A 158 -14.31 -12.23 -5.28
C GLU A 158 -13.39 -13.03 -4.38
N ALA A 159 -13.90 -14.14 -3.89
CA ALA A 159 -13.12 -15.04 -3.07
C ALA A 159 -11.81 -15.45 -3.77
N GLY A 160 -10.71 -15.39 -3.02
CA GLY A 160 -9.40 -15.82 -3.55
C GLY A 160 -8.62 -14.82 -4.42
N ALA A 161 -9.15 -13.60 -4.62
CA ALA A 161 -8.42 -12.57 -5.37
C ALA A 161 -7.05 -12.23 -4.77
N GLU A 162 -7.02 -12.13 -3.45
CA GLU A 162 -5.78 -11.79 -2.78
C GLU A 162 -4.74 -12.91 -2.81
N TRP A 163 -5.19 -14.17 -2.97
CA TRP A 163 -4.29 -15.33 -3.20
C TRP A 163 -3.57 -15.26 -4.52
N ILE A 164 -4.23 -14.65 -5.49
CA ILE A 164 -3.89 -14.72 -6.91
C ILE A 164 -3.31 -13.42 -7.46
N ARG A 165 -3.80 -12.26 -7.01
CA ARG A 165 -3.34 -10.96 -7.54
C ARG A 165 -1.85 -10.84 -7.55
N GLY A 166 -1.29 -10.50 -8.68
CA GLY A 166 0.13 -10.23 -8.76
C GLY A 166 1.03 -11.46 -8.84
N THR A 167 0.43 -12.63 -9.08
CA THR A 167 1.17 -13.89 -9.23
C THR A 167 1.22 -14.40 -10.66
N ASN A 168 0.63 -13.66 -11.60
CA ASN A 168 0.40 -14.18 -12.93
C ASN A 168 1.68 -14.38 -13.78
N ALA A 169 2.63 -13.48 -13.65
CA ALA A 169 3.86 -13.62 -14.41
C ALA A 169 4.57 -14.87 -13.92
N ALA A 170 4.52 -15.08 -12.60
CA ALA A 170 5.25 -16.20 -12.00
C ALA A 170 4.51 -17.53 -12.24
N ARG A 171 3.19 -17.49 -12.06
CA ARG A 171 2.33 -18.63 -12.41
C ARG A 171 2.49 -19.01 -13.88
N THR A 172 2.59 -18.02 -14.76
CA THR A 172 2.68 -18.27 -16.23
C THR A 172 4.09 -18.74 -16.56
N ASP A 173 5.06 -18.18 -15.84
CA ASP A 173 6.47 -18.59 -16.01
C ASP A 173 6.64 -20.07 -15.64
N MET A 174 5.95 -20.49 -14.58
CA MET A 174 6.02 -21.91 -14.16
C MET A 174 5.57 -22.84 -15.29
N ARG A 175 4.45 -22.47 -15.90
CA ARG A 175 3.91 -23.20 -17.06
C ARG A 175 4.90 -23.20 -18.24
N CYS A 176 5.55 -22.08 -18.48
CA CYS A 176 6.58 -22.01 -19.52
C CYS A 176 7.78 -22.91 -19.26
N ALA A 177 8.29 -22.86 -18.03
CA ALA A 177 9.35 -23.73 -17.60
C ALA A 177 8.98 -25.19 -17.79
N GLU A 178 7.79 -25.52 -17.37
CA GLU A 178 7.24 -26.88 -17.52
C GLU A 178 7.26 -27.32 -18.96
N ILE A 179 6.71 -26.51 -19.85
CA ILE A 179 6.63 -26.83 -21.28
C ILE A 179 8.01 -26.91 -21.94
N ALA A 180 8.88 -25.97 -21.60
CA ALA A 180 10.24 -25.92 -22.17
C ALA A 180 11.08 -27.09 -21.73
N ALA A 181 10.83 -27.51 -20.48
CA ALA A 181 11.55 -28.68 -19.89
C ALA A 181 11.14 -29.95 -20.59
N ILE A 182 9.83 -30.07 -20.85
CA ILE A 182 9.30 -31.26 -21.53
C ILE A 182 9.72 -31.32 -22.98
N LEU A 183 9.62 -30.18 -23.65
CA LEU A 183 9.89 -30.17 -25.08
C LEU A 183 11.39 -30.36 -25.35
N SER A 184 12.21 -29.67 -24.57
CA SER A 184 13.67 -29.83 -24.71
C SER A 184 14.04 -31.29 -24.42
N GLY A 185 13.37 -31.88 -23.46
CA GLY A 185 13.62 -33.29 -23.08
C GLY A 185 13.22 -34.27 -24.15
N TYR A 186 12.09 -33.99 -24.77
CA TYR A 186 11.60 -34.77 -25.92
C TYR A 186 12.62 -34.80 -27.09
N VAL A 187 13.21 -33.63 -27.39
CA VAL A 187 14.16 -33.53 -28.52
C VAL A 187 15.50 -34.19 -28.16
N ARG A 188 15.94 -34.02 -26.90
CA ARG A 188 17.10 -34.76 -26.35
C ARG A 188 16.92 -36.26 -26.45
N TRP A 189 15.73 -36.75 -26.11
CA TRP A 189 15.37 -38.19 -26.31
C TRP A 189 15.32 -38.66 -27.76
N MET A 190 15.13 -37.74 -28.72
CA MET A 190 15.25 -38.05 -30.16
C MET A 190 16.70 -38.04 -30.63
N GLY A 191 17.61 -37.62 -29.75
CA GLY A 191 19.07 -37.70 -29.96
C GLY A 191 19.71 -36.40 -30.33
N PHE A 192 19.02 -35.28 -30.06
CA PHE A 192 19.51 -33.94 -30.43
C PHE A 192 19.68 -33.12 -29.20
N PRO A 193 20.83 -32.44 -29.06
CA PRO A 193 20.97 -31.55 -27.91
C PRO A 193 19.95 -30.44 -27.98
N ALA A 194 19.48 -30.04 -26.80
CA ALA A 194 18.41 -29.07 -26.66
C ALA A 194 18.35 -28.54 -25.25
N ARG A 195 18.03 -27.27 -25.14
CA ARG A 195 17.99 -26.60 -23.87
C ARG A 195 16.68 -25.78 -23.83
N GLY A 196 15.96 -25.92 -22.74
CA GLY A 196 14.80 -25.09 -22.51
C GLY A 196 15.19 -23.78 -21.82
N HIS A 197 14.44 -22.72 -22.08
CA HIS A 197 14.69 -21.44 -21.47
C HIS A 197 13.39 -20.76 -21.05
N PHE A 198 13.44 -20.02 -19.97
CA PHE A 198 12.35 -19.16 -19.57
C PHE A 198 12.88 -18.03 -18.66
N SER A 199 12.00 -17.13 -18.25
CA SER A 199 12.48 -15.97 -17.51
C SER A 199 13.40 -16.32 -16.34
N GLY A 200 13.06 -17.35 -15.60
CA GLY A 200 13.86 -17.78 -14.46
C GLY A 200 15.21 -18.37 -14.81
N ASP A 201 15.40 -18.80 -16.04
CA ASP A 201 16.63 -19.46 -16.45
C ASP A 201 16.65 -19.55 -17.94
N ALA A 202 17.36 -18.62 -18.53
CA ALA A 202 17.48 -18.49 -19.98
C ALA A 202 18.88 -18.04 -20.31
N GLN A 203 19.40 -18.54 -21.41
CA GLN A 203 20.71 -18.19 -21.94
C GLN A 203 20.62 -17.35 -23.21
N VAL A 204 19.39 -17.11 -23.68
CA VAL A 204 19.10 -16.32 -24.88
C VAL A 204 18.08 -15.25 -24.56
N ASP A 205 17.93 -14.32 -25.51
CA ASP A 205 17.03 -13.19 -25.32
C ASP A 205 15.61 -13.56 -25.74
N LEU A 206 14.79 -13.80 -24.73
CA LEU A 206 13.47 -14.40 -24.95
C LEU A 206 12.58 -13.49 -25.80
N ALA A 207 12.46 -12.22 -25.42
CA ALA A 207 11.72 -11.20 -26.17
C ALA A 207 12.18 -11.05 -27.62
N ARG A 208 13.50 -11.01 -27.83
CA ARG A 208 14.04 -10.88 -29.17
C ARG A 208 13.64 -12.02 -30.05
N LEU A 209 13.61 -13.20 -29.49
CA LEU A 209 13.26 -14.37 -30.28
C LEU A 209 11.76 -14.44 -30.50
N ALA A 210 10.98 -13.90 -29.56
CA ALA A 210 9.50 -13.88 -29.70
C ALA A 210 9.10 -13.05 -30.89
N VAL A 211 9.90 -12.02 -31.15
CA VAL A 211 9.60 -11.11 -32.24
C VAL A 211 10.04 -11.73 -33.57
N ARG A 212 11.27 -12.18 -33.62
CA ARG A 212 11.81 -12.88 -34.80
C ARG A 212 10.94 -14.05 -35.25
N ALA A 213 10.43 -14.81 -34.27
CA ALA A 213 9.67 -16.06 -34.50
C ALA A 213 8.21 -15.77 -34.84
N GLY A 214 7.79 -14.52 -34.63
CA GLY A 214 6.55 -13.98 -35.18
C GLY A 214 5.39 -14.08 -34.22
N LEU A 215 5.69 -14.14 -32.91
CA LEU A 215 4.64 -14.17 -31.84
C LEU A 215 4.22 -12.80 -31.30
N ALA A 216 5.11 -11.82 -31.41
CA ALA A 216 4.89 -10.53 -30.77
C ALA A 216 5.54 -9.41 -31.51
N ARG A 217 5.08 -8.21 -31.15
CA ARG A 217 5.65 -6.94 -31.59
C ARG A 217 5.87 -6.12 -30.34
N VAL A 218 6.55 -5.01 -30.48
CA VAL A 218 6.92 -4.17 -29.33
C VAL A 218 6.04 -2.93 -29.29
N VAL A 219 5.57 -2.56 -28.11
CA VAL A 219 4.87 -1.30 -27.94
C VAL A 219 5.31 -0.62 -26.67
N ASP A 220 5.92 0.55 -26.83
CA ASP A 220 6.45 1.34 -25.70
C ASP A 220 7.35 0.41 -24.87
N GLY A 221 8.21 -0.34 -25.56
CA GLY A 221 9.20 -1.18 -24.86
C GLY A 221 8.72 -2.48 -24.19
N VAL A 222 7.46 -2.82 -24.40
CA VAL A 222 6.91 -4.09 -23.91
C VAL A 222 6.26 -4.88 -25.08
N LEU A 223 6.41 -6.20 -25.03
CA LEU A 223 5.85 -7.10 -26.05
C LEU A 223 4.34 -7.18 -26.01
N VAL A 224 3.76 -7.16 -27.19
CA VAL A 224 2.30 -7.22 -27.37
C VAL A 224 2.06 -8.33 -28.39
N ALA A 225 1.23 -9.32 -28.01
CA ALA A 225 0.96 -10.47 -28.86
C ALA A 225 -0.45 -10.46 -29.37
N PRO A 226 -0.65 -10.71 -30.69
CA PRO A 226 -2.02 -10.69 -31.19
C PRO A 226 -2.77 -11.79 -30.48
N PHE A 227 -4.04 -11.51 -30.16
CA PHE A 227 -4.95 -12.45 -29.52
C PHE A 227 -4.76 -12.59 -28.02
N LEU A 228 -3.57 -12.36 -27.47
CA LEU A 228 -3.34 -12.67 -26.06
C LEU A 228 -3.44 -11.42 -25.24
N ARG A 229 -4.65 -10.92 -25.14
CA ARG A 229 -4.88 -9.59 -24.58
C ARG A 229 -4.72 -9.54 -23.09
N ARG A 230 -4.61 -10.69 -22.43
CA ARG A 230 -4.37 -10.72 -20.96
C ARG A 230 -2.92 -10.62 -20.53
N GLY A 231 -2.01 -10.56 -21.48
CA GLY A 231 -0.62 -10.62 -21.16
C GLY A 231 -0.20 -12.05 -21.33
N PHE A 232 1.09 -12.25 -21.31
CA PHE A 232 1.66 -13.57 -21.49
C PHE A 232 3.13 -13.61 -21.05
N ARG A 233 3.66 -14.82 -21.05
CA ARG A 233 5.06 -15.08 -20.74
C ARG A 233 5.57 -16.06 -21.76
N LEU A 234 6.89 -16.11 -21.90
CA LEU A 234 7.58 -16.92 -22.93
C LEU A 234 8.35 -18.13 -22.38
N GLY A 235 8.42 -19.12 -23.24
CA GLY A 235 9.43 -20.17 -23.15
C GLY A 235 10.09 -20.36 -24.51
N VAL A 236 11.30 -20.89 -24.46
CA VAL A 236 12.10 -21.20 -25.68
C VAL A 236 12.79 -22.55 -25.53
N VAL A 237 12.88 -23.27 -26.62
CA VAL A 237 13.77 -24.43 -26.69
C VAL A 237 14.71 -24.14 -27.85
N THR A 238 16.00 -24.02 -27.54
CA THR A 238 17.04 -23.87 -28.52
C THR A 238 17.61 -25.24 -28.74
N THR A 239 18.07 -25.47 -29.96
CA THR A 239 18.50 -26.80 -30.36
C THR A 239 19.24 -26.75 -31.69
N GLY A 240 20.02 -27.79 -31.93
CA GLY A 240 20.63 -28.06 -33.21
C GLY A 240 19.74 -28.85 -34.15
N TYR A 241 18.65 -29.43 -33.62
CA TYR A 241 17.60 -30.10 -34.46
C TYR A 241 17.02 -29.06 -35.44
N ALA A 242 17.36 -29.22 -36.71
CA ALA A 242 16.99 -28.22 -37.72
C ALA A 242 15.47 -28.18 -37.94
N LEU A 243 14.94 -26.96 -37.98
CA LEU A 243 13.50 -26.70 -38.09
C LEU A 243 13.22 -25.64 -39.14
N ALA A 244 12.11 -25.80 -39.86
CA ALA A 244 11.61 -24.72 -40.73
C ALA A 244 11.19 -23.54 -39.88
N ALA A 245 11.70 -22.36 -40.22
CA ALA A 245 11.39 -21.15 -39.49
C ALA A 245 10.11 -20.42 -39.99
N ASP A 246 9.58 -19.58 -39.09
CA ASP A 246 8.42 -18.72 -39.32
C ASP A 246 8.86 -17.31 -39.63
N ARG A 247 7.88 -16.43 -39.92
CA ARG A 247 8.20 -15.07 -40.29
C ARG A 247 7.64 -14.12 -39.26
N PRO A 248 8.35 -13.02 -39.03
CA PRO A 248 7.80 -12.06 -38.09
C PRO A 248 6.50 -11.35 -38.55
N LEU A 249 5.81 -10.77 -37.57
CA LEU A 249 4.61 -10.03 -37.79
C LEU A 249 5.01 -8.73 -38.42
N ALA A 250 4.18 -8.26 -39.34
CA ALA A 250 4.35 -6.96 -39.93
C ALA A 250 4.51 -5.97 -38.78
N PRO A 251 5.56 -5.16 -38.80
CA PRO A 251 5.89 -4.45 -37.58
C PRO A 251 4.99 -3.32 -37.22
N GLU A 252 4.20 -2.84 -38.16
CA GLU A 252 3.31 -1.74 -37.80
C GLU A 252 1.95 -1.88 -38.48
N GLY A 253 1.00 -1.19 -37.87
CA GLY A 253 -0.38 -1.24 -38.32
C GLY A 253 -1.11 -2.53 -37.94
N ASP A 254 -2.29 -2.70 -38.56
CA ASP A 254 -3.25 -3.76 -38.22
C ASP A 254 -2.86 -5.11 -38.83
N LEU A 255 -2.87 -6.14 -38.00
CA LEU A 255 -2.39 -7.45 -38.40
C LEU A 255 -3.43 -8.34 -39.02
N GLY A 256 -4.70 -7.98 -38.88
CA GLY A 256 -5.83 -8.76 -39.45
C GLY A 256 -6.58 -9.60 -38.40
N GLU A 257 -6.41 -9.25 -37.13
CA GLU A 257 -6.95 -10.04 -36.02
C GLU A 257 -8.46 -10.01 -36.00
N THR A 258 -9.06 -8.99 -36.59
CA THR A 258 -10.51 -8.86 -36.55
C THR A 258 -11.13 -9.08 -37.92
N ALA A 259 -10.35 -9.59 -38.89
CA ALA A 259 -10.89 -9.90 -40.21
C ALA A 259 -12.10 -10.77 -39.96
N PRO A 260 -13.12 -10.68 -40.82
CA PRO A 260 -14.32 -11.50 -40.64
C PRO A 260 -14.06 -13.01 -40.45
N GLU A 261 -13.12 -13.57 -41.21
CA GLU A 261 -12.76 -15.02 -41.13
C GLU A 261 -12.12 -15.40 -39.81
N VAL A 262 -11.39 -14.44 -39.23
CA VAL A 262 -10.74 -14.68 -37.95
C VAL A 262 -11.80 -14.53 -36.84
N MET A 263 -12.61 -13.46 -36.96
CA MET A 263 -13.62 -13.16 -35.97
C MET A 263 -14.60 -14.33 -35.80
N LEU A 264 -15.09 -14.87 -36.90
CA LEU A 264 -16.02 -16.01 -36.85
C LEU A 264 -15.33 -17.35 -36.66
N GLY A 265 -14.02 -17.36 -36.85
CA GLY A 265 -13.21 -18.58 -36.74
C GLY A 265 -13.64 -19.64 -37.73
N ILE A 266 -13.64 -19.28 -39.01
CA ILE A 266 -14.19 -20.16 -40.05
C ILE A 266 -13.42 -21.43 -40.24
N ASP A 267 -12.14 -21.42 -39.89
CA ASP A 267 -11.30 -22.63 -40.06
C ASP A 267 -11.28 -23.56 -38.82
N GLY A 268 -12.18 -23.35 -37.88
CA GLY A 268 -12.20 -24.10 -36.62
C GLY A 268 -11.45 -23.43 -35.47
N THR A 269 -11.16 -22.14 -35.61
CA THR A 269 -10.32 -21.43 -34.67
C THR A 269 -11.17 -20.70 -33.66
N ARG A 270 -10.52 -20.27 -32.61
CA ARG A 270 -11.18 -19.56 -31.53
C ARG A 270 -11.92 -18.25 -31.99
N PRO A 271 -13.25 -18.17 -31.77
CA PRO A 271 -13.98 -17.00 -32.17
C PRO A 271 -13.48 -15.74 -31.49
N GLY A 272 -13.63 -14.63 -32.19
CA GLY A 272 -13.12 -13.36 -31.71
C GLY A 272 -13.85 -12.87 -30.48
N TRP A 273 -15.06 -13.35 -30.28
CA TRP A 273 -15.88 -12.92 -29.13
C TRP A 273 -15.72 -13.85 -27.91
N GLU A 274 -15.07 -15.00 -28.11
CA GLU A 274 -15.01 -15.98 -27.06
C GLU A 274 -14.37 -15.45 -25.76
N ASP A 275 -13.23 -14.79 -25.85
CA ASP A 275 -12.60 -14.25 -24.65
C ASP A 275 -13.56 -13.38 -23.88
N ALA A 276 -14.10 -12.38 -24.56
CA ALA A 276 -15.01 -11.43 -23.94
C ALA A 276 -16.24 -12.11 -23.28
N GLU A 277 -16.82 -13.06 -23.98
CA GLU A 277 -17.98 -13.76 -23.46
C GLU A 277 -17.61 -14.53 -22.19
N GLU A 278 -16.48 -15.23 -22.25
CA GLU A 278 -16.01 -16.02 -21.12
C GLU A 278 -15.68 -15.18 -19.88
N GLU A 279 -15.04 -14.02 -20.05
CA GLU A 279 -14.76 -13.08 -18.94
C GLU A 279 -16.06 -12.59 -18.28
N LYS A 280 -17.21 -12.76 -18.94
CA LYS A 280 -18.51 -12.37 -18.38
C LYS A 280 -18.89 -13.32 -17.22
N ARG A 281 -18.38 -14.54 -17.19
CA ARG A 281 -18.72 -15.44 -16.08
C ARG A 281 -17.63 -15.52 -15.02
N PRO A 282 -18.02 -15.55 -13.77
CA PRO A 282 -17.05 -15.57 -12.69
C PRO A 282 -16.06 -16.72 -12.79
N LEU A 283 -14.81 -16.46 -12.38
CA LEU A 283 -13.75 -17.45 -12.56
C LEU A 283 -14.08 -18.76 -11.83
N HIS A 284 -14.65 -18.61 -10.63
CA HIS A 284 -14.94 -19.76 -9.80
C HIS A 284 -15.96 -20.74 -10.33
N MET A 285 -16.62 -20.40 -11.43
CA MET A 285 -17.66 -21.25 -12.02
C MET A 285 -17.19 -22.17 -13.17
N GLY A 286 -15.96 -21.93 -13.62
CA GLY A 286 -15.34 -22.70 -14.64
C GLY A 286 -15.86 -22.32 -16.01
N ARG A 287 -15.24 -22.87 -17.04
CA ARG A 287 -15.56 -22.53 -18.41
C ARG A 287 -16.81 -23.24 -18.87
N TYR A 288 -17.00 -24.45 -18.39
CA TYR A 288 -18.16 -25.26 -18.79
C TYR A 288 -19.31 -25.02 -17.84
N PRO A 289 -20.53 -24.97 -18.40
CA PRO A 289 -21.65 -24.57 -17.56
C PRO A 289 -22.18 -25.68 -16.64
N MET A 290 -21.37 -26.10 -15.66
CA MET A 290 -21.77 -27.20 -14.75
C MET A 290 -22.93 -26.82 -13.82
N GLU A 291 -23.16 -25.52 -13.61
CA GLU A 291 -24.34 -25.03 -12.88
C GLU A 291 -25.69 -25.37 -13.57
N THR A 292 -25.68 -25.72 -14.83
CA THR A 292 -26.89 -26.13 -15.51
C THR A 292 -27.20 -27.58 -15.33
N ILE A 293 -26.32 -28.34 -14.69
CA ILE A 293 -26.49 -29.82 -14.57
C ILE A 293 -27.28 -30.07 -13.30
N ARG A 294 -28.25 -30.96 -13.37
CA ARG A 294 -29.01 -31.35 -12.20
C ARG A 294 -28.16 -31.99 -11.10
N ARG A 295 -28.26 -31.43 -9.90
CA ARG A 295 -27.64 -31.97 -8.72
C ARG A 295 -28.63 -32.83 -7.97
N VAL A 296 -28.12 -33.82 -7.30
CA VAL A 296 -28.96 -34.75 -6.57
C VAL A 296 -28.24 -35.00 -5.25
N ASP A 297 -28.98 -35.47 -4.25
CA ASP A 297 -28.42 -35.63 -2.92
C ASP A 297 -27.61 -36.93 -2.84
N GLU A 298 -28.23 -38.04 -3.20
CA GLU A 298 -27.57 -39.32 -3.31
C GLU A 298 -27.17 -39.46 -4.81
N PRO A 299 -26.01 -40.13 -5.11
CA PRO A 299 -25.66 -40.30 -6.51
C PRO A 299 -26.60 -41.19 -7.28
N THR A 300 -26.44 -41.18 -8.60
CA THR A 300 -27.34 -41.91 -9.49
C THR A 300 -27.16 -43.40 -9.47
N THR A 301 -26.11 -43.88 -8.85
CA THR A 301 -25.92 -45.32 -8.64
C THR A 301 -25.81 -45.59 -7.13
N LEU A 302 -26.22 -46.77 -6.70
CA LEU A 302 -26.14 -47.16 -5.29
C LEU A 302 -24.71 -47.09 -4.68
N VAL A 303 -24.64 -46.51 -3.49
CA VAL A 303 -23.43 -46.49 -2.68
C VAL A 303 -23.83 -46.91 -1.27
N VAL A 304 -23.32 -48.06 -0.84
CA VAL A 304 -23.65 -48.57 0.49
C VAL A 304 -22.43 -48.52 1.37
N ARG A 305 -22.22 -47.36 1.99
CA ARG A 305 -21.00 -47.06 2.71
C ARG A 305 -20.63 -48.12 3.77
N GLN A 306 -21.63 -48.62 4.52
CA GLN A 306 -21.35 -49.57 5.58
C GLN A 306 -20.81 -50.88 5.04
N GLU A 307 -20.89 -51.08 3.74
CA GLU A 307 -20.48 -52.31 3.07
C GLU A 307 -19.28 -52.12 2.17
N ILE A 308 -18.73 -50.91 2.18
CA ILE A 308 -17.54 -50.62 1.38
C ILE A 308 -16.30 -50.90 2.24
N GLN A 309 -15.63 -51.98 1.89
CA GLN A 309 -14.34 -52.27 2.51
C GLN A 309 -13.22 -51.48 1.84
N ARG A 310 -12.20 -51.25 2.64
CA ARG A 310 -11.06 -50.51 2.22
C ARG A 310 -10.07 -51.52 1.64
N VAL A 311 -9.27 -51.03 0.69
CA VAL A 311 -8.47 -51.84 -0.18
C VAL A 311 -6.98 -51.52 0.07
N ALA A 312 -6.19 -52.58 0.14
CA ALA A 312 -4.75 -52.43 0.17
C ALA A 312 -4.33 -51.68 -1.09
N LYS A 313 -3.40 -50.75 -0.97
CA LYS A 313 -2.83 -50.10 -2.12
C LYS A 313 -2.09 -51.10 -3.03
N ARG A 314 -1.67 -52.21 -2.42
CA ARG A 314 -1.06 -53.36 -3.11
C ARG A 314 -2.04 -54.11 -4.05
N GLY A 315 -3.34 -53.83 -3.92
CA GLY A 315 -4.36 -54.38 -4.84
C GLY A 315 -4.65 -53.53 -6.09
N ASP A 316 -4.16 -52.29 -6.12
CA ASP A 316 -4.09 -51.50 -7.37
C ASP A 316 -3.43 -52.44 -8.39
N PHE A 317 -4.08 -52.71 -9.53
CA PHE A 317 -3.54 -53.73 -10.45
C PHE A 317 -2.20 -53.39 -11.15
N PHE A 318 -1.82 -52.12 -11.20
CA PHE A 318 -0.46 -51.78 -11.59
C PHE A 318 0.56 -52.26 -10.53
N LYS A 319 0.20 -52.17 -9.26
CA LYS A 319 1.04 -52.72 -8.20
C LYS A 319 1.05 -54.25 -8.25
N ARG A 320 -0.10 -54.84 -8.53
CA ARG A 320 -0.18 -56.29 -8.72
C ARG A 320 0.70 -56.75 -9.87
N ALA A 321 0.64 -56.04 -11.02
CA ALA A 321 1.56 -56.30 -12.14
C ALA A 321 3.02 -56.23 -11.73
N GLU A 322 3.37 -55.17 -10.99
CA GLU A 322 4.73 -54.86 -10.53
C GLU A 322 5.32 -55.96 -9.63
N ALA A 323 4.44 -56.61 -8.88
CA ALA A 323 4.82 -57.59 -7.87
C ALA A 323 4.88 -59.00 -8.42
N GLY A 324 4.40 -59.22 -9.65
CA GLY A 324 4.47 -60.58 -10.27
C GLY A 324 3.14 -61.30 -10.30
N ASP A 325 2.09 -60.68 -9.73
CA ASP A 325 0.73 -61.29 -9.70
C ASP A 325 0.12 -61.61 -11.06
N LEU A 326 0.57 -60.90 -12.12
CA LEU A 326 0.02 -61.07 -13.47
C LEU A 326 1.02 -61.70 -14.42
N GLY A 327 2.14 -62.18 -13.89
CA GLY A 327 3.07 -62.93 -14.68
C GLY A 327 4.29 -62.14 -15.02
N GLU A 328 5.27 -62.79 -15.67
CA GLU A 328 6.62 -62.22 -15.91
C GLU A 328 6.57 -61.04 -16.85
N LYS A 329 5.91 -61.21 -18.00
CA LYS A 329 5.88 -60.18 -19.03
C LYS A 329 5.30 -58.85 -18.51
N ALA A 330 4.17 -58.92 -17.78
CA ALA A 330 3.55 -57.75 -17.16
C ALA A 330 4.47 -57.15 -16.12
N LYS A 331 5.09 -58.02 -15.32
CA LYS A 331 6.09 -57.57 -14.33
C LYS A 331 7.24 -56.79 -14.97
N GLN A 332 7.80 -57.36 -16.02
CA GLN A 332 8.89 -56.72 -16.79
C GLN A 332 8.53 -55.37 -17.38
N GLU A 333 7.38 -55.32 -18.04
CA GLU A 333 6.93 -54.12 -18.78
C GLU A 333 6.31 -53.01 -17.93
N LYS A 334 6.05 -53.29 -16.66
CA LYS A 334 5.27 -52.41 -15.81
C LYS A 334 5.79 -51.00 -15.68
N LYS A 335 7.10 -50.85 -15.55
CA LYS A 335 7.73 -49.52 -15.50
C LYS A 335 7.87 -48.85 -16.86
N ARG A 336 8.04 -49.67 -17.87
CA ARG A 336 8.36 -49.19 -19.22
C ARG A 336 7.17 -48.76 -20.08
N PHE A 337 6.02 -49.39 -19.90
CA PHE A 337 4.98 -49.29 -20.91
C PHE A 337 4.50 -47.90 -21.25
N PRO A 338 4.40 -46.98 -20.25
CA PRO A 338 3.93 -45.62 -20.60
C PRO A 338 5.02 -44.66 -21.05
N MET A 339 6.27 -45.13 -20.98
CA MET A 339 7.48 -44.33 -21.30
C MET A 339 8.22 -44.79 -22.55
N LYS A 340 7.50 -45.42 -23.46
CA LYS A 340 8.08 -45.87 -24.72
C LYS A 340 8.30 -44.74 -25.72
N HIS A 341 7.58 -43.63 -25.59
CA HIS A 341 7.64 -42.55 -26.58
C HIS A 341 8.48 -41.40 -25.97
N PRO A 342 9.42 -40.80 -26.76
CA PRO A 342 10.23 -39.69 -26.27
C PRO A 342 9.49 -38.55 -25.59
N LEU A 343 8.27 -38.26 -26.02
CA LEU A 343 7.52 -37.15 -25.44
C LEU A 343 7.20 -37.44 -23.98
N ALA A 344 6.66 -38.63 -23.75
CA ALA A 344 6.34 -39.10 -22.40
C ALA A 344 7.59 -39.14 -21.56
N LEU A 345 8.68 -39.59 -22.17
CA LEU A 345 9.96 -39.57 -21.48
C LEU A 345 10.37 -38.15 -21.08
N GLY A 346 10.06 -37.16 -21.90
CA GLY A 346 10.33 -35.76 -21.55
C GLY A 346 9.58 -35.27 -20.31
N MET A 347 8.42 -35.89 -20.03
CA MET A 347 7.59 -35.53 -18.88
C MET A 347 8.02 -36.25 -17.62
N GLN A 348 8.67 -37.37 -17.79
CA GLN A 348 8.93 -38.23 -16.65
C GLN A 348 9.70 -37.57 -15.47
N PRO A 349 10.78 -36.86 -15.76
CA PRO A 349 11.47 -36.19 -14.68
C PRO A 349 10.59 -35.25 -13.84
N LEU A 350 9.72 -34.49 -14.50
CA LEU A 350 8.88 -33.53 -13.78
C LEU A 350 7.90 -34.31 -12.90
N ILE A 351 7.30 -35.33 -13.51
CA ILE A 351 6.32 -36.19 -12.82
C ILE A 351 6.94 -36.77 -11.55
N GLN A 352 8.11 -37.35 -11.68
CA GLN A 352 8.68 -38.05 -10.50
C GLN A 352 9.18 -37.18 -9.39
N ASN A 353 9.75 -36.06 -9.77
CA ASN A 353 10.29 -35.10 -8.82
C ASN A 353 9.30 -34.15 -8.19
N MET A 354 8.05 -34.16 -8.64
CA MET A 354 6.99 -33.42 -7.92
C MET A 354 6.47 -34.23 -6.73
N VAL A 355 6.74 -35.52 -6.74
CA VAL A 355 6.21 -36.43 -5.69
C VAL A 355 6.65 -36.02 -4.27
N PRO A 356 7.91 -35.59 -4.07
CA PRO A 356 8.27 -35.19 -2.72
C PRO A 356 7.63 -33.89 -2.23
N LEU A 357 6.98 -33.14 -3.14
CA LEU A 357 6.35 -31.86 -2.80
C LEU A 357 4.85 -31.98 -2.60
N GLN A 358 4.36 -33.22 -2.54
CA GLN A 358 2.92 -33.48 -2.53
C GLN A 358 2.25 -33.04 -1.25
N GLY A 359 3.00 -33.02 -0.16
CA GLY A 359 2.51 -32.40 1.09
C GLY A 359 2.35 -33.29 2.32
N THR A 360 1.54 -32.82 3.25
CA THR A 360 1.59 -33.28 4.62
C THR A 360 0.35 -34.05 4.99
N ARG A 361 0.50 -35.01 5.90
CA ARG A 361 -0.66 -35.67 6.49
C ARG A 361 -1.04 -35.18 7.89
N GLU A 362 -0.09 -34.49 8.53
CA GLU A 362 -0.19 -34.08 9.94
C GLU A 362 -1.04 -32.82 10.00
N LYS A 363 -1.87 -32.70 11.05
CA LYS A 363 -2.69 -31.50 11.29
C LYS A 363 -1.80 -30.30 11.42
N LEU A 364 -2.21 -29.19 10.81
CA LEU A 364 -1.47 -27.95 10.91
C LEU A 364 -2.30 -26.93 11.67
N ALA A 365 -1.62 -25.91 12.17
CA ALA A 365 -2.29 -24.81 12.88
C ALA A 365 -2.52 -23.63 11.93
N PRO A 366 -3.77 -23.09 11.89
CA PRO A 366 -4.02 -21.93 11.03
C PRO A 366 -3.04 -20.78 11.30
N THR A 367 -2.47 -20.24 10.23
CA THR A 367 -1.36 -19.28 10.28
C THR A 367 -1.84 -17.83 10.22
N GLY A 368 -3.14 -17.65 9.99
CA GLY A 368 -3.70 -16.33 9.78
C GLY A 368 -3.48 -15.77 8.38
N LYS A 369 -2.59 -16.37 7.59
CA LYS A 369 -2.45 -16.03 6.16
C LYS A 369 -3.66 -16.53 5.34
N GLY A 370 -3.88 -15.87 4.21
CA GLY A 370 -4.92 -16.24 3.28
C GLY A 370 -6.20 -15.46 3.33
N GLY A 371 -6.30 -14.48 4.22
CA GLY A 371 -7.48 -13.63 4.24
C GLY A 371 -8.56 -14.21 5.13
N ASP A 372 -9.79 -13.81 4.85
CA ASP A 372 -10.89 -14.25 5.64
C ASP A 372 -11.24 -15.67 5.25
N LEU A 373 -10.95 -16.59 6.14
CA LEU A 373 -11.24 -18.01 5.88
C LEU A 373 -12.41 -18.56 6.69
N SER A 374 -13.31 -17.69 7.10
CA SER A 374 -14.40 -18.09 8.00
C SER A 374 -15.66 -18.57 7.28
N ASP A 375 -15.82 -18.23 6.00
CA ASP A 375 -16.96 -18.70 5.19
C ASP A 375 -16.52 -19.87 4.31
N PRO A 376 -17.03 -21.09 4.59
CA PRO A 376 -16.71 -22.25 3.75
C PRO A 376 -17.20 -22.13 2.31
N GLY A 377 -18.35 -21.49 2.15
CA GLY A 377 -18.91 -21.23 0.83
C GLY A 377 -17.99 -20.38 -0.01
N ARG A 378 -17.33 -19.40 0.60
CA ARG A 378 -16.39 -18.54 -0.12
C ARG A 378 -15.07 -19.21 -0.31
N ASN A 379 -14.69 -20.04 0.67
CA ASN A 379 -13.48 -20.87 0.52
C ASN A 379 -13.59 -21.83 -0.65
N ALA A 380 -14.76 -22.44 -0.80
CA ALA A 380 -15.03 -23.33 -1.96
C ALA A 380 -14.81 -22.57 -3.29
N GLU A 381 -15.41 -21.41 -3.42
CA GLU A 381 -15.25 -20.55 -4.60
C GLU A 381 -13.80 -20.15 -4.86
N ALA A 382 -13.07 -19.87 -3.77
CA ALA A 382 -11.70 -19.40 -3.86
C ALA A 382 -10.83 -20.50 -4.40
N ILE A 383 -11.07 -21.69 -3.86
CA ILE A 383 -10.35 -22.88 -4.26
C ILE A 383 -10.66 -23.21 -5.72
N LYS A 384 -11.92 -23.07 -6.08
CA LYS A 384 -12.31 -23.30 -7.48
C LYS A 384 -11.61 -22.32 -8.40
N ALA A 385 -11.75 -21.04 -8.10
CA ALA A 385 -11.11 -19.97 -8.87
C ALA A 385 -9.64 -20.22 -9.00
N LEU A 386 -9.03 -20.64 -7.89
CA LEU A 386 -7.61 -20.95 -7.87
C LEU A 386 -7.25 -22.05 -8.88
N GLY A 387 -7.99 -23.15 -8.84
CA GLY A 387 -7.76 -24.23 -9.78
C GLY A 387 -7.90 -23.82 -11.24
N TYR A 388 -8.94 -23.03 -11.54
CA TYR A 388 -9.19 -22.60 -12.93
C TYR A 388 -8.10 -21.66 -13.41
N TYR A 389 -7.67 -20.78 -12.51
CA TYR A 389 -6.53 -19.91 -12.76
C TYR A 389 -5.27 -20.70 -13.15
N LEU A 390 -5.05 -21.82 -12.47
CA LEU A 390 -3.87 -22.60 -12.67
C LEU A 390 -3.99 -23.55 -13.84
N GLY A 391 -5.20 -23.72 -14.35
CA GLY A 391 -5.42 -24.49 -15.59
C GLY A 391 -6.24 -25.78 -15.49
N ALA A 392 -6.93 -25.96 -14.39
CA ALA A 392 -7.84 -27.07 -14.27
C ALA A 392 -9.02 -26.86 -15.25
N ASP A 393 -9.63 -27.96 -15.73
CA ASP A 393 -10.86 -27.86 -16.60
C ASP A 393 -12.18 -27.94 -15.82
N PHE A 394 -12.13 -28.70 -14.72
CA PHE A 394 -13.23 -28.79 -13.74
C PHE A 394 -12.63 -28.81 -12.35
N VAL A 395 -13.37 -28.23 -11.41
CA VAL A 395 -13.05 -28.28 -9.97
C VAL A 395 -14.29 -28.58 -9.18
N GLY A 396 -14.16 -29.58 -8.31
CA GLY A 396 -15.29 -30.02 -7.48
C GLY A 396 -14.74 -30.42 -6.15
N ILE A 397 -15.59 -30.31 -5.13
CA ILE A 397 -15.17 -30.49 -3.72
C ILE A 397 -16.15 -31.42 -3.06
N CYS A 398 -15.64 -32.39 -2.35
CA CYS A 398 -16.43 -33.27 -1.52
C CYS A 398 -15.72 -33.56 -0.20
N ARG A 399 -16.44 -34.19 0.72
CA ARG A 399 -15.83 -34.76 1.93
C ARG A 399 -14.99 -35.93 1.57
N ALA A 400 -13.77 -35.95 2.10
CA ALA A 400 -12.87 -37.11 1.94
C ALA A 400 -13.22 -38.20 2.94
N GLU A 401 -14.18 -39.04 2.56
CA GLU A 401 -14.68 -40.10 3.46
C GLU A 401 -13.67 -41.21 3.65
N PRO A 402 -13.67 -41.85 4.84
CA PRO A 402 -12.52 -42.71 5.16
C PRO A 402 -12.39 -43.91 4.24
N TRP A 403 -13.51 -44.34 3.68
CA TRP A 403 -13.50 -45.50 2.76
C TRP A 403 -12.94 -45.15 1.38
N MET A 404 -12.70 -43.85 1.14
CA MET A 404 -12.04 -43.35 -0.10
C MET A 404 -10.52 -43.54 0.00
N TYR A 405 -10.02 -43.73 1.22
CA TYR A 405 -8.59 -43.94 1.44
C TYR A 405 -8.23 -45.40 1.28
N TYR A 406 -7.06 -45.66 0.72
CA TYR A 406 -6.57 -47.04 0.73
C TYR A 406 -6.39 -47.50 2.19
N ALA A 407 -6.46 -48.80 2.40
CA ALA A 407 -6.32 -49.39 3.76
C ALA A 407 -4.87 -49.32 4.27
N SER A 408 -3.93 -49.58 3.36
CA SER A 408 -2.55 -49.62 3.67
C SER A 408 -1.72 -49.28 2.47
N ASP A 409 -0.47 -48.90 2.70
CA ASP A 409 0.46 -48.60 1.62
C ASP A 409 1.07 -49.90 1.09
N GLU A 410 1.56 -49.86 -0.14
CA GLU A 410 2.08 -51.09 -0.79
C GLU A 410 3.56 -51.37 -0.49
N VAL A 411 4.24 -50.45 0.16
CA VAL A 411 5.70 -50.56 0.34
C VAL A 411 6.05 -51.18 1.71
N GLU A 412 5.54 -50.58 2.76
CA GLU A 412 5.76 -51.08 4.12
C GLU A 412 4.55 -51.86 4.61
N GLY A 413 3.38 -51.71 3.97
CA GLY A 413 2.16 -52.36 4.47
C GLY A 413 1.55 -51.68 5.68
N LYS A 414 1.97 -50.48 5.99
CA LYS A 414 1.42 -49.79 7.15
C LYS A 414 0.04 -49.22 6.84
N PRO A 415 -0.83 -49.15 7.85
CA PRO A 415 -2.11 -48.52 7.70
C PRO A 415 -2.02 -47.12 7.16
N ILE A 416 -3.00 -46.75 6.34
CA ILE A 416 -3.17 -45.35 5.91
C ILE A 416 -4.29 -44.81 6.76
N GLU A 417 -4.08 -43.59 7.28
CA GLU A 417 -5.07 -42.92 8.10
C GLU A 417 -5.89 -42.05 7.18
N ALA A 418 -7.16 -41.89 7.53
CA ALA A 418 -8.02 -40.91 6.89
C ALA A 418 -7.69 -39.55 7.49
N TYR A 419 -6.60 -38.96 7.05
CA TYR A 419 -6.02 -37.82 7.76
C TYR A 419 -6.62 -36.42 7.45
N HIS A 420 -7.37 -36.29 6.34
CA HIS A 420 -7.90 -35.02 5.91
C HIS A 420 -9.39 -35.11 5.74
N ASP A 421 -10.08 -34.00 5.95
CA ASP A 421 -11.55 -33.95 5.91
C ASP A 421 -12.17 -33.76 4.54
N TYR A 422 -11.45 -33.07 3.65
CA TYR A 422 -12.00 -32.70 2.34
C TYR A 422 -11.14 -33.18 1.19
N ALA A 423 -11.79 -33.51 0.09
CA ALA A 423 -11.12 -33.76 -1.19
C ALA A 423 -11.46 -32.65 -2.16
N VAL A 424 -10.42 -32.02 -2.70
CA VAL A 424 -10.57 -31.17 -3.89
C VAL A 424 -10.19 -31.96 -5.14
N VAL A 425 -11.16 -32.08 -6.04
CA VAL A 425 -11.06 -32.95 -7.21
C VAL A 425 -11.06 -32.09 -8.49
N MET A 426 -10.09 -32.35 -9.35
CA MET A 426 -9.99 -31.56 -10.57
C MET A 426 -9.77 -32.47 -11.74
N LEU A 427 -10.45 -32.16 -12.85
CA LEU A 427 -10.32 -32.89 -14.09
C LEU A 427 -9.46 -32.12 -15.04
N ILE A 428 -8.55 -32.85 -15.67
CA ILE A 428 -7.74 -32.34 -16.75
C ILE A 428 -8.12 -33.08 -18.02
N ASP A 429 -8.56 -32.33 -19.02
CA ASP A 429 -9.00 -32.89 -20.29
C ASP A 429 -7.81 -33.56 -20.96
N GLN A 430 -7.95 -34.79 -21.42
CA GLN A 430 -6.82 -35.49 -22.07
C GLN A 430 -6.48 -35.05 -23.50
N GLY A 431 -7.45 -34.39 -24.16
CA GLY A 431 -7.24 -33.80 -25.47
C GLY A 431 -8.04 -34.43 -26.57
N TYR A 432 -9.12 -33.76 -26.95
CA TYR A 432 -9.99 -34.26 -28.02
C TYR A 432 -9.33 -34.47 -29.37
N GLU A 433 -8.63 -33.43 -29.86
CA GLU A 433 -8.08 -33.42 -31.23
C GLU A 433 -6.98 -34.46 -31.43
N THR A 434 -6.06 -34.53 -30.50
CA THR A 434 -5.05 -35.57 -30.55
C THR A 434 -5.67 -36.98 -30.57
N MET A 435 -6.62 -37.19 -29.68
CA MET A 435 -7.26 -38.49 -29.57
C MET A 435 -8.07 -38.86 -30.78
N GLU A 436 -8.56 -37.83 -31.47
CA GLU A 436 -9.33 -38.02 -32.72
C GLU A 436 -8.46 -38.63 -33.82
N GLY A 437 -7.19 -38.25 -33.87
CA GLY A 437 -6.25 -38.79 -34.85
C GLY A 437 -5.63 -40.14 -34.42
N ALA A 438 -5.84 -40.53 -33.18
CA ALA A 438 -5.18 -41.66 -32.60
C ALA A 438 -6.04 -42.87 -32.67
N SER A 439 -5.42 -44.02 -32.53
CA SER A 439 -6.16 -45.28 -32.47
C SER A 439 -6.73 -45.45 -31.08
N GLY A 440 -6.11 -44.78 -30.11
CA GLY A 440 -6.45 -44.96 -28.69
C GLY A 440 -5.45 -45.84 -27.97
N ASP A 441 -4.82 -46.73 -28.73
CA ASP A 441 -3.78 -47.66 -28.23
C ASP A 441 -2.50 -47.61 -29.10
N ASP A 442 -2.25 -46.48 -29.74
CA ASP A 442 -1.01 -46.25 -30.50
C ASP A 442 0.10 -45.57 -29.66
N TRP A 443 1.07 -44.99 -30.34
CA TRP A 443 2.27 -44.46 -29.72
C TRP A 443 2.07 -43.20 -28.88
N ILE A 444 0.90 -42.58 -28.98
CA ILE A 444 0.64 -41.36 -28.23
C ILE A 444 -0.26 -41.58 -27.02
N SER A 445 -0.84 -42.77 -26.87
CA SER A 445 -1.82 -42.95 -25.78
C SER A 445 -1.28 -42.60 -24.35
N ALA A 446 -0.16 -43.19 -23.97
CA ALA A 446 0.43 -42.87 -22.72
C ALA A 446 0.86 -41.39 -22.59
N SER A 447 1.24 -40.74 -23.68
CA SER A 447 1.54 -39.29 -23.63
C SER A 447 0.26 -38.47 -23.31
N GLN A 448 -0.89 -38.94 -23.75
CA GLN A 448 -2.12 -38.27 -23.37
C GLN A 448 -2.41 -38.46 -21.90
N SER A 449 -2.17 -39.67 -21.40
CA SER A 449 -2.31 -39.92 -19.94
C SER A 449 -1.33 -39.06 -19.16
N MET A 450 -0.05 -39.16 -19.54
CA MET A 450 1.06 -38.57 -18.75
C MET A 450 1.03 -37.05 -18.75
N ARG A 451 0.58 -36.46 -19.85
CA ARG A 451 0.43 -34.98 -19.92
C ARG A 451 -0.56 -34.48 -18.87
N ALA A 452 -1.68 -35.21 -18.80
CA ALA A 452 -2.79 -34.87 -17.96
C ALA A 452 -2.39 -35.12 -16.51
N TYR A 453 -1.69 -36.20 -16.27
CA TYR A 453 -1.12 -36.47 -14.93
C TYR A 453 -0.15 -35.40 -14.47
N MET A 454 0.80 -35.07 -15.33
CA MET A 454 1.81 -34.07 -15.03
C MET A 454 1.18 -32.71 -14.72
N ARG A 455 0.26 -32.28 -15.59
CA ARG A 455 -0.37 -30.94 -15.44
C ARG A 455 -1.20 -30.89 -14.17
N GLY A 456 -1.93 -31.99 -13.91
CA GLY A 456 -2.77 -32.07 -12.72
C GLY A 456 -1.97 -32.06 -11.42
N ALA A 457 -0.88 -32.81 -11.41
CA ALA A 457 0.01 -32.88 -10.28
C ALA A 457 0.65 -31.52 -9.98
N GLU A 458 1.05 -30.81 -11.04
CA GLU A 458 1.59 -29.45 -10.88
C GLU A 458 0.59 -28.50 -10.24
N ILE A 459 -0.62 -28.51 -10.75
CA ILE A 459 -1.69 -27.61 -10.27
C ILE A 459 -2.07 -27.91 -8.84
N ALA A 460 -2.33 -29.18 -8.56
CA ALA A 460 -2.70 -29.63 -7.18
C ALA A 460 -1.55 -29.51 -6.17
N GLY A 461 -0.33 -29.61 -6.64
CA GLY A 461 0.82 -29.41 -5.79
C GLY A 461 0.86 -27.96 -5.33
N VAL A 462 0.51 -27.05 -6.24
CA VAL A 462 0.59 -25.62 -5.95
C VAL A 462 -0.51 -25.23 -4.98
N MET A 463 -1.70 -25.75 -5.23
CA MET A 463 -2.89 -25.42 -4.44
C MET A 463 -2.83 -26.05 -3.04
N ALA A 464 -2.34 -27.27 -2.97
CA ALA A 464 -2.14 -27.93 -1.65
C ALA A 464 -1.12 -27.16 -0.83
N ALA A 465 -0.07 -26.72 -1.50
CA ALA A 465 0.97 -25.95 -0.85
C ALA A 465 0.45 -24.64 -0.28
N HIS A 466 -0.49 -24.05 -1.00
CA HIS A 466 -1.04 -22.78 -0.60
C HIS A 466 -1.90 -22.98 0.61
N CYS A 467 -2.70 -24.04 0.59
CA CYS A 467 -3.47 -24.42 1.75
C CYS A 467 -2.56 -24.59 2.98
N ARG A 468 -1.41 -25.20 2.79
CA ARG A 468 -0.46 -25.38 3.88
C ARG A 468 0.06 -24.03 4.43
N ARG A 469 0.38 -23.11 3.53
CA ARG A 469 0.84 -21.76 3.92
C ARG A 469 -0.19 -21.06 4.81
N MET A 470 -1.46 -21.28 4.50
CA MET A 470 -2.62 -20.77 5.29
C MET A 470 -2.89 -21.53 6.61
N GLY A 471 -2.10 -22.57 6.84
CA GLY A 471 -2.14 -23.41 8.06
C GLY A 471 -3.15 -24.54 8.04
N TYR A 472 -3.37 -25.07 6.85
CA TYR A 472 -4.34 -26.13 6.65
C TYR A 472 -3.63 -27.25 5.97
N SER A 473 -3.56 -28.39 6.67
CA SER A 473 -2.91 -29.57 6.14
C SER A 473 -3.52 -29.88 4.78
N ALA A 474 -2.65 -30.26 3.84
CA ALA A 474 -3.04 -30.55 2.46
C ALA A 474 -2.01 -31.45 1.80
N ARG A 475 -2.51 -32.46 1.11
CA ARG A 475 -1.66 -33.37 0.34
C ARG A 475 -2.30 -33.73 -0.97
N SER A 476 -1.52 -33.63 -2.04
CA SER A 476 -1.96 -34.05 -3.36
C SER A 476 -1.74 -35.55 -3.56
N HIS A 477 -2.51 -36.07 -4.50
CA HIS A 477 -2.65 -37.51 -4.75
C HIS A 477 -2.63 -37.76 -6.22
N SER A 478 -1.42 -38.02 -6.68
CA SER A 478 -1.09 -38.04 -8.09
C SER A 478 -1.07 -39.49 -8.63
N ASN A 479 -0.69 -39.66 -9.88
N ASN A 479 -0.66 -39.63 -9.89
CA ASN A 479 -0.57 -41.03 -10.38
CA ASN A 479 -0.42 -40.92 -10.56
C ASN A 479 0.60 -41.73 -9.72
C ASN A 479 0.63 -41.70 -9.78
N ALA A 480 1.71 -40.99 -9.51
CA ALA A 480 2.91 -41.55 -8.93
C ALA A 480 2.66 -41.95 -7.48
N HIS A 481 1.79 -41.18 -6.83
CA HIS A 481 1.52 -41.44 -5.44
C HIS A 481 0.21 -40.90 -4.97
N SER A 482 -0.74 -41.81 -4.79
CA SER A 482 -2.03 -41.45 -4.18
C SER A 482 -2.25 -42.34 -2.98
N GLU A 483 -2.92 -41.80 -1.97
CA GLU A 483 -3.45 -42.57 -0.83
C GLU A 483 -4.98 -42.55 -0.74
N VAL A 484 -5.62 -42.00 -1.78
CA VAL A 484 -7.07 -42.12 -2.00
C VAL A 484 -7.35 -42.70 -3.37
N ILE A 485 -8.51 -43.30 -3.48
CA ILE A 485 -9.09 -43.71 -4.77
C ILE A 485 -9.93 -42.56 -5.34
N HIS A 486 -9.55 -42.08 -6.52
CA HIS A 486 -10.16 -40.89 -7.07
C HIS A 486 -11.61 -41.06 -7.43
N ASN A 487 -11.96 -42.23 -7.93
CA ASN A 487 -13.32 -42.44 -8.48
C ASN A 487 -14.50 -42.01 -7.60
N PRO A 488 -14.59 -42.55 -6.37
CA PRO A 488 -15.72 -42.14 -5.55
C PRO A 488 -15.72 -40.64 -5.23
N ALA A 489 -14.53 -40.01 -5.28
CA ALA A 489 -14.42 -38.57 -5.06
C ALA A 489 -14.88 -37.78 -6.26
N ILE A 490 -14.58 -38.28 -7.47
CA ILE A 490 -15.12 -37.69 -8.73
C ILE A 490 -16.64 -37.77 -8.69
N LEU A 491 -17.14 -38.91 -8.28
CA LEU A 491 -18.57 -39.09 -8.14
C LEU A 491 -19.24 -38.10 -7.12
N MET A 492 -18.74 -38.15 -5.87
CA MET A 492 -19.28 -37.35 -4.77
C MET A 492 -19.10 -35.83 -4.96
N ALA A 493 -18.07 -35.45 -5.73
CA ALA A 493 -17.79 -34.04 -6.06
C ALA A 493 -18.67 -33.53 -7.23
N GLY A 494 -19.52 -34.40 -7.77
CA GLY A 494 -20.46 -34.02 -8.82
C GLY A 494 -19.74 -33.73 -10.12
N LEU A 495 -18.65 -34.43 -10.41
CA LEU A 495 -17.91 -34.19 -11.66
C LEU A 495 -18.15 -35.24 -12.70
N GLY A 496 -18.82 -36.33 -12.31
CA GLY A 496 -19.15 -37.40 -13.26
C GLY A 496 -20.18 -38.36 -12.74
N GLU A 497 -20.68 -39.19 -13.64
CA GLU A 497 -21.57 -40.30 -13.31
C GLU A 497 -20.83 -41.59 -13.68
N VAL A 498 -21.23 -42.66 -13.02
CA VAL A 498 -20.78 -43.99 -13.37
C VAL A 498 -21.14 -44.26 -14.84
N SER A 499 -20.16 -44.76 -15.61
CA SER A 499 -20.37 -45.13 -17.00
C SER A 499 -20.08 -46.60 -17.24
N ARG A 500 -20.40 -47.09 -18.44
CA ARG A 500 -20.12 -48.51 -18.76
C ARG A 500 -18.65 -48.80 -18.83
N ILE A 501 -17.84 -47.79 -19.11
CA ILE A 501 -16.41 -48.04 -19.24
C ILE A 501 -15.90 -48.79 -17.99
N GLY A 502 -16.34 -48.34 -16.82
CA GLY A 502 -16.21 -49.08 -15.59
C GLY A 502 -15.45 -48.42 -14.46
N ASP A 503 -14.14 -48.26 -14.68
CA ASP A 503 -13.21 -47.62 -13.73
C ASP A 503 -12.97 -46.17 -14.15
N THR A 504 -13.87 -45.71 -15.04
CA THR A 504 -13.91 -44.34 -15.52
C THR A 504 -15.35 -43.78 -15.30
N LEU A 505 -15.38 -42.56 -14.80
CA LEU A 505 -16.63 -41.77 -14.68
C LEU A 505 -16.68 -40.79 -15.83
N LEU A 506 -17.89 -40.40 -16.18
CA LEU A 506 -18.09 -39.68 -17.41
C LEU A 506 -18.73 -38.33 -17.08
N ASN A 507 -18.13 -37.31 -17.63
CA ASN A 507 -18.56 -35.92 -17.40
C ASN A 507 -19.38 -35.48 -18.63
N PRO A 508 -20.43 -34.69 -18.37
CA PRO A 508 -21.38 -34.33 -19.44
C PRO A 508 -20.84 -33.40 -20.53
N PHE A 509 -19.64 -32.86 -20.36
CA PHE A 509 -19.08 -31.87 -21.30
C PHE A 509 -17.83 -32.38 -21.95
N ILE A 510 -16.94 -33.04 -21.19
CA ILE A 510 -15.73 -33.67 -21.78
C ILE A 510 -15.82 -35.20 -21.84
N GLY A 511 -16.99 -35.73 -21.57
CA GLY A 511 -17.20 -37.16 -21.58
C GLY A 511 -16.24 -37.85 -20.64
N PRO A 512 -15.72 -39.01 -21.07
CA PRO A 512 -14.70 -39.76 -20.23
C PRO A 512 -13.25 -39.32 -20.46
N ARG A 513 -13.06 -38.24 -21.23
CA ARG A 513 -11.77 -37.83 -21.73
C ARG A 513 -11.02 -36.98 -20.71
N SER A 514 -10.70 -37.59 -19.58
CA SER A 514 -9.99 -36.89 -18.51
C SER A 514 -9.07 -37.76 -17.69
N LYS A 515 -8.17 -37.08 -16.99
CA LYS A 515 -7.55 -37.64 -15.78
C LYS A 515 -7.92 -36.70 -14.66
N SER A 516 -8.24 -37.27 -13.52
CA SER A 516 -8.40 -36.52 -12.31
C SER A 516 -7.10 -36.34 -11.54
N ILE A 517 -7.03 -35.25 -10.81
CA ILE A 517 -6.05 -35.06 -9.76
C ILE A 517 -6.89 -34.70 -8.55
N VAL A 518 -6.48 -35.22 -7.43
CA VAL A 518 -7.10 -34.92 -6.16
C VAL A 518 -6.06 -34.41 -5.19
N PHE A 519 -6.41 -33.39 -4.41
CA PHE A 519 -5.69 -33.15 -3.15
C PHE A 519 -6.68 -33.09 -2.00
N THR A 520 -6.26 -33.67 -0.90
CA THR A 520 -7.07 -33.61 0.31
C THR A 520 -6.52 -32.51 1.22
N THR A 521 -7.43 -31.95 2.00
CA THR A 521 -7.14 -30.82 2.86
C THR A 521 -8.12 -30.74 4.01
N ASP A 522 -7.69 -30.04 5.06
CA ASP A 522 -8.52 -29.69 6.22
C ASP A 522 -9.23 -28.34 6.12
N LEU A 523 -8.84 -27.53 5.14
CA LEU A 523 -9.52 -26.26 4.83
C LEU A 523 -11.02 -26.48 4.77
N PRO A 524 -11.79 -25.72 5.57
CA PRO A 524 -13.25 -25.86 5.49
C PRO A 524 -13.83 -25.20 4.25
N MET A 525 -14.57 -26.01 3.52
CA MET A 525 -15.16 -25.68 2.24
C MET A 525 -16.54 -26.32 2.21
N SER A 526 -17.49 -25.61 1.62
CA SER A 526 -18.81 -26.11 1.29
C SER A 526 -18.59 -27.11 0.13
N VAL A 527 -19.27 -28.25 0.22
CA VAL A 527 -19.09 -29.37 -0.73
C VAL A 527 -20.16 -29.36 -1.82
N ASP A 528 -19.76 -29.85 -3.00
CA ASP A 528 -20.64 -29.96 -4.13
C ASP A 528 -21.46 -31.20 -3.92
N ARG A 529 -22.48 -31.38 -4.75
CA ARG A 529 -23.37 -32.54 -4.70
C ARG A 529 -23.24 -33.35 -6.00
N PRO A 530 -23.57 -34.66 -5.94
CA PRO A 530 -23.55 -35.49 -7.11
C PRO A 530 -24.42 -34.90 -8.21
N ILE A 531 -24.17 -35.34 -9.43
CA ILE A 531 -24.89 -34.85 -10.60
C ILE A 531 -25.70 -35.98 -11.24
N ASP A 532 -26.78 -35.58 -11.92
CA ASP A 532 -27.58 -36.49 -12.72
C ASP A 532 -27.92 -35.89 -14.08
N PHE A 533 -27.24 -36.37 -15.13
CA PHE A 533 -27.50 -35.92 -16.48
C PHE A 533 -27.96 -37.07 -17.40
N GLY A 534 -28.59 -38.07 -16.80
CA GLY A 534 -29.20 -39.16 -17.53
C GLY A 534 -28.30 -40.25 -18.03
N LEU A 535 -27.07 -40.34 -17.52
CA LEU A 535 -26.08 -41.26 -18.10
C LEU A 535 -26.46 -42.71 -17.92
N GLN A 536 -27.13 -43.01 -16.82
CA GLN A 536 -27.45 -44.41 -16.54
C GLN A 536 -28.32 -44.98 -17.64
N ASP A 537 -29.35 -44.23 -17.99
CA ASP A 537 -30.24 -44.60 -19.10
C ASP A 537 -29.51 -44.62 -20.45
N PHE A 538 -28.64 -43.63 -20.65
CA PHE A 538 -27.84 -43.59 -21.87
C PHE A 538 -26.93 -44.80 -22.04
N CYS A 539 -26.09 -45.08 -21.06
CA CYS A 539 -25.19 -46.26 -21.12
C CYS A 539 -25.95 -47.57 -21.20
N ASN A 540 -27.12 -47.65 -20.59
CA ASN A 540 -27.96 -48.85 -20.69
C ASN A 540 -28.32 -49.21 -22.11
N GLN A 541 -28.38 -48.23 -23.00
CA GLN A 541 -28.67 -48.54 -24.40
C GLN A 541 -27.51 -48.28 -25.35
N CYS A 542 -26.32 -48.17 -24.83
CA CYS A 542 -25.12 -48.01 -25.67
C CYS A 542 -24.13 -49.12 -25.29
N ARG A 543 -23.31 -49.56 -26.24
CA ARG A 543 -22.24 -50.56 -26.02
C ARG A 543 -20.96 -50.22 -26.76
N LYS A 544 -20.80 -48.97 -27.18
CA LYS A 544 -19.78 -48.66 -28.16
C LYS A 544 -18.38 -48.92 -27.63
N CYS A 545 -18.14 -48.45 -26.41
CA CYS A 545 -16.85 -48.64 -25.72
C CYS A 545 -16.52 -50.12 -25.55
N ALA A 546 -17.53 -50.85 -25.10
CA ALA A 546 -17.44 -52.33 -24.95
C ALA A 546 -17.04 -53.05 -26.25
N ARG A 547 -17.65 -52.61 -27.36
CA ARG A 547 -17.43 -53.20 -28.66
C ARG A 547 -16.07 -52.86 -29.14
N GLU A 548 -15.58 -51.66 -28.82
CA GLU A 548 -14.30 -51.17 -29.37
C GLU A 548 -13.05 -51.45 -28.53
N CYS A 549 -13.24 -52.11 -27.38
CA CYS A 549 -12.14 -52.45 -26.46
C CYS A 549 -11.31 -53.59 -27.04
N PRO A 550 -9.98 -53.38 -27.28
CA PRO A 550 -9.15 -54.38 -27.89
C PRO A 550 -9.08 -55.72 -27.19
N CYS A 551 -9.28 -55.76 -25.87
CA CYS A 551 -9.30 -57.01 -25.11
C CYS A 551 -10.65 -57.44 -24.50
N ASN A 552 -11.74 -56.85 -24.94
CA ASN A 552 -13.06 -57.18 -24.45
C ASN A 552 -13.22 -57.08 -22.96
N ALA A 553 -12.57 -56.08 -22.38
CA ALA A 553 -12.56 -55.91 -20.91
C ALA A 553 -13.80 -55.20 -20.39
N ILE A 554 -14.54 -54.50 -21.25
CA ILE A 554 -15.64 -53.69 -20.82
C ILE A 554 -16.90 -54.59 -20.88
N SER A 555 -17.74 -54.46 -19.85
CA SER A 555 -18.95 -55.25 -19.75
C SER A 555 -20.03 -54.84 -20.73
N PHE A 556 -20.60 -55.83 -21.38
CA PHE A 556 -21.78 -55.67 -22.25
C PHE A 556 -23.06 -55.86 -21.46
N GLY A 557 -22.95 -56.18 -20.17
CA GLY A 557 -24.13 -56.54 -19.39
C GLY A 557 -24.56 -55.40 -18.50
N ASP A 558 -25.32 -55.77 -17.49
CA ASP A 558 -25.88 -54.83 -16.56
C ASP A 558 -24.91 -54.51 -15.44
N LYS A 559 -25.23 -53.44 -14.73
CA LYS A 559 -24.50 -53.07 -13.54
C LYS A 559 -24.64 -54.18 -12.51
N VAL A 560 -23.60 -54.29 -11.70
CA VAL A 560 -23.53 -55.25 -10.59
C VAL A 560 -23.13 -54.52 -9.32
N MET A 561 -23.38 -55.19 -8.20
CA MET A 561 -22.86 -54.74 -6.94
C MET A 561 -21.44 -55.24 -6.78
N PHE A 562 -20.57 -54.38 -6.22
CA PHE A 562 -19.14 -54.68 -6.13
C PHE A 562 -18.58 -53.91 -4.97
N ASN A 563 -18.07 -54.62 -3.96
CA ASN A 563 -17.58 -53.96 -2.73
C ASN A 563 -18.51 -52.86 -2.16
N GLY A 564 -19.81 -53.13 -2.20
CA GLY A 564 -20.81 -52.26 -1.56
C GLY A 564 -21.30 -51.07 -2.38
N TYR A 565 -21.15 -51.13 -3.71
CA TYR A 565 -21.64 -50.08 -4.61
C TYR A 565 -21.91 -50.64 -5.98
N GLU A 566 -22.87 -49.98 -6.64
CA GLU A 566 -23.35 -50.32 -7.99
C GLU A 566 -22.37 -49.77 -9.01
N ILE A 567 -21.97 -50.63 -9.94
CA ILE A 567 -20.94 -50.26 -10.92
C ILE A 567 -21.08 -51.16 -12.17
N TRP A 568 -20.60 -50.70 -13.33
CA TRP A 568 -20.32 -51.61 -14.44
C TRP A 568 -18.91 -52.08 -14.26
N LYS A 569 -18.71 -53.31 -13.86
CA LYS A 569 -17.35 -53.73 -13.58
C LYS A 569 -16.67 -54.25 -14.81
N ALA A 570 -15.61 -53.54 -15.24
CA ALA A 570 -14.73 -53.99 -16.33
C ALA A 570 -13.83 -55.08 -15.80
N ASP A 571 -13.17 -55.81 -16.71
CA ASP A 571 -12.17 -56.81 -16.38
C ASP A 571 -10.79 -56.18 -16.33
N VAL A 572 -10.39 -55.83 -15.10
CA VAL A 572 -9.18 -55.03 -14.87
C VAL A 572 -7.90 -55.85 -15.07
N GLU A 573 -8.06 -57.17 -15.05
CA GLU A 573 -6.95 -58.06 -15.34
C GLU A 573 -6.62 -57.96 -16.81
N LYS A 574 -7.63 -58.15 -17.65
CA LYS A 574 -7.44 -58.09 -19.11
C LYS A 574 -6.93 -56.71 -19.54
N CYS A 575 -7.56 -55.67 -19.04
CA CYS A 575 -7.18 -54.30 -19.37
C CYS A 575 -5.73 -54.05 -18.95
N THR A 576 -5.39 -54.36 -17.71
CA THR A 576 -4.00 -54.16 -17.25
C THR A 576 -3.02 -54.90 -18.18
N LYS A 577 -3.31 -56.17 -18.47
CA LYS A 577 -2.41 -56.94 -19.30
C LYS A 577 -2.24 -56.29 -20.70
N TYR A 578 -3.33 -55.84 -21.31
CA TYR A 578 -3.25 -55.22 -22.61
C TYR A 578 -2.47 -53.93 -22.54
N ARG A 579 -2.89 -53.03 -21.65
CA ARG A 579 -2.22 -51.74 -21.50
C ARG A 579 -0.71 -51.87 -21.25
N VAL A 580 -0.33 -52.76 -20.36
CA VAL A 580 1.06 -52.94 -19.95
C VAL A 580 1.94 -53.64 -21.00
N THR A 581 1.38 -54.65 -21.67
CA THR A 581 2.18 -55.56 -22.51
C THR A 581 1.94 -55.45 -24.01
N GLN A 582 0.85 -54.83 -24.46
CA GLN A 582 0.66 -54.68 -25.88
C GLN A 582 1.84 -53.84 -26.44
N MET A 583 2.26 -54.24 -27.66
CA MET A 583 3.54 -53.80 -28.27
C MET A 583 3.38 -52.93 -29.49
N LYS A 584 2.17 -52.69 -29.91
CA LYS A 584 1.89 -51.81 -31.07
C LYS A 584 1.46 -50.38 -30.68
N GLY A 585 1.80 -49.99 -29.47
CA GLY A 585 1.51 -48.68 -28.97
C GLY A 585 2.06 -48.54 -27.58
N SER A 586 1.77 -47.41 -26.95
CA SER A 586 2.17 -47.18 -25.58
C SER A 586 0.88 -47.04 -24.74
N ALA A 587 0.52 -48.13 -24.09
CA ALA A 587 -0.68 -48.28 -23.27
C ALA A 587 -1.94 -48.18 -24.13
N CYS A 588 -3.04 -47.72 -23.54
CA CYS A 588 -4.38 -47.72 -24.21
C CYS A 588 -5.35 -46.82 -23.47
N GLY A 589 -6.26 -46.26 -24.24
CA GLY A 589 -7.41 -45.43 -23.75
C GLY A 589 -8.43 -45.27 -24.85
N ARG A 590 -8.54 -46.32 -25.64
CA ARG A 590 -9.39 -46.35 -26.79
C ARG A 590 -10.84 -46.14 -26.39
N CYS A 591 -11.19 -46.60 -25.19
CA CYS A 591 -12.56 -46.56 -24.68
C CYS A 591 -13.05 -45.14 -24.50
N MET A 592 -12.15 -44.25 -24.07
CA MET A 592 -12.47 -42.82 -24.00
C MET A 592 -12.69 -42.21 -25.38
N LYS A 593 -11.86 -42.63 -26.32
CA LYS A 593 -11.93 -42.17 -27.68
C LYS A 593 -13.27 -42.50 -28.34
N MET A 594 -13.77 -43.71 -28.10
CA MET A 594 -14.90 -44.24 -28.90
C MET A 594 -16.29 -43.88 -28.35
N CYS A 595 -16.31 -43.28 -27.17
CA CYS A 595 -17.55 -42.91 -26.51
C CYS A 595 -18.22 -41.77 -27.21
N PRO A 596 -19.56 -41.85 -27.36
CA PRO A 596 -20.27 -40.76 -28.02
C PRO A 596 -20.12 -39.42 -27.33
N TRP A 597 -19.94 -39.45 -26.02
CA TRP A 597 -19.82 -38.22 -25.27
C TRP A 597 -18.44 -37.58 -25.46
N ASN A 598 -17.54 -38.32 -26.10
CA ASN A 598 -16.27 -37.75 -26.51
C ASN A 598 -16.50 -37.01 -27.81
N ARG A 599 -16.72 -35.71 -27.68
CA ARG A 599 -17.04 -34.83 -28.81
C ARG A 599 -16.23 -33.52 -28.84
N GLU A 600 -16.30 -32.92 -30.03
CA GLU A 600 -15.73 -31.64 -30.30
C GLU A 600 -16.54 -30.55 -29.60
N ASP A 601 -15.84 -29.51 -29.17
CA ASP A 601 -16.42 -28.40 -28.46
C ASP A 601 -16.92 -27.32 -29.44
N THR A 602 -17.85 -27.75 -30.27
CA THR A 602 -18.58 -26.87 -31.17
C THR A 602 -20.05 -26.72 -30.67
N VAL A 603 -20.80 -25.85 -31.33
CA VAL A 603 -22.23 -25.66 -31.09
C VAL A 603 -23.02 -26.96 -31.29
N GLU A 604 -22.73 -27.67 -32.38
CA GLU A 604 -23.38 -28.94 -32.66
C GLU A 604 -22.94 -30.00 -31.64
N GLY A 605 -21.66 -30.01 -31.28
CA GLY A 605 -21.17 -30.99 -30.30
C GLY A 605 -21.89 -30.79 -28.98
N ARG A 606 -21.94 -29.56 -28.51
CA ARG A 606 -22.72 -29.24 -27.33
C ARG A 606 -24.19 -29.49 -27.41
N ARG A 607 -24.78 -29.29 -28.59
CA ARG A 607 -26.21 -29.49 -28.75
C ARG A 607 -26.56 -30.99 -28.63
N LEU A 608 -25.71 -31.83 -29.19
CA LEU A 608 -25.90 -33.28 -29.06
C LEU A 608 -25.81 -33.74 -27.63
N ALA A 609 -24.93 -33.13 -26.85
CA ALA A 609 -24.83 -33.43 -25.42
C ALA A 609 -26.08 -32.91 -24.64
N GLU A 610 -26.54 -31.68 -24.95
CA GLU A 610 -27.72 -31.09 -24.33
C GLU A 610 -28.93 -31.96 -24.65
N LEU A 611 -29.07 -32.36 -25.92
CA LEU A 611 -30.14 -33.29 -26.31
C LEU A 611 -30.07 -34.64 -25.57
N SER A 612 -28.90 -35.24 -25.50
CA SER A 612 -28.69 -36.48 -24.73
C SER A 612 -29.16 -36.32 -23.28
N ILE A 613 -28.84 -35.17 -22.71
CA ILE A 613 -29.19 -34.88 -21.30
C ILE A 613 -30.68 -34.65 -21.17
N LYS A 614 -31.24 -33.76 -22.02
CA LYS A 614 -32.60 -33.24 -21.81
C LYS A 614 -33.70 -34.01 -22.50
N VAL A 615 -33.35 -34.83 -23.47
CA VAL A 615 -34.36 -35.48 -24.33
C VAL A 615 -34.09 -37.02 -24.34
N PRO A 616 -34.64 -37.71 -23.38
CA PRO A 616 -34.50 -39.14 -23.37
C PRO A 616 -34.92 -39.90 -24.62
N GLU A 617 -36.01 -39.48 -25.26
CA GLU A 617 -36.55 -40.15 -26.47
C GLU A 617 -35.52 -40.09 -27.57
N ALA A 618 -34.58 -39.14 -27.50
CA ALA A 618 -33.53 -39.00 -28.56
C ALA A 618 -32.26 -39.87 -28.40
N ARG A 619 -32.07 -40.47 -27.22
CA ARG A 619 -30.78 -41.07 -26.86
C ARG A 619 -30.44 -42.21 -27.75
N ALA A 620 -31.42 -43.09 -27.98
CA ALA A 620 -31.18 -44.26 -28.89
C ALA A 620 -30.69 -43.85 -30.31
N ALA A 621 -31.28 -42.78 -30.83
CA ALA A 621 -30.99 -42.27 -32.14
C ALA A 621 -29.60 -41.66 -32.19
N ILE A 622 -29.26 -40.96 -31.11
CA ILE A 622 -27.94 -40.34 -30.98
C ILE A 622 -26.86 -41.42 -30.92
N ILE A 623 -27.14 -42.43 -30.12
CA ILE A 623 -26.23 -43.57 -30.02
C ILE A 623 -25.99 -44.22 -31.38
N ALA A 624 -27.06 -44.42 -32.14
CA ALA A 624 -27.00 -45.12 -33.45
C ALA A 624 -26.33 -44.30 -34.51
N MET A 625 -26.64 -43.01 -34.52
CA MET A 625 -26.06 -42.11 -35.48
C MET A 625 -24.61 -41.82 -35.18
N ASP A 626 -24.19 -42.02 -33.94
CA ASP A 626 -22.75 -41.91 -33.63
C ASP A 626 -21.94 -42.87 -34.46
N ASP A 627 -22.49 -44.05 -34.68
CA ASP A 627 -21.88 -45.05 -35.54
C ASP A 627 -22.13 -44.83 -37.02
N ALA A 628 -23.38 -44.55 -37.38
CA ALA A 628 -23.74 -44.25 -38.75
C ALA A 628 -22.87 -43.12 -39.32
N LEU A 629 -22.57 -42.11 -38.51
CA LEU A 629 -21.69 -41.02 -38.95
C LEU A 629 -20.21 -41.31 -38.78
N GLN A 630 -19.89 -42.54 -38.38
CA GLN A 630 -18.51 -43.00 -38.17
C GLN A 630 -17.67 -42.15 -37.22
N ASN A 631 -18.30 -41.73 -36.14
CA ASN A 631 -17.57 -41.07 -35.08
C ASN A 631 -16.69 -42.13 -34.39
N GLY A 632 -15.43 -41.81 -34.13
CA GLY A 632 -14.49 -42.82 -33.66
C GLY A 632 -13.52 -43.24 -34.75
N LYS A 633 -13.86 -42.88 -35.97
CA LYS A 633 -12.93 -43.02 -37.09
C LYS A 633 -11.69 -42.19 -36.79
N ARG A 634 -10.54 -42.68 -37.23
CA ARG A 634 -9.30 -41.94 -37.02
C ARG A 634 -9.14 -40.82 -38.05
N ASN A 635 -8.78 -39.62 -37.60
CA ASN A 635 -8.70 -38.42 -38.45
C ASN A 635 -7.26 -38.19 -38.80
N LEU A 636 -6.91 -38.49 -40.04
CA LEU A 636 -5.51 -38.54 -40.39
C LEU A 636 -4.82 -37.18 -40.25
N ILE A 637 -5.62 -36.11 -40.36
CA ILE A 637 -5.15 -34.74 -40.27
C ILE A 637 -4.59 -34.44 -38.88
N LYS A 638 -5.13 -35.12 -37.88
CA LYS A 638 -4.80 -34.83 -36.50
C LYS A 638 -3.62 -35.65 -35.97
N ARG A 639 -3.05 -36.49 -36.80
CA ARG A 639 -1.94 -37.36 -36.38
C ARG A 639 -0.60 -36.64 -36.48
N TRP A 640 -0.27 -35.91 -35.45
CA TRP A 640 0.81 -34.95 -35.50
C TRP A 640 2.07 -35.53 -34.93
N TRP A 641 1.98 -36.68 -34.29
CA TRP A 641 3.13 -37.22 -33.52
C TRP A 641 3.94 -38.20 -34.34
N PHE A 642 5.18 -38.41 -33.92
CA PHE A 642 6.02 -39.43 -34.54
C PHE A 642 5.73 -40.77 -33.88
N ASP A 643 5.68 -41.82 -34.69
CA ASP A 643 5.72 -43.17 -34.16
C ASP A 643 7.17 -43.63 -33.82
N LEU A 644 7.51 -43.40 -32.55
CA LEU A 644 8.83 -43.69 -32.01
C LEU A 644 8.62 -44.52 -30.76
N GLU A 645 9.40 -45.59 -30.69
CA GLU A 645 9.50 -46.47 -29.56
C GLU A 645 10.96 -46.47 -29.10
N VAL A 646 11.18 -46.04 -27.85
CA VAL A 646 12.51 -46.18 -27.22
C VAL A 646 12.75 -47.59 -26.69
N ILE A 647 13.78 -48.24 -27.28
CA ILE A 647 14.22 -49.57 -26.91
C ILE A 647 15.70 -49.47 -26.64
N ASP A 648 16.06 -49.85 -25.42
CA ASP A 648 17.47 -49.82 -24.94
C ASP A 648 18.06 -48.42 -25.01
N GLY A 649 17.27 -47.43 -24.64
CA GLY A 649 17.72 -46.02 -24.53
C GLY A 649 17.78 -45.25 -25.84
N VAL A 650 17.36 -45.88 -26.93
CA VAL A 650 17.41 -45.27 -28.28
C VAL A 650 16.05 -45.33 -28.98
N ALA A 651 15.61 -44.18 -29.47
CA ALA A 651 14.34 -44.11 -30.16
C ALA A 651 14.46 -44.72 -31.56
N GLY A 652 13.51 -45.57 -31.91
CA GLY A 652 13.51 -46.14 -33.24
C GLY A 652 12.11 -46.33 -33.74
N ALA A 653 11.98 -46.78 -34.98
CA ALA A 653 10.68 -47.16 -35.49
C ALA A 653 10.10 -48.24 -34.58
N PRO A 654 8.78 -48.37 -34.49
CA PRO A 654 8.21 -49.39 -33.65
C PRO A 654 8.61 -50.78 -34.11
N ARG A 655 9.09 -51.59 -33.18
CA ARG A 655 9.54 -52.96 -33.47
C ARG A 655 8.42 -53.84 -34.02
N MET A 656 7.26 -53.79 -33.37
CA MET A 656 6.15 -54.69 -33.69
C MET A 656 5.05 -54.05 -34.51
N GLY A 657 5.13 -52.75 -34.70
CA GLY A 657 4.16 -52.04 -35.53
C GLY A 657 3.39 -51.03 -34.72
N THR A 658 2.28 -50.58 -35.30
CA THR A 658 1.45 -49.52 -34.72
C THR A 658 -0.05 -49.84 -34.94
N ASN A 659 -0.81 -49.82 -33.85
CA ASN A 659 -2.25 -49.97 -33.92
C ASN A 659 -2.88 -48.79 -34.68
N GLU A 660 -3.73 -49.13 -35.63
CA GLU A 660 -4.39 -48.15 -36.49
C GLU A 660 -5.77 -48.68 -36.62
N ARG A 661 -6.42 -48.79 -35.49
CA ARG A 661 -7.74 -49.37 -35.40
C ARG A 661 -8.85 -48.49 -35.98
N ASP A 662 -9.85 -49.17 -36.54
CA ASP A 662 -11.03 -48.54 -37.11
C ASP A 662 -12.28 -49.00 -36.38
N LEU A 663 -13.42 -48.40 -36.69
CA LEU A 663 -14.69 -48.83 -36.06
C LEU A 663 -14.92 -50.32 -36.30
N SER A 664 -15.45 -51.02 -35.29
CA SER A 664 -15.56 -52.47 -35.26
C SER A 664 -17.02 -52.86 -35.39
N PRO A 665 -17.30 -54.11 -35.82
CA PRO A 665 -18.69 -54.50 -36.03
C PRO A 665 -19.33 -55.07 -34.78
N ASP A 666 -20.66 -55.07 -34.74
CA ASP A 666 -21.43 -55.52 -33.56
C ASP A 666 -21.06 -56.90 -33.10
N ARG A 667 -21.16 -57.11 -31.79
CA ARG A 667 -20.70 -58.34 -31.20
C ARG A 667 -21.84 -59.37 -31.21
N GLY A 668 -23.07 -58.92 -31.39
CA GLY A 668 -24.16 -59.87 -31.25
C GLY A 668 -25.26 -59.40 -30.31
N ASP A 669 -26.44 -59.98 -30.50
CA ASP A 669 -27.58 -59.70 -29.63
C ASP A 669 -27.33 -60.39 -28.25
N LYS A 670 -26.64 -61.54 -28.26
CA LYS A 670 -26.53 -62.37 -27.05
C LYS A 670 -25.23 -62.12 -26.21
N ILE A 671 -24.40 -61.17 -26.63
CA ILE A 671 -23.07 -60.94 -26.02
C ILE A 671 -23.14 -60.57 -24.55
N GLY A 672 -24.15 -59.80 -24.15
CA GLY A 672 -24.31 -59.40 -22.71
C GLY A 672 -24.51 -60.59 -21.78
N ALA A 673 -25.22 -61.59 -22.28
CA ALA A 673 -25.45 -62.86 -21.60
C ALA A 673 -24.25 -63.80 -21.64
N ASN A 674 -23.43 -63.74 -22.70
CA ASN A 674 -22.39 -64.74 -22.88
C ASN A 674 -21.03 -64.32 -22.41
N GLN A 675 -20.77 -63.02 -22.44
CA GLN A 675 -19.47 -62.52 -21.98
C GLN A 675 -19.37 -62.83 -20.48
N LYS A 676 -18.26 -63.44 -20.08
CA LYS A 676 -17.92 -63.66 -18.66
C LYS A 676 -16.58 -62.99 -18.34
N LEU A 677 -16.69 -62.01 -17.45
CA LEU A 677 -15.56 -61.23 -16.98
C LEU A 677 -15.26 -61.62 -15.53
N ALA A 678 -14.02 -61.34 -15.12
CA ALA A 678 -13.58 -61.52 -13.76
C ALA A 678 -13.57 -60.22 -12.99
N MET A 679 -14.00 -60.30 -11.75
CA MET A 679 -13.92 -59.16 -10.82
C MET A 679 -13.10 -59.51 -9.59
N TYR A 680 -12.49 -58.48 -9.02
CA TYR A 680 -11.53 -58.65 -7.94
C TYR A 680 -11.85 -57.66 -6.81
N PRO A 681 -12.99 -57.88 -6.12
CA PRO A 681 -13.36 -57.10 -4.96
C PRO A 681 -12.43 -57.58 -3.85
N PRO A 682 -12.38 -56.86 -2.71
CA PRO A 682 -11.36 -57.07 -1.65
C PRO A 682 -11.02 -58.53 -1.35
N ARG A 683 -12.03 -59.35 -1.23
CA ARG A 683 -11.87 -60.76 -1.02
C ARG A 683 -10.85 -61.45 -1.93
N LEU A 684 -10.75 -61.01 -3.18
CA LEU A 684 -9.80 -61.59 -4.14
C LEU A 684 -8.55 -60.72 -4.37
N GLN A 685 -8.37 -59.75 -3.50
CA GLN A 685 -7.23 -58.84 -3.54
C GLN A 685 -6.18 -59.28 -2.49
N PRO A 686 -4.95 -58.76 -2.59
CA PRO A 686 -4.01 -58.91 -1.51
C PRO A 686 -4.59 -58.18 -0.33
N PRO A 687 -4.55 -58.79 0.86
CA PRO A 687 -5.21 -58.18 2.04
C PRO A 687 -4.45 -56.98 2.55
N PRO A 688 -5.07 -56.12 3.37
CA PRO A 688 -4.50 -54.85 3.84
C PRO A 688 -3.08 -54.80 4.42
N GLY A 689 -2.53 -55.86 4.90
CA GLY A 689 -1.06 -55.71 5.21
C GLY A 689 -0.01 -55.84 4.07
N THR A 690 -0.46 -56.32 2.92
CA THR A 690 0.41 -56.91 1.96
C THR A 690 1.25 -55.83 1.26
N THR A 691 2.52 -56.18 1.01
CA THR A 691 3.47 -55.32 0.33
C THR A 691 3.89 -55.91 -1.01
N LEU A 692 4.68 -55.16 -1.78
CA LEU A 692 5.19 -55.58 -3.10
C LEU A 692 6.12 -56.78 -3.00
N ASP A 693 6.62 -57.07 -1.80
CA ASP A 693 7.59 -58.19 -1.61
C ASP A 693 6.96 -59.55 -1.64
N ALA A 694 5.65 -59.57 -1.46
CA ALA A 694 4.84 -60.76 -1.61
C ALA A 694 4.29 -60.81 -3.04
N VAL A 695 4.05 -62.02 -3.51
CA VAL A 695 3.36 -62.30 -4.77
C VAL A 695 2.04 -63.00 -4.44
N LEU A 696 0.97 -62.56 -5.08
CA LEU A 696 -0.33 -63.19 -4.97
C LEU A 696 -0.90 -63.39 -6.37
N PRO A 697 -0.65 -64.56 -6.97
CA PRO A 697 -1.07 -64.68 -8.37
C PRO A 697 -2.56 -64.37 -8.48
N VAL A 698 -2.95 -63.67 -9.54
CA VAL A 698 -4.37 -63.32 -9.70
C VAL A 698 -5.22 -64.58 -9.83
N ASP A 699 -6.26 -64.69 -9.03
CA ASP A 699 -7.13 -65.88 -9.10
C ASP A 699 -8.24 -65.69 -10.08
N ARG A 700 -7.92 -65.86 -11.37
CA ARG A 700 -8.86 -65.54 -12.44
C ARG A 700 -10.11 -66.39 -12.37
N SER A 701 -9.97 -67.69 -12.11
CA SER A 701 -11.14 -68.57 -12.07
C SER A 701 -12.10 -68.16 -10.90
N GLY A 702 -11.54 -67.70 -9.79
CA GLY A 702 -12.35 -67.24 -8.67
C GLY A 702 -12.97 -65.90 -8.97
N GLY A 703 -12.31 -65.13 -9.81
CA GLY A 703 -12.79 -63.82 -10.19
C GLY A 703 -13.94 -63.97 -11.16
N LEU A 704 -13.85 -64.98 -12.05
CA LEU A 704 -14.95 -65.31 -12.94
C LEU A 704 -16.23 -65.68 -12.14
N ALA A 705 -16.04 -66.51 -11.13
CA ALA A 705 -17.12 -66.99 -10.28
C ALA A 705 -17.67 -65.92 -9.41
N GLU A 706 -16.78 -65.09 -8.91
CA GLU A 706 -17.18 -63.92 -8.13
C GLU A 706 -18.18 -63.09 -8.94
N TYR A 707 -17.83 -62.78 -10.20
CA TYR A 707 -18.69 -61.93 -11.06
C TYR A 707 -20.03 -62.61 -11.21
N ALA A 708 -20.02 -63.92 -11.40
CA ALA A 708 -21.27 -64.66 -11.65
C ALA A 708 -22.18 -64.63 -10.44
N ALA A 709 -21.57 -64.45 -9.28
CA ALA A 709 -22.23 -64.43 -7.98
C ALA A 709 -22.55 -63.04 -7.47
N ALA A 710 -22.12 -62.01 -8.19
CA ALA A 710 -22.37 -60.62 -7.78
C ALA A 710 -23.83 -60.37 -7.66
N GLU A 711 -24.22 -59.70 -6.59
CA GLU A 711 -25.59 -59.30 -6.40
C GLU A 711 -26.03 -58.17 -7.37
N THR A 712 -27.30 -58.19 -7.75
CA THR A 712 -27.84 -57.20 -8.63
C THR A 712 -28.20 -56.00 -7.80
N PRO A 713 -28.10 -54.82 -8.41
CA PRO A 713 -28.38 -53.58 -7.67
C PRO A 713 -29.81 -53.53 -7.20
N ALA A 714 -30.68 -54.17 -7.98
CA ALA A 714 -32.09 -54.33 -7.64
C ALA A 714 -32.29 -55.09 -6.32
N ALA A 715 -31.65 -56.25 -6.26
CA ALA A 715 -31.66 -57.11 -5.06
C ALA A 715 -31.07 -56.39 -3.88
N ALA A 716 -29.95 -55.72 -4.10
CA ALA A 716 -29.37 -54.94 -3.02
C ALA A 716 -30.36 -53.91 -2.43
N ARG A 717 -31.01 -53.12 -3.28
CA ARG A 717 -32.01 -52.15 -2.83
C ARG A 717 -33.15 -52.82 -2.04
N ALA A 718 -33.60 -53.98 -2.49
CA ALA A 718 -34.64 -54.69 -1.75
C ALA A 718 -34.15 -55.12 -0.38
N ARG A 719 -32.90 -55.58 -0.36
CA ARG A 719 -32.24 -56.06 0.85
C ARG A 719 -32.06 -54.95 1.86
N LEU A 720 -31.62 -53.80 1.37
CA LEU A 720 -31.43 -52.65 2.24
C LEU A 720 -32.76 -52.09 2.76
N LYS A 721 -33.79 -52.14 1.90
CA LYS A 721 -35.14 -51.64 2.26
C LYS A 721 -35.70 -52.51 3.45
N SER A 722 -35.40 -53.81 3.49
CA SER A 722 -35.92 -54.67 4.57
C SER A 722 -35.28 -54.45 5.96
N SER A 723 -34.13 -53.77 6.03
CA SER A 723 -33.61 -53.24 7.28
C SER A 723 -33.89 -51.74 7.50
N ALA A 724 -34.90 -51.19 6.82
CA ALA A 724 -35.28 -49.78 7.00
C ALA A 724 -36.52 -49.68 7.89
N ALA B 24 -2.87 9.06 11.65
CA ALA B 24 -3.42 8.79 13.00
C ALA B 24 -2.64 9.56 14.11
N GLN B 25 -1.30 9.58 14.10
CA GLN B 25 -0.53 10.15 15.24
C GLN B 25 -0.50 11.73 15.19
N ILE B 26 -1.34 12.43 15.99
CA ILE B 26 -1.60 13.93 15.89
C ILE B 26 -0.75 14.75 16.93
N SER B 27 -0.04 13.99 17.77
CA SER B 27 0.55 14.48 19.03
C SER B 27 1.99 15.05 18.92
N MET B 28 2.66 14.92 17.76
CA MET B 28 4.00 15.55 17.53
C MET B 28 3.94 17.07 17.54
N ARG B 29 5.07 17.64 17.92
CA ARG B 29 5.25 19.05 17.90
C ARG B 29 5.10 19.57 16.49
N LEU B 30 4.37 20.66 16.37
CA LEU B 30 4.32 21.43 15.15
C LEU B 30 5.57 22.31 14.96
N TYR B 31 6.13 22.82 16.07
CA TYR B 31 7.17 23.84 16.07
C TYR B 31 8.53 23.28 16.50
N SER B 32 9.60 23.73 15.84
CA SER B 32 10.95 23.26 16.14
C SER B 32 11.53 23.94 17.35
N ASN B 33 12.35 23.21 18.09
CA ASN B 33 13.06 23.79 19.22
C ASN B 33 14.49 24.23 18.89
N ARG B 34 14.80 24.40 17.61
CA ARG B 34 16.17 24.61 17.19
C ARG B 34 16.78 25.87 17.81
N ASP B 35 15.92 26.84 18.14
CA ASP B 35 16.38 28.08 18.79
C ASP B 35 16.16 28.15 20.31
N ARG B 36 15.69 27.04 20.88
CA ARG B 36 15.51 26.90 22.31
C ARG B 36 16.78 26.29 22.95
N PRO B 37 17.39 26.98 23.90
CA PRO B 37 18.49 26.40 24.64
C PRO B 37 18.06 25.29 25.56
N ASN B 38 18.94 24.33 25.77
CA ASN B 38 18.60 23.13 26.53
C ASN B 38 18.20 23.33 27.98
N HIS B 39 18.78 24.34 28.63
CA HIS B 39 18.42 24.62 30.02
C HIS B 39 16.98 25.03 30.29
N LEU B 40 16.24 25.36 29.21
CA LEU B 40 14.81 25.74 29.30
C LEU B 40 13.90 24.53 29.36
N GLY B 41 14.42 23.40 28.90
CA GLY B 41 13.66 22.18 28.93
C GLY B 41 12.61 22.03 27.87
N PRO B 42 11.92 20.88 27.86
CA PRO B 42 10.81 20.62 26.93
C PRO B 42 9.49 21.30 27.28
N LEU B 43 9.35 21.83 28.50
CA LEU B 43 8.15 22.47 28.98
C LEU B 43 8.30 23.98 29.01
N ALA B 44 7.19 24.69 28.80
CA ALA B 44 7.25 26.16 28.74
C ALA B 44 7.14 26.77 30.14
N LEU B 45 8.13 26.46 30.98
CA LEU B 45 8.09 26.86 32.38
C LEU B 45 8.26 28.40 32.51
N GLU B 46 8.98 28.97 31.54
CA GLU B 46 9.23 30.39 31.48
C GLU B 46 7.99 31.23 31.20
N ARG B 47 6.88 30.58 30.80
CA ARG B 47 5.60 31.24 30.59
C ARG B 47 4.62 31.12 31.74
N LEU B 48 5.09 30.60 32.87
CA LEU B 48 4.24 30.40 34.03
C LEU B 48 4.40 31.60 34.96
N ALA B 49 3.29 31.98 35.58
CA ALA B 49 3.27 33.05 36.57
C ALA B 49 4.16 32.72 37.77
N ARG B 50 5.05 33.68 38.11
CA ARG B 50 5.98 33.58 39.25
C ARG B 50 6.01 34.81 40.12
N VAL B 51 6.49 34.60 41.34
CA VAL B 51 6.71 35.66 42.32
C VAL B 51 8.08 35.50 42.92
N ASP B 52 8.58 36.54 43.56
CA ASP B 52 9.96 36.53 44.12
C ASP B 52 10.12 35.53 45.25
N ASP B 53 9.13 35.42 46.12
CA ASP B 53 9.19 34.51 47.26
C ASP B 53 7.83 33.97 47.59
N VAL B 54 7.79 32.89 48.37
CA VAL B 54 6.52 32.38 48.88
C VAL B 54 6.71 31.82 50.27
N VAL B 55 5.62 31.79 51.02
CA VAL B 55 5.67 31.40 52.40
C VAL B 55 5.73 29.88 52.40
N ALA B 56 6.71 29.32 53.11
CA ALA B 56 6.79 27.86 53.27
C ALA B 56 5.52 27.33 53.93
N GLN B 57 5.14 26.12 53.55
CA GLN B 57 4.05 25.40 54.20
C GLN B 57 4.22 23.91 54.06
N PRO B 58 3.68 23.15 55.03
CA PRO B 58 3.93 21.70 54.97
C PRO B 58 3.27 21.02 53.77
N ALA B 59 3.99 20.06 53.20
CA ALA B 59 3.58 19.40 51.96
C ALA B 59 4.32 18.10 51.76
N ARG B 60 3.66 17.13 51.16
CA ARG B 60 4.31 15.89 50.79
C ARG B 60 4.29 15.66 49.27
N GLN B 61 5.15 14.74 48.85
CA GLN B 61 5.24 14.40 47.44
C GLN B 61 4.06 13.54 47.07
N PRO B 62 3.67 13.56 45.79
CA PRO B 62 2.70 12.59 45.30
C PRO B 62 3.11 11.13 45.60
N GLU B 63 2.11 10.29 45.81
CA GLU B 63 2.28 8.87 46.08
C GLU B 63 1.43 8.06 45.12
N ASP B 64 1.59 6.74 45.10
CA ASP B 64 0.70 5.91 44.28
C ASP B 64 -0.71 5.91 44.89
N GLY B 65 -1.74 5.82 44.02
CA GLY B 65 -3.11 5.67 44.48
C GLY B 65 -3.32 4.27 45.08
N PHE B 66 -3.07 3.23 44.28
CA PHE B 66 -3.21 1.83 44.71
C PHE B 66 -1.88 1.28 45.33
N ALA B 67 -1.98 0.36 46.28
CA ALA B 67 -0.79 -0.29 46.82
C ALA B 67 -0.29 -1.43 45.91
N ALA B 68 0.95 -1.85 46.12
CA ALA B 68 1.64 -2.80 45.21
C ALA B 68 1.51 -4.24 45.69
N SER B 69 1.09 -5.15 44.80
CA SER B 69 0.98 -6.57 45.16
C SER B 69 2.34 -7.24 45.43
N GLU B 70 2.32 -8.44 45.98
CA GLU B 70 3.54 -9.17 46.29
C GLU B 70 4.23 -9.61 44.98
N ASP B 71 3.42 -9.89 43.94
CA ASP B 71 3.97 -10.25 42.60
C ASP B 71 4.23 -9.02 41.62
N SER B 72 4.59 -7.90 42.26
CA SER B 72 4.96 -6.66 41.58
C SER B 72 6.46 -6.47 41.60
N LEU B 73 6.90 -5.44 40.90
CA LEU B 73 8.35 -5.17 40.71
C LEU B 73 8.98 -4.29 41.79
N LEU B 74 8.20 -3.95 42.82
CA LEU B 74 8.61 -2.95 43.79
C LEU B 74 9.98 -3.23 44.42
N GLY B 75 10.25 -4.50 44.74
CA GLY B 75 11.50 -4.88 45.38
C GLY B 75 12.71 -4.57 44.55
N ASP B 76 12.52 -4.67 43.24
CA ASP B 76 13.60 -4.47 42.26
C ASP B 76 13.96 -2.99 42.04
N VAL B 77 12.97 -2.13 41.90
CA VAL B 77 13.25 -0.70 41.82
C VAL B 77 13.81 -0.20 43.15
N GLU B 78 13.39 -0.79 44.26
CA GLU B 78 13.96 -0.46 45.56
C GLU B 78 15.39 -0.86 45.67
N GLU B 79 15.77 -2.00 45.10
CA GLU B 79 17.17 -2.45 45.14
C GLU B 79 18.12 -1.55 44.36
N TYR B 80 17.71 -1.16 43.15
CA TYR B 80 18.53 -0.24 42.31
C TYR B 80 18.62 1.16 42.94
N ALA B 81 17.55 1.59 43.56
CA ALA B 81 17.54 2.86 44.28
C ALA B 81 18.53 2.82 45.45
N ARG B 82 18.56 1.69 46.18
CA ARG B 82 19.54 1.53 47.26
C ARG B 82 20.98 1.54 46.73
N LEU B 83 21.18 0.90 45.59
CA LEU B 83 22.48 0.95 44.93
C LEU B 83 22.88 2.38 44.61
N PHE B 84 22.01 3.12 43.95
CA PHE B 84 22.37 4.49 43.52
C PHE B 84 22.56 5.41 44.74
N THR B 85 21.87 5.11 45.82
CA THR B 85 22.04 5.83 47.05
C THR B 85 23.48 5.95 47.48
N ARG B 86 24.27 4.94 47.15
CA ARG B 86 25.68 4.87 47.52
C ARG B 86 26.52 5.97 46.88
N PHE B 87 25.98 6.58 45.84
CA PHE B 87 26.75 7.55 45.03
C PHE B 87 26.24 8.97 45.14
N LEU B 88 25.34 9.17 46.08
CA LEU B 88 24.81 10.50 46.40
C LEU B 88 25.91 11.36 46.95
N ASP B 89 26.91 10.70 47.55
CA ASP B 89 28.11 11.40 47.97
C ASP B 89 29.33 10.61 47.59
N GLY B 90 30.47 11.28 47.57
CA GLY B 90 31.69 10.64 47.17
C GLY B 90 32.86 11.61 47.27
N PRO B 91 34.02 11.18 46.80
CA PRO B 91 35.19 12.01 46.85
C PRO B 91 35.12 13.21 45.90
N VAL B 92 35.67 14.33 46.37
CA VAL B 92 35.69 15.59 45.64
C VAL B 92 37.07 15.75 44.97
N ALA B 93 37.05 16.07 43.70
CA ALA B 93 38.27 16.25 42.94
C ALA B 93 38.94 17.56 43.27
N PRO B 94 40.23 17.65 42.98
CA PRO B 94 40.85 18.97 43.11
C PRO B 94 40.23 19.97 42.15
N LEU B 95 40.17 21.21 42.61
CA LEU B 95 39.66 22.27 41.81
C LEU B 95 40.70 22.70 40.77
N GLY B 96 40.34 22.60 39.50
CA GLY B 96 41.17 23.11 38.44
C GLY B 96 40.84 24.57 38.15
N ASP B 97 41.39 25.08 37.04
CA ASP B 97 41.25 26.46 36.62
C ASP B 97 40.33 26.66 35.41
N ALA B 98 39.45 25.70 35.15
CA ALA B 98 38.64 25.77 33.92
C ALA B 98 37.14 25.85 34.11
N ILE B 99 36.68 26.03 35.34
CA ILE B 99 35.23 26.06 35.63
C ILE B 99 34.66 27.45 35.62
N PRO B 100 33.62 27.67 34.80
CA PRO B 100 33.09 29.04 34.63
C PRO B 100 32.67 29.62 35.94
N ASP B 101 32.93 30.92 36.09
CA ASP B 101 32.64 31.63 37.33
C ASP B 101 31.20 32.06 37.38
N ASP B 102 30.64 32.40 36.23
CA ASP B 102 29.28 32.98 36.16
C ASP B 102 28.20 32.04 36.69
N PRO B 103 27.52 32.40 37.80
CA PRO B 103 26.47 31.50 38.30
C PRO B 103 25.29 31.27 37.37
N ALA B 104 25.03 32.22 36.48
CA ALA B 104 23.96 32.09 35.49
C ALA B 104 24.32 31.00 34.52
N ARG B 105 25.56 31.01 34.06
CA ARG B 105 26.03 30.00 33.11
C ARG B 105 26.15 28.64 33.76
N ARG B 106 26.57 28.64 35.03
CA ARG B 106 26.60 27.42 35.84
C ARG B 106 25.21 26.81 36.02
N ALA B 107 24.22 27.65 36.28
CA ALA B 107 22.81 27.23 36.42
C ALA B 107 22.29 26.60 35.12
N GLU B 108 22.53 27.29 34.02
CA GLU B 108 22.09 26.82 32.74
C GLU B 108 22.69 25.46 32.42
N ASN B 109 24.00 25.32 32.64
CA ASN B 109 24.70 24.04 32.38
C ASN B 109 24.19 22.86 33.21
N LEU B 110 23.85 23.13 34.46
CA LEU B 110 23.39 22.09 35.38
C LEU B 110 21.92 21.75 35.13
N LYS B 111 21.10 22.74 34.83
CA LYS B 111 19.75 22.46 34.32
C LYS B 111 19.77 21.66 33.02
N ALA B 112 20.60 22.05 32.08
CA ALA B 112 20.73 21.33 30.84
C ALA B 112 21.23 19.91 31.04
N SER B 113 22.20 19.73 31.93
CA SER B 113 22.65 18.39 32.37
C SER B 113 21.50 17.50 32.91
N ALA B 114 20.67 18.07 33.76
CA ALA B 114 19.55 17.36 34.36
C ALA B 114 18.47 17.04 33.32
N TYR B 115 18.19 17.95 32.41
CA TYR B 115 17.23 17.61 31.34
C TYR B 115 17.81 16.53 30.43
N PHE B 116 19.12 16.55 30.18
CA PHE B 116 19.78 15.56 29.32
C PHE B 116 19.59 14.16 29.91
N LEU B 117 19.53 14.07 31.22
CA LEU B 117 19.30 12.82 31.96
C LEU B 117 17.81 12.55 32.20
N ASP B 118 16.97 13.33 31.56
CA ASP B 118 15.50 13.15 31.59
C ASP B 118 14.81 13.48 32.90
N ALA B 119 15.32 14.49 33.60
CA ALA B 119 14.49 15.21 34.55
C ALA B 119 13.31 15.82 33.73
N SER B 120 12.10 15.82 34.31
CA SER B 120 10.91 16.40 33.64
C SER B 120 10.91 17.91 33.77
N MET B 121 11.36 18.36 34.94
CA MET B 121 11.28 19.74 35.35
C MET B 121 12.44 20.02 36.31
N VAL B 122 13.06 21.17 36.14
CA VAL B 122 14.26 21.51 36.91
C VAL B 122 14.20 22.98 37.39
N GLY B 123 14.67 23.20 38.60
CA GLY B 123 14.75 24.50 39.19
C GLY B 123 15.92 24.57 40.15
N ILE B 124 16.21 25.78 40.60
CA ILE B 124 17.35 26.04 41.49
C ILE B 124 16.91 27.05 42.53
N CYS B 125 17.28 26.76 43.78
CA CYS B 125 17.07 27.69 44.85
C CYS B 125 18.27 27.78 45.81
N ARG B 126 18.29 28.89 46.55
CA ARG B 126 19.20 29.10 47.66
C ARG B 126 18.82 28.19 48.82
N LEU B 127 19.82 27.71 49.56
CA LEU B 127 19.58 27.03 50.85
C LEU B 127 19.70 28.03 52.01
N ASP B 128 18.83 27.93 53.01
CA ASP B 128 18.85 28.83 54.15
C ASP B 128 19.43 28.04 55.33
N PRO B 129 19.57 28.67 56.51
CA PRO B 129 20.20 27.92 57.65
C PRO B 129 19.39 26.77 58.25
N ASP B 130 18.07 26.76 58.13
CA ASP B 130 17.25 25.59 58.54
C ASP B 130 17.64 24.33 57.81
N ASP B 131 18.08 24.52 56.57
CA ASP B 131 18.46 23.42 55.66
C ASP B 131 19.81 22.79 56.04
N ARG B 132 20.78 23.69 56.24
CA ARG B 132 22.10 23.34 56.75
C ARG B 132 22.09 22.92 58.21
N ALA B 133 21.12 23.42 58.99
CA ALA B 133 20.95 22.99 60.39
C ALA B 133 21.01 21.45 60.53
N GLY B 134 20.42 20.74 59.58
CA GLY B 134 20.36 19.27 59.64
C GLY B 134 21.70 18.63 59.29
N ASP B 135 21.63 17.34 58.93
CA ASP B 135 22.81 16.57 58.48
C ASP B 135 23.53 17.11 57.25
N CYS B 136 22.90 18.06 56.58
CA CYS B 136 23.43 18.61 55.37
C CYS B 136 24.73 19.38 55.66
N ASP B 137 25.72 19.15 54.80
CA ASP B 137 26.99 19.89 54.80
C ASP B 137 26.67 21.38 54.91
N PRO B 138 27.27 22.08 55.89
CA PRO B 138 26.98 23.51 56.08
C PRO B 138 27.67 24.44 55.09
N SER B 139 28.50 23.89 54.21
CA SER B 139 29.14 24.70 53.18
C SER B 139 28.20 24.87 51.99
N HIS B 140 27.08 24.18 52.05
CA HIS B 140 26.14 24.11 50.93
C HIS B 140 25.20 25.34 50.93
N THR B 141 25.24 26.08 49.83
CA THR B 141 24.48 27.32 49.68
C THR B 141 23.28 27.25 48.73
N HIS B 142 23.35 26.34 47.74
CA HIS B 142 22.36 26.20 46.72
C HIS B 142 21.89 24.78 46.51
N ALA B 143 20.65 24.69 46.05
CA ALA B 143 20.02 23.41 45.67
C ALA B 143 19.56 23.38 44.21
N LEU B 144 19.95 22.30 43.53
CA LEU B 144 19.40 21.97 42.19
C LEU B 144 18.24 21.03 42.45
N VAL B 145 17.04 21.50 42.18
CA VAL B 145 15.88 20.70 42.42
C VAL B 145 15.33 20.25 41.07
N PHE B 146 15.00 18.97 40.97
CA PHE B 146 14.39 18.43 39.77
C PHE B 146 13.24 17.46 40.12
N ALA B 147 12.25 17.41 39.26
CA ALA B 147 11.17 16.47 39.37
C ALA B 147 11.23 15.49 38.18
N VAL B 148 10.86 14.25 38.45
CA VAL B 148 10.68 13.23 37.44
C VAL B 148 9.21 12.80 37.51
N GLN B 149 8.49 12.87 36.38
CA GLN B 149 7.11 12.50 36.35
C GLN B 149 6.92 11.00 36.51
N PHE B 150 5.81 10.62 37.14
CA PHE B 150 5.38 9.22 37.23
C PHE B 150 5.28 8.61 35.84
N GLY B 151 5.65 7.33 35.77
CA GLY B 151 5.53 6.57 34.51
C GLY B 151 4.10 6.31 34.13
N ARG B 152 3.85 6.07 32.84
CA ARG B 152 2.51 5.63 32.44
C ARG B 152 2.41 4.19 32.93
N GLU B 153 1.21 3.80 33.38
CA GLU B 153 0.93 2.44 33.79
C GLU B 153 -0.08 1.78 32.86
N PRO B 154 -0.09 0.43 32.79
CA PRO B 154 -1.15 -0.22 31.99
C PRO B 154 -2.53 -0.03 32.62
N GLU B 155 -3.55 0.15 31.78
CA GLU B 155 -4.94 0.19 32.22
C GLU B 155 -5.25 -1.15 32.81
N ALA B 156 -6.32 -1.19 33.58
CA ALA B 156 -6.73 -2.41 34.29
C ALA B 156 -7.05 -3.53 33.31
N GLY B 157 -6.56 -4.74 33.63
CA GLY B 157 -6.70 -5.88 32.72
C GLY B 157 -5.77 -5.92 31.51
N GLU B 158 -4.94 -4.88 31.31
CA GLU B 158 -3.87 -4.90 30.31
C GLU B 158 -2.76 -5.75 30.91
N ALA B 159 -2.05 -6.46 30.03
CA ALA B 159 -0.94 -7.35 30.46
C ALA B 159 0.06 -6.55 31.26
N GLY B 160 0.44 -7.06 32.40
CA GLY B 160 1.49 -6.45 33.25
C GLY B 160 1.07 -5.39 34.23
N ALA B 161 -0.22 -5.06 34.30
CA ALA B 161 -0.71 -4.04 35.24
C ALA B 161 -0.39 -4.42 36.66
N GLU B 162 -0.55 -5.69 36.99
CA GLU B 162 -0.32 -6.13 38.37
C GLU B 162 1.17 -6.12 38.72
N TRP B 163 2.06 -6.18 37.72
CA TRP B 163 3.51 -6.01 37.93
C TRP B 163 3.89 -4.61 38.32
N ILE B 164 3.12 -3.66 37.83
CA ILE B 164 3.45 -2.25 37.82
C ILE B 164 2.64 -1.42 38.81
N ARG B 165 1.36 -1.76 39.01
CA ARG B 165 0.47 -0.98 39.86
C ARG B 165 1.06 -0.74 41.24
N GLY B 166 1.10 0.51 41.67
CA GLY B 166 1.56 0.84 43.01
C GLY B 166 3.06 0.85 43.20
N THR B 167 3.81 0.77 42.10
CA THR B 167 5.30 0.83 42.11
C THR B 167 5.85 2.17 41.57
N ASN B 168 4.98 3.13 41.23
CA ASN B 168 5.41 4.37 40.56
C ASN B 168 6.24 5.36 41.39
N ALA B 169 5.91 5.50 42.67
CA ALA B 169 6.68 6.37 43.53
C ALA B 169 8.07 5.81 43.65
N ALA B 170 8.15 4.50 43.76
CA ALA B 170 9.45 3.83 44.00
C ALA B 170 10.26 3.74 42.69
N ARG B 171 9.58 3.39 41.62
CA ARG B 171 10.18 3.47 40.26
C ARG B 171 10.69 4.86 39.92
N THR B 172 9.93 5.87 40.28
CA THR B 172 10.30 7.27 39.99
C THR B 172 11.41 7.73 40.95
N ASP B 173 11.35 7.24 42.18
CA ASP B 173 12.38 7.54 43.16
C ASP B 173 13.73 6.98 42.70
N MET B 174 13.71 5.80 42.10
CA MET B 174 14.92 5.19 41.57
C MET B 174 15.59 6.08 40.52
N ARG B 175 14.76 6.57 39.62
CA ARG B 175 15.19 7.53 38.61
C ARG B 175 15.76 8.83 39.23
N CYS B 176 15.13 9.33 40.28
CA CYS B 176 15.62 10.50 40.97
C CYS B 176 16.98 10.29 41.66
N ALA B 177 17.12 9.16 42.37
CA ALA B 177 18.37 8.74 42.97
C ALA B 177 19.45 8.67 41.92
N GLU B 178 19.11 8.06 40.77
CA GLU B 178 20.04 7.93 39.66
C GLU B 178 20.54 9.30 39.23
N ILE B 179 19.62 10.22 38.98
CA ILE B 179 19.94 11.53 38.44
C ILE B 179 20.74 12.36 39.46
N ALA B 180 20.32 12.29 40.72
CA ALA B 180 20.96 13.07 41.80
C ALA B 180 22.36 12.57 42.05
N ALA B 181 22.55 11.26 41.87
CA ALA B 181 23.87 10.61 42.06
C ALA B 181 24.84 11.01 40.94
N ILE B 182 24.33 11.05 39.72
CA ILE B 182 25.14 11.47 38.57
C ILE B 182 25.49 12.97 38.62
N LEU B 183 24.50 13.78 38.95
CA LEU B 183 24.69 15.23 38.92
C LEU B 183 25.57 15.69 40.08
N SER B 184 25.33 15.15 41.26
CA SER B 184 26.18 15.43 42.43
C SER B 184 27.62 14.98 42.16
N GLY B 185 27.75 13.83 41.49
CA GLY B 185 29.08 13.31 41.08
C GLY B 185 29.80 14.20 40.07
N TYR B 186 29.06 14.68 39.09
CA TYR B 186 29.56 15.60 38.07
C TYR B 186 30.17 16.85 38.74
N VAL B 187 29.47 17.39 39.74
CA VAL B 187 29.88 18.64 40.40
C VAL B 187 31.10 18.38 41.29
N ARG B 188 31.07 17.26 42.01
CA ARG B 188 32.23 16.80 42.77
C ARG B 188 33.48 16.65 41.90
N TRP B 189 33.31 16.11 40.70
CA TRP B 189 34.41 16.02 39.69
C TRP B 189 34.88 17.36 39.16
N MET B 190 34.02 18.36 39.24
CA MET B 190 34.42 19.73 38.92
C MET B 190 35.16 20.41 40.12
N GLY B 191 35.15 19.75 41.26
CA GLY B 191 35.96 20.13 42.42
C GLY B 191 35.17 20.75 43.52
N PHE B 192 33.85 20.59 43.47
CA PHE B 192 32.96 21.24 44.42
C PHE B 192 32.27 20.16 45.20
N PRO B 193 32.25 20.27 46.53
CA PRO B 193 31.41 19.37 47.28
C PRO B 193 29.96 19.45 46.87
N ALA B 194 29.32 18.29 46.87
CA ALA B 194 27.92 18.14 46.43
C ALA B 194 27.32 16.80 46.88
N ARG B 195 26.05 16.85 47.21
CA ARG B 195 25.37 15.71 47.77
C ARG B 195 24.02 15.61 47.09
N GLY B 196 23.73 14.42 46.59
CA GLY B 196 22.44 14.13 46.00
C GLY B 196 21.46 13.66 47.05
N HIS B 197 20.19 14.00 46.89
CA HIS B 197 19.15 13.67 47.87
C HIS B 197 17.90 13.19 47.13
N PHE B 198 17.20 12.26 47.75
CA PHE B 198 15.90 11.83 47.26
C PHE B 198 15.12 11.18 48.40
N SER B 199 13.89 10.78 48.12
CA SER B 199 13.05 10.30 49.23
C SER B 199 13.71 9.20 50.09
N GLY B 200 14.39 8.27 49.46
CA GLY B 200 15.12 7.22 50.17
C GLY B 200 16.34 7.65 50.97
N ASP B 201 16.88 8.83 50.69
CA ASP B 201 18.05 9.31 51.41
C ASP B 201 18.21 10.77 51.06
N ALA B 202 17.79 11.61 52.02
CA ALA B 202 17.81 13.06 51.90
C ALA B 202 18.14 13.64 53.27
N GLN B 203 18.88 14.73 53.25
CA GLN B 203 19.25 15.47 54.46
C GLN B 203 18.55 16.81 54.53
N VAL B 204 17.77 17.11 53.48
CA VAL B 204 17.03 18.37 53.34
C VAL B 204 15.57 18.09 53.01
N ASP B 205 14.73 19.14 53.16
CA ASP B 205 13.31 19.02 52.93
C ASP B 205 13.01 19.18 51.45
N LEU B 206 12.77 18.04 50.82
CA LEU B 206 12.64 17.95 49.38
C LEU B 206 11.47 18.82 48.87
N ALA B 207 10.29 18.65 49.48
CA ALA B 207 9.10 19.41 49.15
C ALA B 207 9.28 20.93 49.32
N ARG B 208 9.90 21.35 50.42
CA ARG B 208 10.14 22.78 50.68
C ARG B 208 10.96 23.38 49.59
N LEU B 209 11.94 22.62 49.11
CA LEU B 209 12.85 23.16 48.10
C LEU B 209 12.21 23.14 46.71
N ALA B 210 11.31 22.20 46.48
CA ALA B 210 10.58 22.13 45.20
C ALA B 210 9.74 23.35 45.03
N VAL B 211 9.20 23.86 46.13
CA VAL B 211 8.35 25.02 46.08
C VAL B 211 9.20 26.29 45.90
N ARG B 212 10.20 26.44 46.73
CA ARG B 212 11.12 27.56 46.64
C ARG B 212 11.78 27.71 45.24
N ALA B 213 12.12 26.56 44.65
CA ALA B 213 12.84 26.47 43.37
C ALA B 213 11.89 26.64 42.17
N GLY B 214 10.59 26.60 42.45
CA GLY B 214 9.55 27.03 41.51
C GLY B 214 8.97 25.89 40.68
N LEU B 215 9.07 24.66 41.19
CA LEU B 215 8.55 23.45 40.48
C LEU B 215 7.15 23.04 40.86
N ALA B 216 6.74 23.41 42.06
CA ALA B 216 5.46 22.95 42.60
C ALA B 216 4.85 23.97 43.53
N ARG B 217 3.55 23.77 43.75
CA ARG B 217 2.72 24.46 44.73
C ARG B 217 2.00 23.41 45.56
N VAL B 218 1.42 23.84 46.67
CA VAL B 218 0.84 22.91 47.63
C VAL B 218 -0.67 22.93 47.50
N VAL B 219 -1.28 21.75 47.47
CA VAL B 219 -2.74 21.65 47.43
C VAL B 219 -3.20 20.54 48.36
N ASP B 220 -3.90 20.95 49.42
CA ASP B 220 -4.34 20.08 50.50
C ASP B 220 -3.19 19.23 50.97
N GLY B 221 -2.10 19.91 51.24
CA GLY B 221 -0.93 19.26 51.89
C GLY B 221 -0.11 18.38 50.98
N VAL B 222 -0.43 18.40 49.68
CA VAL B 222 0.35 17.66 48.68
C VAL B 222 0.86 18.61 47.61
N LEU B 223 2.05 18.33 47.11
CA LEU B 223 2.62 19.08 46.00
C LEU B 223 1.92 18.80 44.66
N VAL B 224 1.68 19.86 43.91
CA VAL B 224 1.16 19.72 42.53
C VAL B 224 2.06 20.56 41.63
N ALA B 225 2.51 19.94 40.54
CA ALA B 225 3.42 20.58 39.63
C ALA B 225 2.70 20.85 38.31
N PRO B 226 2.89 22.05 37.78
CA PRO B 226 2.29 22.33 36.47
C PRO B 226 2.85 21.37 35.45
N PHE B 227 2.00 20.95 34.52
CA PHE B 227 2.37 20.08 33.40
C PHE B 227 2.54 18.61 33.80
N LEU B 228 2.89 18.31 35.05
CA LEU B 228 3.16 16.90 35.43
C LEU B 228 1.93 16.27 36.08
N ARG B 229 0.89 16.12 35.26
CA ARG B 229 -0.45 15.73 35.73
C ARG B 229 -0.51 14.24 36.21
N ARG B 230 0.49 13.42 35.90
CA ARG B 230 0.56 12.04 36.42
C ARG B 230 1.14 11.87 37.83
N GLY B 231 1.61 12.94 38.43
CA GLY B 231 2.30 12.83 39.69
C GLY B 231 3.76 12.82 39.37
N PHE B 232 4.55 12.92 40.40
CA PHE B 232 5.99 12.98 40.25
C PHE B 232 6.68 12.74 41.56
N ARG B 233 8.00 12.64 41.44
CA ARG B 233 8.87 12.48 42.57
C ARG B 233 10.07 13.42 42.37
N LEU B 234 10.74 13.74 43.49
CA LEU B 234 11.82 14.74 43.53
C LEU B 234 13.25 14.18 43.78
N GLY B 235 14.21 14.91 43.20
CA GLY B 235 15.59 14.79 43.57
C GLY B 235 16.16 16.18 43.79
N VAL B 236 17.22 16.24 44.62
CA VAL B 236 17.94 17.47 44.91
C VAL B 236 19.43 17.19 44.90
N VAL B 237 20.20 18.14 44.41
CA VAL B 237 21.65 18.20 44.61
C VAL B 237 21.96 19.52 45.30
N THR B 238 22.47 19.42 46.53
CA THR B 238 22.86 20.58 47.33
C THR B 238 24.33 20.67 47.15
N THR B 239 24.84 21.90 47.18
CA THR B 239 26.21 22.13 46.86
C THR B 239 26.61 23.54 47.25
N GLY B 240 27.92 23.73 47.40
CA GLY B 240 28.53 25.04 47.54
C GLY B 240 28.82 25.71 46.19
N TYR B 241 28.76 24.94 45.10
CA TYR B 241 28.85 25.49 43.71
C TYR B 241 27.72 26.51 43.50
N ALA B 242 28.10 27.79 43.45
CA ALA B 242 27.11 28.87 43.40
C ALA B 242 26.39 28.88 42.06
N LEU B 243 25.05 29.02 42.17
CA LEU B 243 24.13 28.96 41.02
C LEU B 243 23.10 30.07 41.07
N ALA B 244 22.76 30.60 39.91
CA ALA B 244 21.68 31.55 39.79
C ALA B 244 20.39 30.84 40.14
N ALA B 245 19.63 31.45 41.05
CA ALA B 245 18.36 30.88 41.53
C ALA B 245 17.11 31.27 40.66
N ASP B 246 16.07 30.45 40.78
CA ASP B 246 14.80 30.60 40.08
C ASP B 246 13.82 31.19 41.05
N ARG B 247 12.62 31.50 40.56
CA ARG B 247 11.62 32.14 41.36
C ARG B 247 10.46 31.18 41.56
N PRO B 248 9.82 31.23 42.73
CA PRO B 248 8.65 30.38 42.92
C PRO B 248 7.41 30.71 42.04
N LEU B 249 6.53 29.70 41.91
CA LEU B 249 5.31 29.85 41.18
C LEU B 249 4.39 30.70 42.00
N ALA B 250 3.61 31.54 41.31
CA ALA B 250 2.59 32.36 41.93
C ALA B 250 1.74 31.40 42.74
N PRO B 251 1.49 31.71 44.02
CA PRO B 251 0.97 30.65 44.87
C PRO B 251 -0.50 30.35 44.68
N GLU B 252 -1.25 31.28 44.09
CA GLU B 252 -2.71 31.15 43.95
C GLU B 252 -3.11 31.48 42.53
N GLY B 253 -4.02 30.68 42.00
CA GLY B 253 -4.71 30.96 40.74
C GLY B 253 -4.07 30.20 39.59
N ASP B 254 -4.45 30.58 38.37
CA ASP B 254 -3.96 29.95 37.14
C ASP B 254 -2.57 30.44 36.80
N LEU B 255 -1.69 29.49 36.53
CA LEU B 255 -0.29 29.79 36.22
C LEU B 255 -0.01 30.12 34.78
N GLY B 256 -0.94 29.83 33.90
CA GLY B 256 -0.80 30.11 32.44
C GLY B 256 -0.45 28.86 31.62
N GLU B 257 -0.73 27.68 32.19
CA GLU B 257 -0.36 26.41 31.56
C GLU B 257 -1.09 26.18 30.27
N THR B 258 -2.24 26.83 30.11
CA THR B 258 -3.07 26.59 28.93
C THR B 258 -3.13 27.84 28.06
N ALA B 259 -2.27 28.82 28.32
CA ALA B 259 -2.17 29.97 27.43
C ALA B 259 -2.03 29.40 25.99
N PRO B 260 -2.53 30.10 25.00
CA PRO B 260 -2.37 29.66 23.61
C PRO B 260 -0.93 29.29 23.16
N GLU B 261 0.05 30.10 23.55
CA GLU B 261 1.42 29.89 23.17
C GLU B 261 1.98 28.60 23.82
N VAL B 262 1.46 28.27 24.99
CA VAL B 262 1.91 27.09 25.72
C VAL B 262 1.22 25.86 25.14
N MET B 263 -0.08 25.99 24.97
CA MET B 263 -0.90 24.94 24.36
C MET B 263 -0.36 24.47 22.99
N LEU B 264 -0.08 25.40 22.09
CA LEU B 264 0.46 25.05 20.78
C LEU B 264 1.97 24.81 20.78
N GLY B 265 2.62 25.19 21.87
CA GLY B 265 4.06 25.02 22.03
C GLY B 265 4.86 25.78 20.98
N ILE B 266 4.63 27.09 20.88
CA ILE B 266 5.18 27.87 19.78
C ILE B 266 6.67 27.97 19.79
N ASP B 267 7.30 27.76 20.95
CA ASP B 267 8.77 27.86 21.08
C ASP B 267 9.51 26.51 21.00
N GLY B 268 8.82 25.50 20.53
CA GLY B 268 9.43 24.17 20.40
C GLY B 268 9.19 23.27 21.60
N THR B 269 8.21 23.64 22.39
CA THR B 269 7.89 22.93 23.61
C THR B 269 6.76 21.94 23.39
N ARG B 270 6.61 21.07 24.37
CA ARG B 270 5.60 20.01 24.35
C ARG B 270 4.14 20.52 24.25
N PRO B 271 3.40 20.13 23.21
CA PRO B 271 2.06 20.61 23.03
C PRO B 271 1.17 20.23 24.20
N GLY B 272 0.19 21.07 24.47
CA GLY B 272 -0.69 20.85 25.59
C GLY B 272 -1.56 19.60 25.45
N TRP B 273 -1.76 19.16 24.24
CA TRP B 273 -2.62 17.98 24.00
C TRP B 273 -1.82 16.68 23.92
N GLU B 274 -0.49 16.79 23.86
CA GLU B 274 0.34 15.61 23.68
C GLU B 274 0.13 14.51 24.75
N ASP B 275 0.10 14.88 26.02
CA ASP B 275 -0.11 13.91 27.08
C ASP B 275 -1.38 13.13 26.82
N ALA B 276 -2.48 13.84 26.67
CA ALA B 276 -3.80 13.23 26.46
C ALA B 276 -3.87 12.32 25.23
N GLU B 277 -3.33 12.79 24.12
CA GLU B 277 -3.28 11.98 22.90
C GLU B 277 -2.47 10.69 23.10
N GLU B 278 -1.28 10.82 23.68
CA GLU B 278 -0.41 9.67 23.93
C GLU B 278 -1.04 8.64 24.84
N GLU B 279 -1.72 9.08 25.90
CA GLU B 279 -2.43 8.16 26.79
C GLU B 279 -3.57 7.39 26.11
N LYS B 280 -4.01 7.82 24.94
CA LYS B 280 -5.04 7.08 24.19
C LYS B 280 -4.46 5.76 23.59
N ARG B 281 -3.12 5.62 23.41
CA ARG B 281 -2.47 4.40 22.91
C ARG B 281 -2.08 3.53 24.08
N PRO B 282 -2.26 2.23 23.94
CA PRO B 282 -1.86 1.33 24.97
C PRO B 282 -0.36 1.39 25.25
N LEU B 283 -0.01 1.22 26.51
CA LEU B 283 1.37 1.43 26.93
C LEU B 283 2.32 0.52 26.17
N HIS B 284 1.84 -0.72 25.97
CA HIS B 284 2.66 -1.75 25.34
C HIS B 284 3.04 -1.49 23.87
N MET B 285 2.47 -0.46 23.25
CA MET B 285 2.71 -0.18 21.87
C MET B 285 3.81 0.84 21.63
N GLY B 286 4.23 1.48 22.71
CA GLY B 286 5.31 2.46 22.67
C GLY B 286 4.80 3.77 22.17
N ARG B 287 5.65 4.78 22.28
CA ARG B 287 5.33 6.12 21.83
C ARG B 287 5.36 6.24 20.31
N TYR B 288 6.31 5.58 19.67
CA TYR B 288 6.47 5.69 18.22
C TYR B 288 5.66 4.61 17.50
N PRO B 289 5.01 4.97 16.36
CA PRO B 289 4.02 4.06 15.77
C PRO B 289 4.69 2.91 14.99
N MET B 290 5.43 2.04 15.69
CA MET B 290 6.14 0.94 15.03
C MET B 290 5.21 -0.06 14.36
N GLU B 291 3.97 -0.08 14.77
CA GLU B 291 2.93 -0.90 14.13
C GLU B 291 2.61 -0.49 12.69
N THR B 292 3.02 0.69 12.27
CA THR B 292 2.81 1.11 10.88
C THR B 292 3.94 0.66 9.96
N ILE B 293 4.98 0.05 10.53
CA ILE B 293 6.16 -0.33 9.74
C ILE B 293 5.91 -1.74 9.21
N ARG B 294 6.22 -1.93 7.91
CA ARG B 294 6.10 -3.22 7.26
C ARG B 294 7.02 -4.22 7.98
N ARG B 295 6.39 -5.31 8.41
CA ARG B 295 7.10 -6.51 8.91
C ARG B 295 7.29 -7.55 7.80
N VAL B 296 8.39 -8.28 7.90
CA VAL B 296 8.77 -9.25 6.90
C VAL B 296 9.29 -10.48 7.63
N ASP B 297 9.28 -11.63 6.97
CA ASP B 297 9.59 -12.89 7.64
C ASP B 297 11.09 -13.04 7.79
N GLU B 298 11.80 -12.89 6.67
CA GLU B 298 13.25 -12.83 6.66
C GLU B 298 13.63 -11.33 6.68
N PRO B 299 14.74 -10.96 7.31
CA PRO B 299 15.21 -9.58 7.20
C PRO B 299 15.59 -9.12 5.79
N THR B 300 15.75 -7.82 5.63
CA THR B 300 16.00 -7.23 4.31
C THR B 300 17.42 -7.48 3.77
N THR B 301 18.30 -7.99 4.63
CA THR B 301 19.63 -8.37 4.18
C THR B 301 19.79 -9.85 4.46
N LEU B 302 20.62 -10.49 3.66
CA LEU B 302 20.86 -11.93 3.79
C LEU B 302 21.49 -12.35 5.12
N VAL B 303 20.94 -13.41 5.70
CA VAL B 303 21.46 -13.98 6.95
C VAL B 303 21.52 -15.47 6.72
N VAL B 304 22.74 -16.00 6.67
CA VAL B 304 22.95 -17.41 6.43
C VAL B 304 23.46 -18.07 7.72
N ARG B 305 22.52 -18.49 8.57
CA ARG B 305 22.83 -18.94 9.91
C ARG B 305 23.85 -20.06 9.94
N GLN B 306 23.78 -21.02 9.03
CA GLN B 306 24.72 -22.15 9.13
C GLN B 306 26.15 -21.70 8.86
N GLU B 307 26.34 -20.48 8.36
CA GLU B 307 27.65 -20.00 7.99
C GLU B 307 28.14 -18.95 8.96
N ILE B 308 27.37 -18.72 10.00
CA ILE B 308 27.71 -17.68 10.99
C ILE B 308 28.47 -18.37 12.10
N GLN B 309 29.77 -18.09 12.14
CA GLN B 309 30.58 -18.56 13.25
C GLN B 309 30.46 -17.63 14.44
N ARG B 310 30.70 -18.23 15.60
CA ARG B 310 30.66 -17.53 16.83
C ARG B 310 32.05 -16.95 17.09
N VAL B 311 32.06 -15.85 17.84
CA VAL B 311 33.25 -15.00 17.99
C VAL B 311 33.68 -14.96 19.47
N ALA B 312 34.98 -15.07 19.70
CA ALA B 312 35.53 -14.87 21.02
C ALA B 312 35.14 -13.47 21.45
N LYS B 313 34.76 -13.33 22.71
CA LYS B 313 34.53 -12.00 23.22
C LYS B 313 35.81 -11.16 23.23
N ARG B 314 36.95 -11.85 23.28
CA ARG B 314 38.29 -11.25 23.10
C ARG B 314 38.53 -10.57 21.73
N GLY B 315 37.65 -10.84 20.76
CA GLY B 315 37.72 -10.21 19.44
C GLY B 315 36.93 -8.90 19.30
N ASP B 316 36.06 -8.60 20.25
CA ASP B 316 35.47 -7.26 20.39
C ASP B 316 36.65 -6.29 20.34
N PHE B 317 36.64 -5.31 19.42
CA PHE B 317 37.89 -4.50 19.22
C PHE B 317 38.28 -3.58 20.39
N PHE B 318 37.36 -3.31 21.30
CA PHE B 318 37.77 -2.67 22.56
C PHE B 318 38.61 -3.60 23.44
N LYS B 319 38.27 -4.88 23.43
CA LYS B 319 39.08 -5.89 24.12
C LYS B 319 40.44 -6.08 23.41
N ARG B 320 40.41 -6.06 22.10
CA ARG B 320 41.64 -6.07 21.33
C ARG B 320 42.52 -4.89 21.70
N ALA B 321 41.95 -3.69 21.73
CA ALA B 321 42.69 -2.49 22.12
C ALA B 321 43.31 -2.67 23.50
N GLU B 322 42.49 -3.20 24.44
CA GLU B 322 42.85 -3.40 25.86
C GLU B 322 44.04 -4.34 26.06
N ALA B 323 44.15 -5.29 25.15
CA ALA B 323 45.11 -6.33 25.21
C ALA B 323 46.41 -5.99 24.51
N GLY B 324 46.45 -4.90 23.75
CA GLY B 324 47.66 -4.50 23.02
C GLY B 324 47.65 -4.75 21.52
N ASP B 325 46.59 -5.37 21.00
CA ASP B 325 46.52 -5.72 19.59
C ASP B 325 46.55 -4.54 18.62
N LEU B 326 46.17 -3.35 19.10
CA LEU B 326 46.12 -2.13 18.30
C LEU B 326 47.23 -1.12 18.65
N GLY B 327 48.19 -1.56 19.48
CA GLY B 327 49.35 -0.74 19.78
C GLY B 327 49.26 -0.12 21.16
N GLU B 328 50.33 0.60 21.54
CA GLU B 328 50.51 1.11 22.90
C GLU B 328 49.50 2.18 23.21
N LYS B 329 49.34 3.20 22.34
CA LYS B 329 48.47 4.40 22.66
C LYS B 329 47.03 3.95 22.89
N ALA B 330 46.54 3.06 22.04
CA ALA B 330 45.18 2.50 22.18
C ALA B 330 45.04 1.70 23.45
N LYS B 331 46.04 0.90 23.72
CA LYS B 331 46.08 0.16 24.97
C LYS B 331 45.97 1.08 26.16
N GLN B 332 46.83 2.12 26.20
CA GLN B 332 46.87 3.10 27.30
C GLN B 332 45.55 3.82 27.52
N GLU B 333 44.98 4.31 26.42
CA GLU B 333 43.76 5.13 26.45
C GLU B 333 42.45 4.35 26.64
N LYS B 334 42.51 3.02 26.55
CA LYS B 334 41.31 2.20 26.43
C LYS B 334 40.31 2.37 27.57
N LYS B 335 40.82 2.44 28.81
CA LYS B 335 39.94 2.63 29.99
C LYS B 335 39.49 4.09 30.10
N ARG B 336 40.34 5.01 29.68
CA ARG B 336 40.15 6.44 29.90
C ARG B 336 39.26 7.17 28.87
N PHE B 337 39.27 6.75 27.61
CA PHE B 337 38.75 7.58 26.57
C PHE B 337 37.28 8.03 26.71
N PRO B 338 36.39 7.20 27.33
CA PRO B 338 34.99 7.66 27.48
C PRO B 338 34.70 8.39 28.78
N MET B 339 35.72 8.46 29.64
CA MET B 339 35.63 9.07 30.95
C MET B 339 36.49 10.32 31.11
N LYS B 340 36.72 11.02 30.02
CA LYS B 340 37.47 12.25 30.05
C LYS B 340 36.65 13.44 30.57
N HIS B 341 35.32 13.38 30.46
CA HIS B 341 34.45 14.50 30.85
C HIS B 341 33.81 14.21 32.23
N PRO B 342 33.76 15.22 33.16
CA PRO B 342 33.21 15.01 34.52
C PRO B 342 31.79 14.41 34.59
N LEU B 343 30.97 14.70 33.59
CA LEU B 343 29.59 14.18 33.52
C LEU B 343 29.60 12.66 33.37
N ALA B 344 30.38 12.16 32.39
CA ALA B 344 30.60 10.71 32.19
C ALA B 344 31.20 10.07 33.42
N LEU B 345 32.16 10.78 34.02
CA LEU B 345 32.72 10.31 35.30
C LEU B 345 31.66 10.18 36.40
N GLY B 346 30.67 11.07 36.40
CA GLY B 346 29.57 11.01 37.36
C GLY B 346 28.69 9.78 37.21
N MET B 347 28.65 9.24 35.99
CA MET B 347 27.87 8.01 35.68
C MET B 347 28.62 6.74 35.99
N GLN B 348 29.94 6.84 36.01
CA GLN B 348 30.76 5.63 36.07
C GLN B 348 30.46 4.73 37.23
N PRO B 349 30.35 5.29 38.45
CA PRO B 349 30.05 4.40 39.57
C PRO B 349 28.75 3.59 39.43
N LEU B 350 27.72 4.20 38.89
CA LEU B 350 26.42 3.53 38.73
C LEU B 350 26.59 2.43 37.67
N ILE B 351 27.24 2.78 36.55
CA ILE B 351 27.48 1.84 35.47
C ILE B 351 28.21 0.59 35.98
N GLN B 352 29.28 0.80 36.72
CA GLN B 352 30.10 -0.35 37.10
C GLN B 352 29.52 -1.22 38.17
N ASN B 353 28.82 -0.60 39.11
CA ASN B 353 28.19 -1.31 40.21
C ASN B 353 26.82 -1.93 39.94
N MET B 354 26.26 -1.67 38.79
CA MET B 354 25.08 -2.43 38.36
C MET B 354 25.47 -3.80 37.78
N VAL B 355 26.76 -3.97 37.43
CA VAL B 355 27.26 -5.19 36.77
C VAL B 355 26.99 -6.43 37.61
N PRO B 356 27.25 -6.37 38.93
CA PRO B 356 26.98 -7.56 39.72
C PRO B 356 25.51 -7.93 39.87
N LEU B 357 24.60 -7.04 39.46
CA LEU B 357 23.14 -7.33 39.57
C LEU B 357 22.52 -7.78 38.28
N GLN B 358 23.35 -8.07 37.27
CA GLN B 358 22.86 -8.30 35.90
C GLN B 358 22.05 -9.59 35.75
N GLY B 359 22.31 -10.55 36.63
CA GLY B 359 21.45 -11.72 36.76
C GLY B 359 22.09 -13.05 36.47
N THR B 360 21.24 -14.04 36.16
CA THR B 360 21.58 -15.46 36.22
C THR B 360 21.62 -16.13 34.85
N ARG B 361 22.46 -17.15 34.70
CA ARG B 361 22.46 -17.98 33.48
C ARG B 361 21.79 -19.35 33.69
N GLU B 362 21.62 -19.73 34.95
CA GLU B 362 21.12 -21.03 35.34
C GLU B 362 19.61 -21.05 35.23
N LYS B 363 19.04 -22.18 34.78
CA LYS B 363 17.58 -22.34 34.72
C LYS B 363 16.97 -22.16 36.09
N LEU B 364 15.83 -21.47 36.14
CA LEU B 364 15.09 -21.29 37.38
C LEU B 364 13.73 -22.00 37.26
N ALA B 365 13.10 -22.23 38.43
CA ALA B 365 11.76 -22.83 38.49
C ALA B 365 10.69 -21.77 38.64
N PRO B 366 9.63 -21.83 37.80
CA PRO B 366 8.58 -20.83 37.96
C PRO B 366 8.06 -20.77 39.39
N THR B 367 7.90 -19.55 39.91
CA THR B 367 7.60 -19.31 41.33
C THR B 367 6.10 -19.08 41.56
N GLY B 368 5.33 -19.03 40.50
CA GLY B 368 3.90 -18.72 40.60
C GLY B 368 3.57 -17.26 40.79
N LYS B 369 4.58 -16.44 41.06
CA LYS B 369 4.42 -14.98 41.06
C LYS B 369 4.28 -14.48 39.63
N GLY B 370 3.66 -13.31 39.49
CA GLY B 370 3.55 -12.59 38.22
C GLY B 370 2.23 -12.68 37.47
N GLY B 371 1.28 -13.44 38.00
CA GLY B 371 -0.05 -13.47 37.35
C GLY B 371 -0.14 -14.55 36.32
N ASP B 372 -1.07 -14.41 35.39
CA ASP B 372 -1.26 -15.42 34.38
C ASP B 372 -0.17 -15.32 33.34
N LEU B 373 0.76 -16.29 33.38
CA LEU B 373 1.90 -16.29 32.45
C LEU B 373 1.79 -17.37 31.37
N SER B 374 0.56 -17.79 31.05
CA SER B 374 0.31 -18.88 30.08
C SER B 374 0.12 -18.42 28.63
N ASP B 375 -0.13 -17.12 28.41
CA ASP B 375 -0.21 -16.52 27.03
C ASP B 375 1.08 -15.77 26.68
N PRO B 376 1.88 -16.30 25.72
CA PRO B 376 3.10 -15.62 25.35
C PRO B 376 2.85 -14.26 24.71
N GLY B 377 1.75 -14.17 23.98
CA GLY B 377 1.32 -12.93 23.35
C GLY B 377 1.06 -11.82 24.34
N ARG B 378 0.46 -12.15 25.49
CA ARG B 378 0.27 -11.18 26.55
C ARG B 378 1.53 -10.93 27.34
N ASN B 379 2.37 -11.96 27.48
CA ASN B 379 3.68 -11.79 28.13
C ASN B 379 4.58 -10.82 27.36
N ALA B 380 4.55 -10.93 26.03
CA ALA B 380 5.28 -9.99 25.17
C ALA B 380 4.80 -8.55 25.45
N GLU B 381 3.49 -8.34 25.44
CA GLU B 381 2.88 -7.03 25.75
C GLU B 381 3.20 -6.49 27.17
N ALA B 382 3.25 -7.39 28.14
CA ALA B 382 3.54 -7.06 29.52
C ALA B 382 4.96 -6.60 29.69
N ILE B 383 5.86 -7.33 29.03
CA ILE B 383 7.29 -6.96 28.96
C ILE B 383 7.55 -5.66 28.21
N LYS B 384 6.83 -5.46 27.11
CA LYS B 384 6.88 -4.17 26.39
C LYS B 384 6.42 -3.02 27.28
N ALA B 385 5.20 -3.14 27.81
CA ALA B 385 4.62 -2.14 28.73
C ALA B 385 5.57 -1.84 29.86
N LEU B 386 6.16 -2.87 30.41
CA LEU B 386 7.12 -2.75 31.50
C LEU B 386 8.30 -1.86 31.08
N GLY B 387 8.89 -2.17 29.93
CA GLY B 387 10.03 -1.40 29.43
C GLY B 387 9.72 0.05 29.22
N TYR B 388 8.53 0.34 28.66
CA TYR B 388 8.12 1.70 28.37
C TYR B 388 7.88 2.48 29.65
N TYR B 389 7.26 1.81 30.61
CA TYR B 389 7.05 2.35 31.94
C TYR B 389 8.33 2.76 32.62
N LEU B 390 9.35 1.96 32.45
CA LEU B 390 10.66 2.22 33.05
C LEU B 390 11.52 3.22 32.22
N GLY B 391 11.13 3.53 30.98
CA GLY B 391 11.75 4.59 30.20
C GLY B 391 12.46 4.19 28.92
N ALA B 392 12.20 2.98 28.45
CA ALA B 392 12.74 2.57 27.16
C ALA B 392 12.08 3.36 26.07
N ASP B 393 12.76 3.55 24.94
CA ASP B 393 12.15 4.22 23.75
C ASP B 393 11.52 3.25 22.74
N PHE B 394 12.16 2.08 22.62
CA PHE B 394 11.63 0.98 21.83
C PHE B 394 11.86 -0.30 22.58
N VAL B 395 10.92 -1.23 22.42
CA VAL B 395 11.02 -2.58 22.97
C VAL B 395 10.62 -3.62 21.94
N GLY B 396 11.48 -4.61 21.78
CA GLY B 396 11.27 -5.60 20.78
C GLY B 396 11.79 -6.89 21.34
N ILE B 397 11.25 -7.99 20.87
CA ILE B 397 11.54 -9.32 21.41
C ILE B 397 11.87 -10.24 20.24
N CYS B 398 12.91 -11.05 20.39
CA CYS B 398 13.23 -12.11 19.45
C CYS B 398 13.74 -13.32 20.22
N ARG B 399 13.86 -14.43 19.51
CA ARG B 399 14.59 -15.60 20.00
C ARG B 399 16.07 -15.29 20.10
N ALA B 400 16.63 -15.65 21.23
CA ALA B 400 18.07 -15.54 21.42
C ALA B 400 18.77 -16.74 20.80
N GLU B 401 19.07 -16.66 19.52
CA GLU B 401 19.70 -17.73 18.79
C GLU B 401 21.16 -17.93 19.22
N PRO B 402 21.65 -19.18 19.15
CA PRO B 402 22.97 -19.46 19.76
C PRO B 402 24.14 -18.70 19.11
N TRP B 403 24.01 -18.40 17.82
CA TRP B 403 25.05 -17.67 17.09
C TRP B 403 25.09 -16.19 17.43
N MET B 404 24.09 -15.71 18.22
CA MET B 404 24.09 -14.36 18.79
C MET B 404 24.94 -14.25 20.07
N TYR B 405 25.26 -15.38 20.67
CA TYR B 405 26.12 -15.41 21.86
C TYR B 405 27.59 -15.47 21.46
N TYR B 406 28.43 -14.82 22.26
CA TYR B 406 29.87 -14.90 22.00
C TYR B 406 30.24 -16.35 22.19
N ALA B 407 31.34 -16.76 21.57
CA ALA B 407 31.88 -18.13 21.70
C ALA B 407 32.48 -18.41 23.12
N SER B 408 33.21 -17.42 23.64
CA SER B 408 33.89 -17.53 24.90
C SER B 408 34.04 -16.18 25.54
N ASP B 409 34.30 -16.17 26.83
CA ASP B 409 34.56 -14.91 27.56
C ASP B 409 36.02 -14.49 27.37
N GLU B 410 36.30 -13.22 27.56
CA GLU B 410 37.65 -12.70 27.33
C GLU B 410 38.59 -12.80 28.55
N VAL B 411 38.07 -13.20 29.71
CA VAL B 411 38.82 -13.13 30.97
C VAL B 411 39.46 -14.50 31.29
N GLU B 412 38.65 -15.55 31.35
CA GLU B 412 39.14 -16.91 31.54
C GLU B 412 39.21 -17.70 30.22
N GLY B 413 38.59 -17.21 29.13
CA GLY B 413 38.54 -17.95 27.89
C GLY B 413 37.57 -19.12 27.91
N LYS B 414 36.70 -19.21 28.90
CA LYS B 414 35.74 -20.33 28.98
C LYS B 414 34.58 -20.15 27.99
N PRO B 415 34.02 -21.28 27.49
CA PRO B 415 32.86 -21.24 26.59
C PRO B 415 31.71 -20.53 27.21
N ILE B 416 30.97 -19.79 26.37
CA ILE B 416 29.73 -19.18 26.78
C ILE B 416 28.65 -20.08 26.22
N GLU B 417 27.66 -20.38 27.06
CA GLU B 417 26.53 -21.22 26.68
C GLU B 417 25.42 -20.30 26.21
N ALA B 418 24.63 -20.81 25.27
CA ALA B 418 23.43 -20.15 24.83
C ALA B 418 22.33 -20.43 25.84
N TYR B 419 22.37 -19.76 26.97
CA TYR B 419 21.64 -20.25 28.14
C TYR B 419 20.16 -19.86 28.25
N HIS B 420 19.73 -18.89 27.42
CA HIS B 420 18.41 -18.35 27.48
C HIS B 420 17.78 -18.44 26.13
N ASP B 421 16.46 -18.61 26.10
CA ASP B 421 15.72 -18.76 24.86
C ASP B 421 15.34 -17.47 24.13
N TYR B 422 15.16 -16.39 24.88
CA TYR B 422 14.66 -15.13 24.31
C TYR B 422 15.57 -13.97 24.61
N ALA B 423 15.56 -13.01 23.68
CA ALA B 423 16.18 -11.71 23.87
C ALA B 423 15.09 -10.63 23.90
N VAL B 424 15.06 -9.85 24.98
CA VAL B 424 14.35 -8.58 25.00
C VAL B 424 15.30 -7.43 24.74
N VAL B 425 15.00 -6.69 23.66
CA VAL B 425 15.88 -5.70 23.10
C VAL B 425 15.22 -4.35 23.26
N MET B 426 15.97 -3.39 23.78
CA MET B 426 15.40 -2.07 23.98
C MET B 426 16.39 -1.05 23.48
N LEU B 427 15.85 0.00 22.83
CA LEU B 427 16.64 1.10 22.36
C LEU B 427 16.44 2.27 23.30
N ILE B 428 17.56 2.90 23.64
CA ILE B 428 17.56 4.18 24.36
C ILE B 428 18.06 5.27 23.42
N ASP B 429 17.24 6.28 23.18
CA ASP B 429 17.57 7.39 22.28
C ASP B 429 18.79 8.14 22.87
N GLN B 430 19.83 8.38 22.08
CA GLN B 430 21.04 9.01 22.59
C GLN B 430 20.93 10.52 22.81
N GLY B 431 19.94 11.13 22.16
CA GLY B 431 19.62 12.55 22.34
C GLY B 431 19.85 13.40 21.11
N TYR B 432 18.75 13.70 20.41
CA TYR B 432 18.80 14.56 19.26
C TYR B 432 19.41 15.94 19.50
N GLU B 433 18.88 16.67 20.48
CA GLU B 433 19.20 18.11 20.66
C GLU B 433 20.67 18.31 21.03
N THR B 434 21.16 17.51 21.98
CA THR B 434 22.55 17.57 22.39
C THR B 434 23.46 17.27 21.23
N MET B 435 23.12 16.23 20.48
CA MET B 435 23.92 15.86 19.30
C MET B 435 23.92 16.88 18.17
N GLU B 436 22.85 17.66 18.11
CA GLU B 436 22.67 18.72 17.11
C GLU B 436 23.67 19.83 17.39
N GLY B 437 23.97 20.10 18.67
CA GLY B 437 24.98 21.10 19.02
C GLY B 437 26.42 20.61 19.02
N ALA B 438 26.59 19.29 18.89
CA ALA B 438 27.87 18.65 19.03
C ALA B 438 28.50 18.40 17.70
N SER B 439 29.81 18.19 17.71
CA SER B 439 30.57 17.85 16.50
C SER B 439 30.39 16.37 16.22
N GLY B 440 30.03 15.62 17.26
CA GLY B 440 29.90 14.17 17.18
C GLY B 440 31.09 13.52 17.85
N ASP B 441 32.24 14.21 17.82
CA ASP B 441 33.53 13.73 18.35
C ASP B 441 34.18 14.75 19.28
N ASP B 442 33.35 15.58 19.90
CA ASP B 442 33.80 16.54 20.90
C ASP B 442 33.67 15.99 22.33
N TRP B 443 33.68 16.90 23.31
CA TRP B 443 33.75 16.53 24.74
C TRP B 443 32.50 15.88 25.31
N ILE B 444 31.38 15.92 24.58
CA ILE B 444 30.14 15.31 25.06
C ILE B 444 29.84 13.94 24.43
N SER B 445 30.57 13.53 23.41
CA SER B 445 30.17 12.29 22.69
C SER B 445 30.06 11.05 23.57
N ALA B 446 31.08 10.76 24.35
CA ALA B 446 31.03 9.65 25.30
C ALA B 446 29.97 9.78 26.36
N SER B 447 29.64 11.01 26.77
CA SER B 447 28.51 11.23 27.72
C SER B 447 27.15 10.83 27.09
N GLN B 448 27.01 11.04 25.79
CA GLN B 448 25.79 10.60 25.14
C GLN B 448 25.75 9.07 25.11
N SER B 449 26.89 8.42 24.83
CA SER B 449 26.97 6.93 24.86
C SER B 449 26.69 6.43 26.27
N MET B 450 27.41 6.99 27.25
CA MET B 450 27.34 6.50 28.64
C MET B 450 25.98 6.71 29.33
N ARG B 451 25.29 7.81 29.00
CA ARG B 451 23.97 8.10 29.54
C ARG B 451 22.99 7.00 29.12
N ALA B 452 23.08 6.68 27.84
CA ALA B 452 22.20 5.72 27.21
C ALA B 452 22.52 4.31 27.73
N TYR B 453 23.80 4.02 27.89
N TYR B 453 23.81 4.01 27.88
CA TYR B 453 24.24 2.76 28.50
CA TYR B 453 24.23 2.76 28.50
C TYR B 453 23.74 2.60 29.94
C TYR B 453 23.74 2.60 29.94
N MET B 454 23.95 3.64 30.74
CA MET B 454 23.57 3.62 32.15
C MET B 454 22.04 3.45 32.29
N ARG B 455 21.27 4.19 31.51
CA ARG B 455 19.82 4.16 31.62
C ARG B 455 19.28 2.80 31.18
N GLY B 456 19.81 2.31 30.09
CA GLY B 456 19.42 1.02 29.56
C GLY B 456 19.74 -0.11 30.51
N ALA B 457 20.91 -0.08 31.13
CA ALA B 457 21.34 -1.08 32.08
C ALA B 457 20.48 -1.09 33.33
N GLU B 458 20.11 0.09 33.81
CA GLU B 458 19.17 0.22 34.94
C GLU B 458 17.81 -0.39 34.61
N ILE B 459 17.27 -0.05 33.45
CA ILE B 459 15.94 -0.53 33.02
C ILE B 459 15.97 -2.04 32.87
N ALA B 460 16.93 -2.54 32.11
CA ALA B 460 17.07 -4.00 31.88
C ALA B 460 17.43 -4.82 33.13
N GLY B 461 18.12 -4.21 34.09
CA GLY B 461 18.47 -4.85 35.33
C GLY B 461 17.22 -5.08 36.13
N VAL B 462 16.31 -4.12 36.06
CA VAL B 462 15.06 -4.18 36.85
C VAL B 462 14.14 -5.26 36.26
N MET B 463 14.03 -5.26 34.95
CA MET B 463 13.09 -6.09 34.23
C MET B 463 13.60 -7.54 34.29
N ALA B 464 14.90 -7.73 34.15
CA ALA B 464 15.51 -9.08 34.28
C ALA B 464 15.29 -9.64 35.69
N ALA B 465 15.42 -8.76 36.69
CA ALA B 465 15.21 -9.14 38.07
C ALA B 465 13.78 -9.55 38.30
N HIS B 466 12.86 -8.91 37.62
CA HIS B 466 11.43 -9.21 37.81
C HIS B 466 11.12 -10.55 37.20
N CYS B 467 11.66 -10.79 36.02
CA CYS B 467 11.56 -12.09 35.40
C CYS B 467 12.05 -13.18 36.33
N ARG B 468 13.15 -12.94 37.03
CA ARG B 468 13.71 -13.87 37.98
C ARG B 468 12.76 -14.10 39.17
N ARG B 469 12.16 -13.05 39.71
CA ARG B 469 11.15 -13.17 40.79
C ARG B 469 9.98 -14.08 40.40
N MET B 470 9.57 -13.98 39.13
CA MET B 470 8.53 -14.82 38.54
C MET B 470 9.01 -16.27 38.21
N GLY B 471 10.30 -16.53 38.43
CA GLY B 471 10.93 -17.86 38.26
C GLY B 471 11.39 -18.16 36.84
N TYR B 472 11.81 -17.12 36.15
CA TYR B 472 12.32 -17.25 34.80
C TYR B 472 13.70 -16.66 34.78
N SER B 473 14.69 -17.50 34.46
CA SER B 473 16.06 -17.05 34.39
C SER B 473 16.10 -15.84 33.44
N ALA B 474 16.90 -14.85 33.84
CA ALA B 474 17.08 -13.59 33.08
C ALA B 474 18.41 -12.93 33.44
N ARG B 475 19.11 -12.48 32.41
CA ARG B 475 20.38 -11.75 32.56
C ARG B 475 20.44 -10.60 31.60
N SER B 476 20.81 -9.43 32.11
CA SER B 476 21.05 -8.28 31.26
C SER B 476 22.44 -8.26 30.69
N HIS B 477 22.54 -7.57 29.56
CA HIS B 477 23.74 -7.54 28.73
C HIS B 477 24.05 -6.10 28.39
N SER B 478 24.90 -5.52 29.23
CA SER B 478 25.22 -4.11 29.20
C SER B 478 26.53 -3.80 28.41
N ASN B 479 26.96 -2.56 28.38
N ASN B 479 26.89 -2.52 28.41
CA ASN B 479 28.24 -2.26 27.74
CA ASN B 479 28.13 -1.97 27.93
C ASN B 479 29.37 -2.81 28.60
C ASN B 479 29.32 -2.65 28.61
N ALA B 480 29.23 -2.72 29.93
CA ALA B 480 30.28 -3.26 30.84
C ALA B 480 30.40 -4.79 30.78
N HIS B 481 29.28 -5.43 30.52
CA HIS B 481 29.29 -6.85 30.41
C HIS B 481 28.12 -7.37 29.59
N SER B 482 28.41 -7.84 28.38
CA SER B 482 27.43 -8.58 27.54
C SER B 482 28.03 -9.90 27.17
N GLU B 483 27.17 -10.91 27.00
CA GLU B 483 27.53 -12.23 26.43
C GLU B 483 26.77 -12.54 25.15
N VAL B 484 26.02 -11.56 24.64
CA VAL B 484 25.45 -11.58 23.32
C VAL B 484 25.88 -10.36 22.53
N ILE B 485 25.87 -10.52 21.21
CA ILE B 485 26.07 -9.41 20.28
C ILE B 485 24.69 -8.79 19.99
N HIS B 486 24.50 -7.52 20.33
CA HIS B 486 23.22 -6.88 20.25
C HIS B 486 22.70 -6.77 18.84
N ASN B 487 23.58 -6.48 17.87
CA ASN B 487 23.16 -6.19 16.50
C ASN B 487 22.16 -7.18 15.86
N PRO B 488 22.48 -8.50 15.81
CA PRO B 488 21.56 -9.39 15.15
C PRO B 488 20.24 -9.50 15.87
N ALA B 489 20.25 -9.17 17.17
CA ALA B 489 19.03 -9.16 18.00
C ALA B 489 18.20 -7.92 17.71
N ILE B 490 18.84 -6.78 17.51
CA ILE B 490 18.14 -5.55 17.08
C ILE B 490 17.48 -5.84 15.74
N LEU B 491 18.21 -6.49 14.86
CA LEU B 491 17.67 -6.84 13.54
C LEU B 491 16.45 -7.77 13.60
N MET B 492 16.65 -8.91 14.26
CA MET B 492 15.61 -9.95 14.39
C MET B 492 14.40 -9.51 15.22
N ALA B 493 14.61 -8.55 16.12
CA ALA B 493 13.54 -8.00 16.96
C ALA B 493 12.71 -6.92 16.22
N GLY B 494 13.09 -6.64 14.97
CA GLY B 494 12.37 -5.69 14.16
C GLY B 494 12.53 -4.27 14.67
N LEU B 495 13.69 -3.93 15.21
CA LEU B 495 13.92 -2.57 15.68
C LEU B 495 14.79 -1.75 14.78
N GLY B 496 15.39 -2.38 13.78
CA GLY B 496 16.21 -1.68 12.80
C GLY B 496 16.50 -2.49 11.56
N GLU B 497 17.09 -1.80 10.58
CA GLU B 497 17.64 -2.43 9.39
C GLU B 497 19.15 -2.16 9.35
N VAL B 498 19.85 -3.01 8.63
CA VAL B 498 21.26 -2.79 8.33
C VAL B 498 21.44 -1.45 7.61
N SER B 499 22.41 -0.64 8.06
CA SER B 499 22.70 0.67 7.43
C SER B 499 24.15 0.75 6.94
N ARG B 500 24.49 1.81 6.19
CA ARG B 500 25.85 1.95 5.70
C ARG B 500 26.83 2.14 6.84
N ILE B 501 26.34 2.66 7.96
CA ILE B 501 27.22 3.01 9.09
C ILE B 501 28.05 1.77 9.45
N GLY B 502 27.39 0.62 9.46
CA GLY B 502 28.05 -0.66 9.43
C GLY B 502 27.79 -1.55 10.60
N ASP B 503 28.31 -1.12 11.76
CA ASP B 503 28.11 -1.80 13.06
C ASP B 503 26.99 -1.12 13.85
N THR B 504 26.20 -0.33 13.13
CA THR B 504 25.02 0.32 13.64
C THR B 504 23.82 -0.01 12.75
N LEU B 505 22.70 -0.32 13.39
CA LEU B 505 21.41 -0.52 12.70
C LEU B 505 20.60 0.75 12.86
N LEU B 506 19.70 0.96 11.92
CA LEU B 506 19.04 2.23 11.82
C LEU B 506 17.51 2.02 11.98
N ASN B 507 16.92 2.79 12.89
CA ASN B 507 15.51 2.73 13.20
C ASN B 507 14.79 3.86 12.48
N PRO B 508 13.56 3.57 11.96
CA PRO B 508 12.86 4.54 11.10
C PRO B 508 12.38 5.78 11.76
N PHE B 509 12.43 5.85 13.09
CA PHE B 509 11.91 6.99 13.86
C PHE B 509 13.00 7.74 14.57
N ILE B 510 13.98 7.05 15.16
CA ILE B 510 15.14 7.72 15.77
C ILE B 510 16.44 7.58 14.98
N GLY B 511 16.33 7.05 13.76
CA GLY B 511 17.49 6.81 12.94
C GLY B 511 18.49 5.93 13.64
N PRO B 512 19.79 6.27 13.50
CA PRO B 512 20.85 5.48 14.17
C PRO B 512 21.21 5.98 15.54
N ARG B 513 20.41 6.92 16.05
CA ARG B 513 20.68 7.62 17.28
C ARG B 513 20.22 6.86 18.54
N SER B 514 20.87 5.74 18.80
CA SER B 514 20.55 4.91 19.96
C SER B 514 21.72 4.12 20.50
N LYS B 515 21.52 3.66 21.73
CA LYS B 515 22.22 2.51 22.23
C LYS B 515 21.17 1.48 22.61
N SER B 516 21.45 0.23 22.29
CA SER B 516 20.62 -0.89 22.71
C SER B 516 21.03 -1.39 24.07
N ILE B 517 20.06 -1.94 24.78
CA ILE B 517 20.31 -2.77 25.93
C ILE B 517 19.50 -4.04 25.68
N VAL B 518 20.09 -5.18 25.99
CA VAL B 518 19.46 -6.45 25.80
C VAL B 518 19.44 -7.14 27.15
N PHE B 519 18.33 -7.80 27.49
CA PHE B 519 18.38 -8.87 28.47
C PHE B 519 17.80 -10.14 27.89
N THR B 520 18.43 -11.27 28.22
CA THR B 520 17.92 -12.54 27.75
C THR B 520 17.17 -13.16 28.90
N THR B 521 16.19 -13.96 28.53
CA THR B 521 15.31 -14.60 29.48
C THR B 521 14.71 -15.88 28.90
N ASP B 522 14.24 -16.72 29.82
CA ASP B 522 13.46 -17.93 29.48
C ASP B 522 11.93 -17.70 29.45
N LEU B 523 11.45 -16.59 29.98
CA LEU B 523 10.02 -16.24 29.95
C LEU B 523 9.49 -16.43 28.54
N PRO B 524 8.38 -17.18 28.40
CA PRO B 524 7.81 -17.35 27.06
C PRO B 524 7.07 -16.14 26.60
N MET B 525 7.49 -15.66 25.43
CA MET B 525 6.99 -14.45 24.80
C MET B 525 6.89 -14.70 23.30
N SER B 526 5.85 -14.12 22.71
CA SER B 526 5.75 -14.06 21.26
C SER B 526 6.78 -13.08 20.78
N VAL B 527 7.39 -13.41 19.67
CA VAL B 527 8.48 -12.64 19.12
C VAL B 527 8.03 -11.71 18.00
N ASP B 528 8.71 -10.60 17.86
CA ASP B 528 8.44 -9.66 16.79
C ASP B 528 9.11 -10.19 15.54
N ARG B 529 8.81 -9.57 14.39
CA ARG B 529 9.39 -9.93 13.10
C ARG B 529 10.25 -8.80 12.61
N PRO B 530 11.26 -9.11 11.76
CA PRO B 530 12.05 -8.08 11.11
C PRO B 530 11.20 -7.04 10.42
N ILE B 531 11.79 -5.85 10.19
CA ILE B 531 11.09 -4.74 9.56
C ILE B 531 11.73 -4.40 8.18
N ASP B 532 10.88 -3.84 7.30
CA ASP B 532 11.34 -3.30 6.04
C ASP B 532 10.75 -1.93 5.81
N PHE B 533 11.57 -0.88 5.94
CA PHE B 533 11.15 0.50 5.66
C PHE B 533 12.01 1.14 4.55
N GLY B 534 12.55 0.29 3.67
CA GLY B 534 13.23 0.77 2.47
C GLY B 534 14.67 1.25 2.63
N LEU B 535 15.30 0.92 3.75
CA LEU B 535 16.58 1.51 4.04
C LEU B 535 17.64 1.05 3.06
N GLN B 536 17.53 -0.17 2.57
CA GLN B 536 18.59 -0.70 1.69
C GLN B 536 18.73 0.18 0.45
N ASP B 537 17.59 0.50 -0.15
CA ASP B 537 17.55 1.41 -1.28
C ASP B 537 17.98 2.84 -0.93
N PHE B 538 17.56 3.32 0.22
CA PHE B 538 17.99 4.61 0.71
C PHE B 538 19.51 4.73 0.89
N CYS B 539 20.11 3.83 1.67
CA CYS B 539 21.57 3.86 1.91
C CYS B 539 22.38 3.63 0.65
N ASN B 540 21.83 2.86 -0.30
CA ASN B 540 22.45 2.66 -1.58
C ASN B 540 22.68 3.96 -2.34
N GLN B 541 21.83 4.96 -2.10
CA GLN B 541 21.96 6.25 -2.72
C GLN B 541 22.46 7.36 -1.84
N CYS B 542 22.92 7.02 -0.65
CA CYS B 542 23.39 8.02 0.27
C CYS B 542 24.80 7.66 0.64
N ARG B 543 25.62 8.66 0.96
CA ARG B 543 27.00 8.44 1.49
C ARG B 543 27.37 9.43 2.59
N LYS B 544 26.39 10.02 3.25
CA LYS B 544 26.64 11.17 4.12
C LYS B 544 27.49 10.86 5.32
N CYS B 545 27.14 9.76 5.99
CA CYS B 545 27.90 9.24 7.10
C CYS B 545 29.36 8.89 6.72
N ALA B 546 29.50 8.19 5.58
CA ALA B 546 30.82 7.84 5.00
C ALA B 546 31.71 9.07 4.76
N ARG B 547 31.09 10.12 4.22
CA ARG B 547 31.78 11.35 3.88
C ARG B 547 32.18 12.11 5.10
N GLU B 548 31.34 12.04 6.15
CA GLU B 548 31.58 12.80 7.38
C GLU B 548 32.38 12.09 8.47
N CYS B 549 32.78 10.84 8.23
CA CYS B 549 33.57 10.10 9.18
C CYS B 549 35.00 10.64 9.25
N PRO B 550 35.47 11.04 10.45
CA PRO B 550 36.81 11.60 10.63
C PRO B 550 37.96 10.73 10.20
N CYS B 551 37.81 9.40 10.23
CA CYS B 551 38.86 8.48 9.80
C CYS B 551 38.54 7.61 8.60
N ASN B 552 37.53 8.00 7.85
CA ASN B 552 37.21 7.32 6.62
C ASN B 552 36.94 5.81 6.85
N ALA B 553 36.33 5.47 7.97
CA ALA B 553 36.08 4.05 8.35
C ALA B 553 34.85 3.47 7.72
N ILE B 554 33.94 4.33 7.25
CA ILE B 554 32.65 3.85 6.74
C ILE B 554 32.76 3.61 5.25
N SER B 555 32.23 2.47 4.80
CA SER B 555 32.37 2.09 3.40
C SER B 555 31.56 2.96 2.46
N PHE B 556 32.21 3.37 1.36
CA PHE B 556 31.52 4.06 0.26
C PHE B 556 30.98 3.08 -0.76
N GLY B 557 31.23 1.80 -0.56
CA GLY B 557 30.90 0.81 -1.60
C GLY B 557 29.64 0.06 -1.31
N ASP B 558 29.53 -1.09 -1.94
CA ASP B 558 28.37 -1.96 -1.76
C ASP B 558 28.54 -2.88 -0.55
N LYS B 559 27.42 -3.50 -0.18
CA LYS B 559 27.40 -4.50 0.85
C LYS B 559 28.22 -5.73 0.45
N VAL B 560 28.78 -6.37 1.47
CA VAL B 560 29.57 -7.56 1.31
C VAL B 560 29.03 -8.62 2.24
N MET B 561 29.40 -9.87 1.94
CA MET B 561 29.21 -10.98 2.87
C MET B 561 30.36 -11.01 3.87
N PHE B 562 30.00 -11.25 5.13
CA PHE B 562 30.95 -11.14 6.26
C PHE B 562 30.47 -12.07 7.35
N ASN B 563 31.25 -13.09 7.66
CA ASN B 563 30.83 -14.11 8.63
C ASN B 563 29.40 -14.66 8.43
N GLY B 564 29.01 -14.85 7.16
CA GLY B 564 27.72 -15.50 6.83
C GLY B 564 26.51 -14.59 6.78
N TYR B 565 26.72 -13.29 6.64
CA TYR B 565 25.60 -12.33 6.53
C TYR B 565 26.02 -11.09 5.77
N GLU B 566 25.04 -10.49 5.14
CA GLU B 566 25.19 -9.32 4.29
C GLU B 566 25.26 -8.08 5.15
N ILE B 567 26.25 -7.24 4.89
CA ILE B 567 26.50 -6.09 5.73
C ILE B 567 27.30 -5.02 4.96
N TRP B 568 27.17 -3.75 5.35
CA TRP B 568 28.18 -2.79 4.94
C TRP B 568 29.27 -2.83 5.98
N LYS B 569 30.45 -3.34 5.65
CA LYS B 569 31.44 -3.48 6.70
C LYS B 569 32.32 -2.25 6.78
N ALA B 570 32.21 -1.56 7.92
CA ALA B 570 33.08 -0.44 8.23
C ALA B 570 34.45 -1.02 8.64
N ASP B 571 35.45 -0.14 8.71
CA ASP B 571 36.80 -0.51 9.17
C ASP B 571 36.88 -0.25 10.66
N VAL B 572 36.68 -1.33 11.40
CA VAL B 572 36.58 -1.24 12.86
C VAL B 572 37.94 -1.00 13.55
N GLU B 573 39.02 -1.26 12.83
CA GLU B 573 40.35 -0.94 13.31
C GLU B 573 40.53 0.58 13.32
N LYS B 574 40.25 1.21 12.19
CA LYS B 574 40.40 2.67 12.11
C LYS B 574 39.47 3.37 13.12
N CYS B 575 38.21 2.92 13.17
CA CYS B 575 37.20 3.53 14.06
C CYS B 575 37.60 3.39 15.51
N THR B 576 37.99 2.20 15.91
CA THR B 576 38.43 2.00 17.30
C THR B 576 39.59 2.94 17.60
N LYS B 577 40.58 2.99 16.71
CA LYS B 577 41.77 3.79 16.97
C LYS B 577 41.37 5.26 17.15
N TYR B 578 40.50 5.75 16.28
CA TYR B 578 40.06 7.14 16.36
C TYR B 578 39.30 7.40 17.68
N ARG B 579 38.28 6.60 17.95
CA ARG B 579 37.47 6.76 19.15
C ARG B 579 38.29 6.72 20.41
N VAL B 580 39.20 5.78 20.48
CA VAL B 580 40.00 5.54 21.70
C VAL B 580 41.11 6.59 21.92
N THR B 581 41.71 7.01 20.82
CA THR B 581 42.97 7.76 20.79
C THR B 581 42.84 9.23 20.43
N GLN B 582 41.78 9.60 19.72
CA GLN B 582 41.54 10.98 19.35
C GLN B 582 41.54 11.86 20.61
N MET B 583 42.17 13.05 20.51
N MET B 583 42.17 13.05 20.52
CA MET B 583 42.46 13.91 21.66
CA MET B 583 42.46 13.90 21.67
C MET B 583 41.67 15.21 21.73
C MET B 583 41.67 15.21 21.73
N LYS B 584 40.86 15.49 20.72
CA LYS B 584 40.07 16.72 20.69
C LYS B 584 38.59 16.47 21.05
N GLY B 585 38.36 15.40 21.77
CA GLY B 585 37.01 15.07 22.23
C GLY B 585 37.06 13.78 23.05
N SER B 586 35.89 13.32 23.45
CA SER B 586 35.79 12.05 24.22
C SER B 586 35.01 11.04 23.35
N ALA B 587 35.77 10.19 22.66
CA ALA B 587 35.25 9.22 21.71
C ALA B 587 34.63 9.90 20.51
N CYS B 588 33.66 9.22 19.87
CA CYS B 588 33.05 9.66 18.62
C CYS B 588 31.73 8.94 18.33
N GLY B 589 30.82 9.65 17.65
CA GLY B 589 29.56 9.11 17.12
C GLY B 589 29.04 10.02 16.05
N ARG B 590 29.97 10.63 15.33
CA ARG B 590 29.65 11.65 14.35
C ARG B 590 28.75 11.10 13.25
N CYS B 591 28.92 9.82 12.97
CA CYS B 591 28.16 9.15 11.93
C CYS B 591 26.64 9.11 12.21
N MET B 592 26.27 8.95 13.48
CA MET B 592 24.86 9.04 13.91
C MET B 592 24.32 10.43 13.75
N LYS B 593 25.14 11.40 14.12
CA LYS B 593 24.79 12.81 13.95
C LYS B 593 24.43 13.19 12.51
N MET B 594 25.23 12.74 11.57
CA MET B 594 25.20 13.27 10.19
C MET B 594 24.15 12.60 9.30
N CYS B 595 23.59 11.52 9.80
CA CYS B 595 22.64 10.72 9.02
C CYS B 595 21.36 11.48 8.80
N PRO B 596 20.83 11.45 7.57
CA PRO B 596 19.56 12.15 7.33
C PRO B 596 18.39 11.70 8.23
N TRP B 597 18.41 10.44 8.64
CA TRP B 597 17.35 9.90 9.45
C TRP B 597 17.46 10.42 10.88
N ASN B 598 18.60 11.04 11.20
CA ASN B 598 18.74 11.68 12.49
C ASN B 598 18.04 13.04 12.38
N ARG B 599 16.77 13.04 12.79
CA ARG B 599 15.88 14.21 12.71
C ARG B 599 15.13 14.52 13.99
N GLU B 600 14.70 15.79 14.03
CA GLU B 600 13.88 16.33 15.09
C GLU B 600 12.49 15.70 15.04
N ASP B 601 11.89 15.54 16.21
CA ASP B 601 10.57 14.93 16.39
C ASP B 601 9.41 15.96 16.25
N THR B 602 9.37 16.56 15.07
CA THR B 602 8.33 17.49 14.68
C THR B 602 7.49 16.81 13.60
N VAL B 603 6.40 17.47 13.21
CA VAL B 603 5.51 16.97 12.14
C VAL B 603 6.28 16.92 10.80
N GLU B 604 7.11 17.94 10.51
CA GLU B 604 7.94 17.95 9.32
C GLU B 604 9.03 16.85 9.36
N GLY B 605 9.66 16.71 10.52
CA GLY B 605 10.70 15.69 10.67
C GLY B 605 10.13 14.32 10.38
N ARG B 606 9.02 14.01 11.01
CA ARG B 606 8.32 12.76 10.78
C ARG B 606 7.82 12.57 9.37
N ARG B 607 7.42 13.66 8.72
CA ARG B 607 6.91 13.56 7.36
C ARG B 607 8.04 13.18 6.39
N LEU B 608 9.22 13.75 6.61
CA LEU B 608 10.37 13.39 5.79
C LEU B 608 10.75 11.94 5.95
N ALA B 609 10.54 11.39 7.14
CA ALA B 609 10.74 9.94 7.38
C ALA B 609 9.66 9.07 6.72
N GLU B 610 8.39 9.49 6.82
CA GLU B 610 7.27 8.80 6.13
C GLU B 610 7.45 8.80 4.64
N LEU B 611 7.85 9.95 4.10
CA LEU B 611 8.14 10.04 2.66
C LEU B 611 9.30 9.13 2.26
N SER B 612 10.38 9.16 3.02
CA SER B 612 11.52 8.29 2.76
C SER B 612 11.08 6.80 2.74
N ILE B 613 10.23 6.45 3.69
CA ILE B 613 9.74 5.10 3.77
C ILE B 613 8.79 4.78 2.61
N LYS B 614 7.80 5.63 2.36
CA LYS B 614 6.69 5.29 1.46
C LYS B 614 6.84 5.69 0.02
N VAL B 615 7.79 6.56 -0.28
CA VAL B 615 7.89 7.13 -1.61
C VAL B 615 9.32 6.99 -2.11
N PRO B 616 9.62 5.86 -2.75
CA PRO B 616 10.95 5.65 -3.26
C PRO B 616 11.48 6.71 -4.22
N GLU B 617 10.60 7.20 -5.10
CA GLU B 617 10.97 8.19 -6.13
C GLU B 617 11.45 9.48 -5.41
N ALA B 618 11.10 9.65 -4.14
CA ALA B 618 11.54 10.85 -3.35
C ALA B 618 12.91 10.78 -2.61
N ARG B 619 13.46 9.60 -2.50
CA ARG B 619 14.61 9.38 -1.62
C ARG B 619 15.81 10.16 -2.05
N ALA B 620 16.11 10.13 -3.35
CA ALA B 620 17.30 10.83 -3.87
C ALA B 620 17.27 12.33 -3.55
N ALA B 621 16.06 12.87 -3.66
CA ALA B 621 15.78 14.30 -3.44
C ALA B 621 15.92 14.66 -1.98
N ILE B 622 15.44 13.76 -1.12
CA ILE B 622 15.55 13.92 0.33
C ILE B 622 17.03 13.85 0.78
N ILE B 623 17.75 12.92 0.18
CA ILE B 623 19.17 12.78 0.46
C ILE B 623 19.92 14.06 0.12
N ALA B 624 19.57 14.63 -1.04
CA ALA B 624 20.28 15.79 -1.57
C ALA B 624 19.95 17.07 -0.82
N MET B 625 18.68 17.23 -0.49
CA MET B 625 18.24 18.35 0.27
C MET B 625 18.67 18.31 1.71
N ASP B 626 19.01 17.13 2.24
CA ASP B 626 19.59 17.07 3.56
C ASP B 626 20.88 17.85 3.64
N ASP B 627 21.63 17.80 2.57
CA ASP B 627 22.83 18.62 2.46
C ASP B 627 22.57 20.07 2.05
N ALA B 628 21.73 20.26 1.05
CA ALA B 628 21.33 21.61 0.63
C ALA B 628 20.82 22.44 1.80
N LEU B 629 20.06 21.83 2.70
CA LEU B 629 19.55 22.53 3.88
C LEU B 629 20.52 22.53 5.05
N GLN B 630 21.75 22.07 4.81
CA GLN B 630 22.79 22.01 5.83
C GLN B 630 22.41 21.32 7.14
N ASN B 631 21.71 20.21 7.02
CA ASN B 631 21.47 19.36 8.16
C ASN B 631 22.78 18.67 8.54
N GLY B 632 23.10 18.65 9.83
CA GLY B 632 24.45 18.21 10.25
C GLY B 632 25.32 19.39 10.69
N LYS B 633 24.88 20.60 10.33
CA LYS B 633 25.51 21.84 10.85
C LYS B 633 25.39 21.76 12.35
N ARG B 634 26.40 22.24 13.04
CA ARG B 634 26.36 22.33 14.50
C ARG B 634 25.51 23.55 14.93
N ASN B 635 24.60 23.33 15.86
CA ASN B 635 23.66 24.33 16.29
C ASN B 635 24.16 24.94 17.58
N LEU B 636 24.66 26.17 17.48
CA LEU B 636 25.45 26.82 18.53
C LEU B 636 24.62 26.95 19.81
N ILE B 637 23.29 27.06 19.62
CA ILE B 637 22.32 27.21 20.73
C ILE B 637 22.21 25.96 21.64
N LYS B 638 22.50 24.80 21.05
CA LYS B 638 22.35 23.55 21.76
C LYS B 638 23.60 23.10 22.50
N ARG B 639 24.67 23.87 22.41
CA ARG B 639 25.91 23.50 23.06
C ARG B 639 25.95 23.86 24.54
N TRP B 640 25.41 23.00 25.37
CA TRP B 640 25.10 23.35 26.74
C TRP B 640 26.19 22.91 27.70
N TRP B 641 27.10 22.11 27.22
CA TRP B 641 28.07 21.43 28.09
C TRP B 641 29.37 22.23 28.20
N PHE B 642 30.12 21.99 29.27
CA PHE B 642 31.44 22.56 29.38
C PHE B 642 32.45 21.65 28.65
N ASP B 643 33.41 22.26 27.96
CA ASP B 643 34.58 21.54 27.46
C ASP B 643 35.61 21.33 28.60
N LEU B 644 35.46 20.20 29.26
CA LEU B 644 36.33 19.79 30.34
C LEU B 644 36.90 18.41 30.02
N GLU B 645 38.21 18.31 30.22
CA GLU B 645 38.97 17.09 30.12
C GLU B 645 39.66 16.86 31.46
N VAL B 646 39.36 15.74 32.10
CA VAL B 646 40.07 15.30 33.29
C VAL B 646 41.40 14.63 32.94
N ILE B 647 42.50 15.25 33.40
CA ILE B 647 43.88 14.75 33.29
C ILE B 647 44.48 14.66 34.69
N ASP B 648 44.84 13.44 35.07
CA ASP B 648 45.43 13.15 36.39
C ASP B 648 44.52 13.56 37.51
N GLY B 649 43.25 13.20 37.38
CA GLY B 649 42.24 13.40 38.44
C GLY B 649 41.69 14.81 38.60
N VAL B 650 42.11 15.73 37.72
CA VAL B 650 41.65 17.12 37.78
C VAL B 650 41.08 17.54 36.43
N ALA B 651 39.92 18.15 36.48
CA ALA B 651 39.30 18.72 35.31
C ALA B 651 40.00 20.00 34.85
N GLY B 652 40.29 20.10 33.56
CA GLY B 652 40.83 21.31 33.00
C GLY B 652 40.34 21.57 31.62
N ALA B 653 40.75 22.69 31.03
CA ALA B 653 40.51 22.94 29.61
C ALA B 653 41.10 21.81 28.79
N PRO B 654 40.56 21.54 27.60
CA PRO B 654 41.12 20.48 26.78
C PRO B 654 42.56 20.76 26.37
N ARG B 655 43.44 19.78 26.60
CA ARG B 655 44.87 19.91 26.31
C ARG B 655 45.12 20.20 24.82
N MET B 656 44.48 19.42 23.96
CA MET B 656 44.76 19.47 22.53
C MET B 656 43.73 20.21 21.76
N GLY B 657 42.66 20.60 22.43
CA GLY B 657 41.59 21.37 21.75
C GLY B 657 40.27 20.64 21.68
N THR B 658 39.40 21.08 20.76
CA THR B 658 38.06 20.57 20.64
C THR B 658 37.61 20.51 19.20
N ASN B 659 37.16 19.36 18.76
CA ASN B 659 36.60 19.19 17.42
C ASN B 659 35.32 19.99 17.26
N GLU B 660 35.24 20.75 16.17
CA GLU B 660 34.11 21.64 15.88
C GLU B 660 33.90 21.49 14.43
N ARG B 661 33.62 20.26 14.04
CA ARG B 661 33.47 19.89 12.65
C ARG B 661 32.23 20.40 11.99
N ASP B 662 32.38 20.73 10.72
CA ASP B 662 31.28 21.21 9.88
C ASP B 662 31.04 20.26 8.72
N LEU B 663 29.96 20.47 7.96
CA LEU B 663 29.71 19.66 6.78
C LEU B 663 30.81 19.74 5.74
N SER B 664 30.88 18.73 4.89
CA SER B 664 31.89 18.64 3.85
C SER B 664 31.29 18.53 2.47
N PRO B 665 32.04 18.90 1.43
CA PRO B 665 31.49 18.77 0.08
C PRO B 665 31.65 17.33 -0.43
N ASP B 666 30.71 16.82 -1.22
CA ASP B 666 30.80 15.38 -1.58
C ASP B 666 31.63 14.99 -2.83
N ALA B 673 35.26 3.78 -3.55
CA ALA B 673 35.81 3.36 -4.87
C ALA B 673 37.36 3.14 -4.97
N ASN B 674 38.15 4.10 -4.54
CA ASN B 674 39.58 3.87 -4.29
C ASN B 674 39.83 3.59 -2.85
N GLN B 675 38.76 3.68 -2.07
CA GLN B 675 38.82 3.41 -0.65
C GLN B 675 39.17 1.93 -0.39
N LYS B 676 40.19 1.67 0.45
CA LYS B 676 40.55 0.31 0.83
C LYS B 676 40.48 0.12 2.36
N LEU B 677 39.52 -0.73 2.75
CA LEU B 677 39.18 -1.00 4.12
C LEU B 677 39.55 -2.43 4.48
N ALA B 678 39.80 -2.63 5.77
CA ALA B 678 40.09 -3.97 6.30
C ALA B 678 38.89 -4.51 7.05
N MET B 679 38.72 -5.81 6.94
CA MET B 679 37.71 -6.49 7.73
C MET B 679 38.33 -7.64 8.52
N TYR B 680 37.68 -7.97 9.63
CA TYR B 680 38.19 -8.91 10.59
C TYR B 680 37.07 -9.85 11.01
N PRO B 681 36.63 -10.69 10.04
CA PRO B 681 35.75 -11.81 10.37
C PRO B 681 36.54 -12.83 11.23
N PRO B 682 35.86 -13.78 11.88
CA PRO B 682 36.46 -14.75 12.80
C PRO B 682 37.88 -15.23 12.45
N ARG B 683 38.08 -15.62 11.21
CA ARG B 683 39.42 -15.99 10.72
C ARG B 683 40.57 -15.11 11.17
N LEU B 684 40.30 -13.80 11.18
CA LEU B 684 41.32 -12.82 11.53
C LEU B 684 41.16 -12.26 12.95
N GLN B 685 40.34 -12.95 13.75
CA GLN B 685 40.11 -12.62 15.14
C GLN B 685 40.95 -13.55 16.05
N PRO B 686 41.13 -13.16 17.33
CA PRO B 686 41.62 -14.09 18.31
C PRO B 686 40.65 -15.24 18.40
N PRO B 687 41.16 -16.49 18.39
CA PRO B 687 40.24 -17.65 18.38
C PRO B 687 39.50 -17.82 19.69
N PRO B 688 38.39 -18.61 19.67
CA PRO B 688 37.59 -18.84 20.85
C PRO B 688 38.49 -19.44 21.93
N GLY B 689 38.38 -18.93 23.15
CA GLY B 689 39.23 -19.27 24.26
C GLY B 689 40.39 -18.30 24.54
N THR B 690 40.79 -17.46 23.57
CA THR B 690 41.86 -16.49 23.81
C THR B 690 41.38 -15.47 24.84
N THR B 691 42.28 -15.09 25.73
CA THR B 691 41.98 -14.15 26.82
C THR B 691 42.74 -12.84 26.61
N LEU B 692 42.50 -11.89 27.48
CA LEU B 692 43.22 -10.59 27.47
C LEU B 692 44.71 -10.71 27.75
N ASP B 693 45.11 -11.86 28.33
CA ASP B 693 46.52 -12.08 28.75
C ASP B 693 47.43 -12.38 27.58
N ALA B 694 46.82 -12.77 26.46
CA ALA B 694 47.48 -12.94 25.17
C ALA B 694 47.33 -11.66 24.30
N VAL B 695 48.33 -11.43 23.45
CA VAL B 695 48.31 -10.35 22.47
C VAL B 695 48.25 -10.97 21.08
N LEU B 696 47.41 -10.43 20.22
CA LEU B 696 47.35 -10.83 18.83
C LEU B 696 47.35 -9.58 17.95
N PRO B 697 48.53 -9.12 17.55
CA PRO B 697 48.54 -7.87 16.77
C PRO B 697 47.60 -7.95 15.60
N VAL B 698 46.86 -6.86 15.34
CA VAL B 698 45.88 -6.89 14.26
C VAL B 698 46.56 -7.10 12.92
N ASP B 699 46.09 -8.08 12.15
CA ASP B 699 46.66 -8.37 10.83
C ASP B 699 45.99 -7.53 9.75
N ARG B 700 46.41 -6.28 9.63
CA ARG B 700 45.77 -5.36 8.69
C ARG B 700 45.90 -5.78 7.24
N SER B 701 47.06 -6.29 6.84
CA SER B 701 47.27 -6.77 5.45
C SER B 701 46.26 -7.79 5.08
N GLY B 702 46.10 -8.72 6.00
CA GLY B 702 45.24 -9.85 5.78
C GLY B 702 43.80 -9.38 5.80
N GLY B 703 43.54 -8.31 6.55
CA GLY B 703 42.21 -7.76 6.65
C GLY B 703 41.85 -6.99 5.41
N LEU B 704 42.82 -6.29 4.86
CA LEU B 704 42.65 -5.62 3.56
C LEU B 704 42.32 -6.62 2.46
N ALA B 705 43.06 -7.73 2.45
CA ALA B 705 42.87 -8.79 1.45
C ALA B 705 41.56 -9.52 1.64
N GLU B 706 41.23 -9.76 2.90
CA GLU B 706 39.97 -10.36 3.25
C GLU B 706 38.83 -9.57 2.61
N TYR B 707 38.83 -8.25 2.83
CA TYR B 707 37.79 -7.37 2.29
C TYR B 707 37.75 -7.49 0.76
N ALA B 708 38.92 -7.44 0.12
CA ALA B 708 38.99 -7.44 -1.35
C ALA B 708 38.44 -8.75 -1.90
N ALA B 709 38.51 -9.80 -1.08
CA ALA B 709 38.08 -11.14 -1.42
C ALA B 709 36.67 -11.46 -0.99
N ALA B 710 36.05 -10.58 -0.21
CA ALA B 710 34.71 -10.85 0.33
C ALA B 710 33.71 -11.18 -0.79
N GLU B 711 32.90 -12.21 -0.58
CA GLU B 711 31.86 -12.58 -1.49
C GLU B 711 30.75 -11.54 -1.54
N THR B 712 30.16 -11.39 -2.71
CA THR B 712 29.08 -10.43 -2.90
C THR B 712 27.84 -11.12 -2.44
N PRO B 713 26.89 -10.35 -1.89
CA PRO B 713 25.61 -10.91 -1.46
C PRO B 713 24.85 -11.59 -2.60
N ALA B 714 25.01 -11.03 -3.80
CA ALA B 714 24.45 -11.60 -5.04
C ALA B 714 24.94 -13.03 -5.30
N ALA B 715 26.27 -13.18 -5.30
CA ALA B 715 26.94 -14.49 -5.44
C ALA B 715 26.50 -15.43 -4.34
N ALA B 716 26.45 -14.95 -3.11
CA ALA B 716 26.00 -15.79 -2.01
C ALA B 716 24.60 -16.37 -2.30
N ARG B 717 23.66 -15.52 -2.69
CA ARG B 717 22.29 -15.99 -3.04
C ARG B 717 22.29 -17.01 -4.19
N ALA B 718 23.12 -16.79 -5.20
CA ALA B 718 23.22 -17.75 -6.30
C ALA B 718 23.77 -19.08 -5.78
N ARG B 719 24.76 -18.97 -4.88
CA ARG B 719 25.42 -20.13 -4.31
C ARG B 719 24.46 -20.93 -3.49
N LEU B 720 23.71 -20.25 -2.65
CA LEU B 720 22.71 -20.91 -1.79
C LEU B 720 21.57 -21.50 -2.58
N LYS B 721 21.19 -20.82 -3.67
CA LYS B 721 20.17 -21.31 -4.60
C LYS B 721 20.54 -22.70 -5.19
N SER B 722 21.81 -22.89 -5.53
CA SER B 722 22.24 -24.14 -6.16
C SER B 722 22.24 -25.33 -5.22
N SER B 723 22.23 -25.13 -3.90
CA SER B 723 21.98 -26.22 -2.96
C SER B 723 20.50 -26.33 -2.50
N ALA B 724 19.54 -25.65 -3.16
CA ALA B 724 18.14 -25.59 -2.61
C ALA B 724 17.19 -26.64 -3.20
N GLN C 25 -3.10 12.26 2.62
CA GLN C 25 -2.21 11.88 3.78
C GLN C 25 -0.70 12.17 3.51
N ILE C 26 -0.01 11.50 2.56
CA ILE C 26 1.47 11.74 2.34
C ILE C 26 1.69 12.88 1.28
N SER C 27 0.64 13.22 0.49
CA SER C 27 0.77 13.98 -0.77
C SER C 27 0.64 15.52 -0.73
N MET C 28 0.28 16.09 0.42
CA MET C 28 0.28 17.56 0.60
C MET C 28 1.67 18.15 0.51
N ARG C 29 1.69 19.41 0.08
CA ARG C 29 2.93 20.16 0.03
C ARG C 29 3.52 20.30 1.42
N LEU C 30 4.80 20.05 1.51
CA LEU C 30 5.53 20.27 2.72
C LEU C 30 5.85 21.78 2.86
N TYR C 31 6.01 22.50 1.75
CA TYR C 31 6.52 23.89 1.72
C TYR C 31 5.41 24.88 1.29
N SER C 32 5.35 26.04 1.94
CA SER C 32 4.37 27.09 1.63
C SER C 32 4.75 27.86 0.38
N ASN C 33 3.74 28.27 -0.36
CA ASN C 33 3.98 29.12 -1.52
C ASN C 33 3.74 30.59 -1.22
N ARG C 34 3.78 30.98 0.05
CA ARG C 34 3.42 32.35 0.45
C ARG C 34 4.32 33.42 -0.22
N ASP C 35 5.56 33.07 -0.56
CA ASP C 35 6.45 33.99 -1.24
C ASP C 35 6.57 33.74 -2.76
N ARG C 36 5.77 32.81 -3.27
CA ARG C 36 5.72 32.55 -4.70
C ARG C 36 4.61 33.41 -5.37
N PRO C 37 4.99 34.24 -6.37
CA PRO C 37 3.96 35.01 -7.07
C PRO C 37 3.14 34.12 -7.96
N ASN C 38 1.90 34.50 -8.15
CA ASN C 38 0.92 33.66 -8.84
C ASN C 38 1.29 33.33 -10.28
N HIS C 39 1.95 34.26 -10.97
CA HIS C 39 2.29 34.04 -12.38
C HIS C 39 3.26 32.92 -12.63
N LEU C 40 3.93 32.45 -11.57
CA LEU C 40 4.86 31.31 -11.65
C LEU C 40 4.16 29.94 -11.64
N GLY C 41 2.92 29.95 -11.17
CA GLY C 41 2.11 28.75 -11.21
C GLY C 41 2.46 27.75 -10.12
N PRO C 42 1.70 26.65 -10.07
CA PRO C 42 1.96 25.58 -9.10
C PRO C 42 3.13 24.67 -9.45
N LEU C 43 3.65 24.76 -10.67
CA LEU C 43 4.74 23.90 -11.17
C LEU C 43 6.02 24.68 -11.23
N ALA C 44 7.15 23.99 -11.08
CA ALA C 44 8.45 24.67 -11.08
C ALA C 44 9.03 24.81 -12.48
N LEU C 45 8.32 25.55 -13.31
CA LEU C 45 8.66 25.65 -14.75
C LEU C 45 9.94 26.47 -14.94
N GLU C 46 10.12 27.40 -14.00
CA GLU C 46 11.32 28.20 -13.80
C GLU C 46 12.63 27.39 -13.67
N ARG C 47 12.51 26.13 -13.31
CA ARG C 47 13.67 25.26 -13.08
C ARG C 47 13.95 24.31 -14.23
N LEU C 48 13.25 24.49 -15.35
CA LEU C 48 13.42 23.59 -16.50
C LEU C 48 14.39 24.18 -17.51
N ALA C 49 15.18 23.29 -18.13
CA ALA C 49 16.16 23.65 -19.16
C ALA C 49 15.48 24.29 -20.36
N ARG C 50 16.00 25.45 -20.76
CA ARG C 50 15.48 26.22 -21.90
C ARG C 50 16.57 26.68 -22.86
N VAL C 51 16.14 26.96 -24.09
CA VAL C 51 16.99 27.54 -25.12
C VAL C 51 16.28 28.74 -25.77
N ASP C 52 17.03 29.58 -26.47
CA ASP C 52 16.52 30.81 -27.08
C ASP C 52 15.55 30.52 -28.23
N ASP C 53 15.91 29.56 -29.08
CA ASP C 53 15.17 29.27 -30.32
C ASP C 53 15.05 27.75 -30.48
N VAL C 54 13.98 27.25 -31.07
CA VAL C 54 13.84 25.80 -31.36
C VAL C 54 13.29 25.65 -32.79
N VAL C 55 13.71 24.61 -33.51
CA VAL C 55 13.29 24.46 -34.91
C VAL C 55 11.86 23.90 -34.90
N ALA C 56 10.96 24.54 -35.65
CA ALA C 56 9.58 24.04 -35.78
C ALA C 56 9.62 22.61 -36.29
N GLN C 57 8.59 21.84 -36.01
CA GLN C 57 8.58 20.40 -36.28
C GLN C 57 7.17 19.86 -36.22
N PRO C 58 6.78 18.96 -37.16
CA PRO C 58 5.36 18.53 -37.16
C PRO C 58 4.93 17.85 -35.85
N ALA C 59 3.75 18.19 -35.27
CA ALA C 59 3.28 17.67 -33.94
C ALA C 59 1.74 17.75 -33.66
N ARG C 60 1.20 16.69 -33.07
CA ARG C 60 -0.21 16.56 -32.70
C ARG C 60 -0.36 16.81 -31.19
N GLN C 61 -1.51 17.29 -30.74
CA GLN C 61 -1.83 17.32 -29.30
C GLN C 61 -2.15 15.90 -28.87
N PRO C 62 -2.02 15.63 -27.55
CA PRO C 62 -2.42 14.33 -27.00
C PRO C 62 -3.89 14.06 -27.25
N GLU C 63 -4.22 12.80 -27.43
CA GLU C 63 -5.60 12.37 -27.73
C GLU C 63 -5.97 11.28 -26.74
N ASP C 64 -7.25 10.91 -26.67
CA ASP C 64 -7.62 9.76 -25.83
C ASP C 64 -7.07 8.47 -26.45
N GLY C 65 -6.68 7.51 -25.63
CA GLY C 65 -6.23 6.19 -26.08
C GLY C 65 -7.41 5.39 -26.58
N PHE C 66 -8.42 5.22 -25.72
CA PHE C 66 -9.66 4.50 -26.05
C PHE C 66 -10.73 5.47 -26.63
N ALA C 67 -11.56 4.98 -27.54
CA ALA C 67 -12.63 5.81 -28.10
C ALA C 67 -13.86 5.81 -27.17
N ALA C 68 -14.77 6.75 -27.40
CA ALA C 68 -15.90 6.98 -26.48
C ALA C 68 -17.17 6.23 -26.89
N SER C 69 -17.81 5.51 -25.98
CA SER C 69 -19.06 4.75 -26.27
C SER C 69 -20.31 5.65 -26.49
N GLU C 70 -21.42 5.04 -26.92
CA GLU C 70 -22.71 5.72 -27.14
C GLU C 70 -23.52 5.95 -25.86
N ASP C 71 -23.08 5.34 -24.76
CA ASP C 71 -23.50 5.73 -23.40
C ASP C 71 -22.53 6.68 -22.64
N SER C 72 -21.74 7.47 -23.37
CA SER C 72 -20.76 8.40 -22.78
C SER C 72 -21.20 9.87 -22.86
N LEU C 73 -20.41 10.70 -22.22
CA LEU C 73 -20.70 12.10 -21.97
C LEU C 73 -20.22 13.05 -23.10
N LEU C 74 -19.65 12.46 -24.15
CA LEU C 74 -18.93 13.24 -25.15
C LEU C 74 -19.77 14.36 -25.78
N GLY C 75 -21.04 14.07 -26.06
CA GLY C 75 -21.93 15.04 -26.69
C GLY C 75 -22.15 16.31 -25.89
N ASP C 76 -22.16 16.13 -24.56
CA ASP C 76 -22.41 17.22 -23.60
C ASP C 76 -21.20 18.16 -23.48
N VAL C 77 -20.00 17.60 -23.39
CA VAL C 77 -18.79 18.46 -23.35
C VAL C 77 -18.55 19.14 -24.69
N GLU C 78 -18.94 18.46 -25.76
CA GLU C 78 -18.92 19.07 -27.11
C GLU C 78 -19.90 20.24 -27.25
N GLU C 79 -21.10 20.10 -26.67
CA GLU C 79 -22.07 21.20 -26.67
C GLU C 79 -21.59 22.48 -25.94
N TYR C 80 -21.03 22.32 -24.73
CA TYR C 80 -20.57 23.45 -23.95
C TYR C 80 -19.35 24.09 -24.59
N ALA C 81 -18.53 23.27 -25.20
CA ALA C 81 -17.39 23.78 -25.96
C ALA C 81 -17.88 24.63 -27.16
N ARG C 82 -18.92 24.16 -27.86
CA ARG C 82 -19.57 24.92 -28.98
C ARG C 82 -20.14 26.27 -28.44
N LEU C 83 -20.77 26.23 -27.28
CA LEU C 83 -21.21 27.45 -26.61
C LEU C 83 -20.07 28.41 -26.35
N PHE C 84 -19.00 27.94 -25.70
CA PHE C 84 -17.88 28.84 -25.31
C PHE C 84 -17.11 29.37 -26.52
N THR C 85 -17.15 28.58 -27.60
CA THR C 85 -16.60 29.00 -28.89
C THR C 85 -17.14 30.38 -29.35
N ARG C 86 -18.40 30.66 -29.01
CA ARG C 86 -19.06 31.92 -29.36
C ARG C 86 -18.39 33.14 -28.74
N PHE C 87 -17.55 32.94 -27.72
CA PHE C 87 -17.00 34.08 -26.95
C PHE C 87 -15.51 34.17 -27.11
N LEU C 88 -14.97 33.39 -28.03
CA LEU C 88 -13.55 33.50 -28.42
C LEU C 88 -13.22 34.88 -29.03
N ASP C 89 -14.21 35.50 -29.68
CA ASP C 89 -14.09 36.88 -30.12
C ASP C 89 -15.32 37.67 -29.71
N GLY C 90 -15.20 38.98 -29.67
CA GLY C 90 -16.30 39.81 -29.24
C GLY C 90 -15.93 41.25 -29.34
N PRO C 91 -16.80 42.12 -28.82
CA PRO C 91 -16.55 43.56 -28.89
C PRO C 91 -15.40 44.04 -28.03
N VAL C 92 -14.65 44.99 -28.57
CA VAL C 92 -13.50 45.56 -27.91
C VAL C 92 -13.92 46.89 -27.28
N ALA C 93 -13.60 47.03 -26.00
CA ALA C 93 -13.93 48.22 -25.26
C ALA C 93 -13.01 49.38 -25.66
N PRO C 94 -13.49 50.61 -25.41
CA PRO C 94 -12.58 51.72 -25.57
C PRO C 94 -11.39 51.58 -24.66
N LEU C 95 -10.24 52.02 -25.16
CA LEU C 95 -9.02 52.02 -24.41
C LEU C 95 -8.98 53.15 -23.39
N GLY C 96 -8.91 52.82 -22.10
CA GLY C 96 -8.75 53.81 -21.04
C GLY C 96 -7.27 54.09 -20.82
N ASP C 97 -6.97 54.90 -19.80
CA ASP C 97 -5.60 55.32 -19.47
C ASP C 97 -5.03 54.60 -18.23
N ALA C 98 -5.61 53.47 -17.86
CA ALA C 98 -5.24 52.81 -16.61
C ALA C 98 -4.58 51.44 -16.79
N ILE C 99 -4.29 51.04 -18.03
CA ILE C 99 -3.66 49.77 -18.31
C ILE C 99 -2.11 49.90 -18.28
N PRO C 100 -1.42 49.13 -17.41
CA PRO C 100 0.05 49.18 -17.34
C PRO C 100 0.72 48.97 -18.68
N ASP C 101 1.76 49.77 -18.92
CA ASP C 101 2.46 49.81 -20.22
C ASP C 101 3.51 48.68 -20.27
N ASP C 102 4.09 48.34 -19.12
CA ASP C 102 5.16 47.33 -19.02
C ASP C 102 4.74 45.91 -19.47
N PRO C 103 5.34 45.38 -20.56
CA PRO C 103 4.95 44.04 -21.03
C PRO C 103 5.32 42.90 -20.10
N ALA C 104 6.30 43.11 -19.21
CA ALA C 104 6.63 42.13 -18.18
C ALA C 104 5.51 42.02 -17.13
N ARG C 105 5.00 43.17 -16.66
CA ARG C 105 3.89 43.22 -15.69
C ARG C 105 2.61 42.71 -16.33
N ARG C 106 2.41 43.02 -17.61
CA ARG C 106 1.28 42.52 -18.39
C ARG C 106 1.29 41.01 -18.52
N ALA C 107 2.47 40.46 -18.79
CA ALA C 107 2.68 38.99 -18.91
C ALA C 107 2.37 38.26 -17.60
N GLU C 108 2.92 38.80 -16.52
CA GLU C 108 2.69 38.25 -15.20
C GLU C 108 1.20 38.22 -14.85
N ASN C 109 0.51 39.35 -15.09
CA ASN C 109 -0.91 39.46 -14.79
C ASN C 109 -1.76 38.47 -15.58
N LEU C 110 -1.38 38.24 -16.84
CA LEU C 110 -2.16 37.37 -17.71
C LEU C 110 -1.89 35.89 -17.42
N LYS C 111 -0.61 35.56 -17.16
CA LYS C 111 -0.27 34.22 -16.64
C LYS C 111 -0.98 33.95 -15.32
N ALA C 112 -0.96 34.91 -14.41
CA ALA C 112 -1.66 34.77 -13.13
C ALA C 112 -3.17 34.59 -13.31
N SER C 113 -3.76 35.37 -14.21
CA SER C 113 -5.17 35.22 -14.59
C SER C 113 -5.50 33.80 -15.06
N ALA C 114 -4.62 33.25 -15.90
CA ALA C 114 -4.86 31.93 -16.52
C ALA C 114 -4.70 30.83 -15.48
N TYR C 115 -3.73 30.98 -14.58
CA TYR C 115 -3.63 30.01 -13.48
C TYR C 115 -4.84 30.10 -12.55
N PHE C 116 -5.33 31.33 -12.30
CA PHE C 116 -6.51 31.56 -11.44
C PHE C 116 -7.72 30.80 -11.97
N LEU C 117 -7.77 30.66 -13.29
CA LEU C 117 -8.83 29.90 -13.98
C LEU C 117 -8.47 28.41 -14.19
N ASP C 118 -7.38 27.98 -13.56
CA ASP C 118 -6.96 26.57 -13.56
C ASP C 118 -6.38 26.04 -14.87
N ALA C 119 -5.70 26.91 -15.62
CA ALA C 119 -4.70 26.42 -16.59
C ALA C 119 -3.65 25.62 -15.77
N SER C 120 -3.16 24.51 -16.32
CA SER C 120 -2.12 23.68 -15.67
C SER C 120 -0.75 24.30 -15.84
N MET C 121 -0.55 24.87 -17.03
CA MET C 121 0.73 25.40 -17.48
C MET C 121 0.47 26.55 -18.45
N VAL C 122 1.26 27.62 -18.33
CA VAL C 122 1.06 28.81 -19.12
C VAL C 122 2.38 29.34 -19.65
N GLY C 123 2.36 29.78 -20.91
CA GLY C 123 3.50 30.41 -21.58
C GLY C 123 3.06 31.49 -22.56
N ILE C 124 4.02 32.29 -23.00
CA ILE C 124 3.78 33.40 -23.91
C ILE C 124 4.85 33.37 -25.00
N CYS C 125 4.40 33.53 -26.25
CA CYS C 125 5.33 33.72 -27.38
C CYS C 125 4.88 34.85 -28.34
N ARG C 126 5.87 35.37 -29.08
CA ARG C 126 5.67 36.31 -30.20
C ARG C 126 4.99 35.53 -31.37
N LEU C 127 4.07 36.18 -32.08
CA LEU C 127 3.53 35.62 -33.33
C LEU C 127 4.38 36.09 -34.51
N ASP C 128 4.65 35.19 -35.46
CA ASP C 128 5.45 35.51 -36.63
C ASP C 128 4.48 35.65 -37.83
N PRO C 129 5.01 35.91 -39.05
CA PRO C 129 4.11 36.13 -40.20
C PRO C 129 3.35 34.92 -40.72
N ASP C 130 3.90 33.70 -40.55
CA ASP C 130 3.19 32.46 -40.96
C ASP C 130 1.88 32.30 -40.16
N ASP C 131 1.83 32.89 -38.97
CA ASP C 131 0.64 32.84 -38.07
C ASP C 131 -0.62 33.65 -38.59
N ARG C 132 -0.46 34.87 -39.14
CA ARG C 132 -1.57 35.60 -39.84
C ARG C 132 -2.09 34.89 -41.10
N ASP C 135 -5.85 33.65 -41.64
CA ASP C 135 -7.20 34.07 -41.12
C ASP C 135 -7.14 34.75 -39.73
N CYS C 136 -6.05 34.54 -39.00
CA CYS C 136 -5.80 35.29 -37.76
C CYS C 136 -5.63 36.79 -38.10
N ASP C 137 -6.22 37.62 -37.23
CA ASP C 137 -6.08 39.07 -37.31
C ASP C 137 -4.62 39.40 -37.54
N PRO C 138 -4.35 40.27 -38.53
CA PRO C 138 -2.97 40.69 -38.73
C PRO C 138 -2.42 41.71 -37.71
N SER C 139 -3.26 42.24 -36.81
CA SER C 139 -2.79 43.19 -35.78
C SER C 139 -2.20 42.45 -34.56
N HIS C 140 -2.32 41.11 -34.57
CA HIS C 140 -1.92 40.26 -33.43
C HIS C 140 -0.44 39.92 -33.44
N THR C 141 0.23 40.31 -32.37
CA THR C 141 1.66 40.27 -32.23
C THR C 141 2.16 39.16 -31.26
N HIS C 142 1.36 38.87 -30.23
CA HIS C 142 1.71 37.92 -29.17
C HIS C 142 0.63 36.89 -28.91
N ALA C 143 1.07 35.71 -28.45
CA ALA C 143 0.18 34.62 -28.04
C ALA C 143 0.37 34.26 -26.56
N LEU C 144 -0.75 34.18 -25.85
CA LEU C 144 -0.79 33.54 -24.53
C LEU C 144 -1.18 32.09 -24.73
N VAL C 145 -0.22 31.19 -24.46
CA VAL C 145 -0.46 29.77 -24.65
C VAL C 145 -0.60 29.12 -23.28
N PHE C 146 -1.62 28.29 -23.14
CA PHE C 146 -1.82 27.55 -21.93
C PHE C 146 -2.21 26.11 -22.21
N ALA C 147 -1.86 25.23 -21.30
CA ALA C 147 -2.29 23.83 -21.38
C ALA C 147 -3.17 23.51 -20.19
N VAL C 148 -4.14 22.64 -20.41
CA VAL C 148 -4.97 22.09 -19.34
C VAL C 148 -4.76 20.56 -19.38
N GLN C 149 -4.36 19.99 -18.25
CA GLN C 149 -4.12 18.55 -18.21
C GLN C 149 -5.39 17.75 -18.26
N PHE C 150 -5.30 16.57 -18.85
CA PHE C 150 -6.42 15.62 -18.88
C PHE C 150 -6.90 15.33 -17.46
N GLY C 151 -8.19 15.15 -17.33
CA GLY C 151 -8.80 14.74 -16.06
C GLY C 151 -8.40 13.32 -15.65
N ARG C 152 -8.49 13.01 -14.37
CA ARG C 152 -8.36 11.61 -13.94
C ARG C 152 -9.62 10.90 -14.37
N GLU C 153 -9.50 9.65 -14.75
CA GLU C 153 -10.65 8.82 -15.12
C GLU C 153 -10.81 7.66 -14.16
N PRO C 154 -12.02 7.10 -14.04
CA PRO C 154 -12.14 5.91 -13.21
C PRO C 154 -11.40 4.73 -13.80
N GLU C 155 -10.77 3.95 -12.93
CA GLU C 155 -10.08 2.72 -13.32
C GLU C 155 -11.21 1.77 -13.83
N ALA C 156 -10.81 0.80 -14.64
CA ALA C 156 -11.75 -0.08 -15.35
C ALA C 156 -12.63 -0.83 -14.35
N GLY C 157 -13.92 -0.94 -14.66
CA GLY C 157 -14.89 -1.55 -13.74
C GLY C 157 -15.33 -0.69 -12.56
N GLU C 158 -14.73 0.49 -12.38
CA GLU C 158 -15.23 1.48 -11.42
C GLU C 158 -16.50 2.11 -12.00
N ALA C 159 -17.45 2.46 -11.12
CA ALA C 159 -18.68 3.14 -11.53
C ALA C 159 -18.39 4.38 -12.38
N GLY C 160 -19.08 4.49 -13.51
CA GLY C 160 -18.97 5.66 -14.36
C GLY C 160 -17.82 5.69 -15.36
N ALA C 161 -16.99 4.64 -15.42
CA ALA C 161 -15.88 4.59 -16.40
C ALA C 161 -16.40 4.68 -17.85
N GLU C 162 -17.52 3.98 -18.10
CA GLU C 162 -18.31 3.91 -19.37
C GLU C 162 -18.70 5.34 -19.83
N TRP C 163 -19.05 6.19 -18.85
CA TRP C 163 -19.47 7.58 -19.08
C TRP C 163 -18.35 8.49 -19.53
N ILE C 164 -17.15 8.16 -19.08
CA ILE C 164 -16.00 9.05 -19.10
C ILE C 164 -14.91 8.61 -20.11
N ARG C 165 -14.70 7.30 -20.28
CA ARG C 165 -13.61 6.77 -21.15
C ARG C 165 -13.66 7.36 -22.57
N GLY C 166 -12.55 7.95 -23.02
CA GLY C 166 -12.49 8.47 -24.36
C GLY C 166 -13.12 9.83 -24.58
N THR C 167 -13.47 10.52 -23.49
CA THR C 167 -14.03 11.88 -23.53
C THR C 167 -13.04 12.97 -23.11
N ASN C 168 -11.81 12.59 -22.80
CA ASN C 168 -10.91 13.51 -22.12
C ASN C 168 -10.39 14.66 -22.98
N ALA C 169 -10.12 14.38 -24.25
CA ALA C 169 -9.65 15.44 -25.15
C ALA C 169 -10.76 16.49 -25.29
N ALA C 170 -11.99 16.01 -25.38
CA ALA C 170 -13.13 16.88 -25.58
C ALA C 170 -13.53 17.59 -24.28
N ARG C 171 -13.55 16.85 -23.17
CA ARG C 171 -13.71 17.45 -21.83
C ARG C 171 -12.64 18.51 -21.55
N THR C 172 -11.41 18.24 -21.92
CA THR C 172 -10.29 19.18 -21.67
C THR C 172 -10.36 20.36 -22.63
N ASP C 173 -10.80 20.07 -23.86
CA ASP C 173 -10.97 21.11 -24.88
C ASP C 173 -12.04 22.10 -24.43
N MET C 174 -13.11 21.59 -23.82
CA MET C 174 -14.16 22.47 -23.27
C MET C 174 -13.60 23.46 -22.26
N ARG C 175 -12.78 22.95 -21.34
CA ARG C 175 -12.06 23.77 -20.39
C ARG C 175 -11.12 24.78 -21.06
N CYS C 176 -10.42 24.37 -22.10
CA CYS C 176 -9.56 25.30 -22.84
C CYS C 176 -10.34 26.44 -23.54
N ALA C 177 -11.44 26.05 -24.20
CA ALA C 177 -12.36 27.02 -24.81
C ALA C 177 -12.86 28.04 -23.78
N GLU C 178 -13.29 27.50 -22.63
CA GLU C 178 -13.77 28.30 -21.53
C GLU C 178 -12.70 29.34 -21.16
N ILE C 179 -11.48 28.89 -20.92
CA ILE C 179 -10.43 29.75 -20.43
C ILE C 179 -10.02 30.80 -21.47
N ALA C 180 -9.94 30.34 -22.74
CA ALA C 180 -9.51 31.21 -23.85
C ALA C 180 -10.57 32.28 -24.14
N ALA C 181 -11.83 31.89 -23.94
CA ALA C 181 -12.96 32.83 -24.10
C ALA C 181 -12.91 33.92 -23.03
N ILE C 182 -12.64 33.52 -21.79
CA ILE C 182 -12.63 34.45 -20.65
C ILE C 182 -11.43 35.37 -20.74
N LEU C 183 -10.29 34.80 -21.07
CA LEU C 183 -9.05 35.58 -21.09
C LEU C 183 -8.99 36.55 -22.26
N SER C 184 -9.42 36.08 -23.44
CA SER C 184 -9.54 36.95 -24.62
C SER C 184 -10.56 38.07 -24.33
N GLY C 185 -11.66 37.73 -23.65
CA GLY C 185 -12.67 38.71 -23.25
C GLY C 185 -12.16 39.76 -22.28
N TYR C 186 -11.39 39.31 -21.30
CA TYR C 186 -10.74 40.18 -20.32
C TYR C 186 -9.87 41.24 -21.01
N VAL C 187 -9.09 40.80 -21.98
CA VAL C 187 -8.12 41.69 -22.63
C VAL C 187 -8.87 42.64 -23.64
N ARG C 188 -9.91 42.13 -24.30
CA ARG C 188 -10.85 42.98 -25.05
C ARG C 188 -11.50 44.10 -24.18
N TRP C 189 -11.93 43.74 -22.97
CA TRP C 189 -12.46 44.73 -22.00
C TRP C 189 -11.42 45.73 -21.51
N MET C 190 -10.14 45.39 -21.60
CA MET C 190 -9.07 46.34 -21.33
C MET C 190 -8.78 47.25 -22.54
N GLY C 191 -9.42 46.93 -23.66
CA GLY C 191 -9.41 47.78 -24.85
C GLY C 191 -8.51 47.29 -25.97
N PHE C 192 -8.11 46.01 -25.92
CA PHE C 192 -7.17 45.46 -26.90
C PHE C 192 -7.85 44.35 -27.62
N PRO C 193 -7.75 44.35 -28.95
CA PRO C 193 -8.31 43.22 -29.67
C PRO C 193 -7.61 41.93 -29.27
N ALA C 194 -8.39 40.85 -29.24
CA ALA C 194 -7.92 39.55 -28.79
C ALA C 194 -8.87 38.44 -29.18
N ARG C 195 -8.29 37.30 -29.50
CA ARG C 195 -9.06 36.19 -29.99
C ARG C 195 -8.60 34.94 -29.25
N GLY C 196 -9.56 34.19 -28.73
CA GLY C 196 -9.26 32.91 -28.11
C GLY C 196 -9.24 31.82 -29.14
N HIS C 197 -8.38 30.82 -28.97
CA HIS C 197 -8.29 29.69 -29.91
C HIS C 197 -8.17 28.36 -29.15
N PHE C 198 -8.76 27.32 -29.72
CA PHE C 198 -8.61 25.97 -29.21
C PHE C 198 -8.89 24.95 -30.33
N SER C 199 -8.75 23.66 -30.03
CA SER C 199 -8.87 22.67 -31.08
C SER C 199 -10.15 22.81 -31.90
N GLY C 200 -11.28 23.04 -31.24
CA GLY C 200 -12.56 23.22 -31.94
C GLY C 200 -12.67 24.48 -32.81
N ASP C 201 -11.81 25.48 -32.58
CA ASP C 201 -11.87 26.73 -33.30
C ASP C 201 -10.63 27.51 -33.03
N ALA C 202 -9.72 27.43 -33.99
CA ALA C 202 -8.42 28.08 -33.91
C ALA C 202 -8.04 28.56 -35.29
N GLN C 203 -7.36 29.69 -35.31
CA GLN C 203 -6.88 30.31 -36.54
C GLN C 203 -5.36 30.27 -36.61
N VAL C 204 -4.74 29.73 -35.57
CA VAL C 204 -3.30 29.56 -35.49
C VAL C 204 -2.95 28.11 -35.18
N ASP C 205 -1.66 27.80 -35.33
CA ASP C 205 -1.13 26.44 -35.08
C ASP C 205 -0.83 26.26 -33.59
N LEU C 206 -1.75 25.55 -32.91
CA LEU C 206 -1.76 25.47 -31.44
C LEU C 206 -0.47 24.80 -30.94
N ALA C 207 -0.16 23.63 -31.51
CA ALA C 207 1.06 22.88 -31.22
C ALA C 207 2.36 23.69 -31.44
N ARG C 208 2.46 24.39 -32.57
CA ARG C 208 3.66 25.17 -32.89
C ARG C 208 3.87 26.26 -31.86
N LEU C 209 2.77 26.84 -31.37
CA LEU C 209 2.91 27.90 -30.39
C LEU C 209 3.22 27.33 -28.99
N ALA C 210 2.72 26.13 -28.71
CA ALA C 210 2.97 25.48 -27.41
C ALA C 210 4.45 25.23 -27.25
N VAL C 211 5.11 24.93 -28.35
CA VAL C 211 6.52 24.66 -28.34
C VAL C 211 7.31 25.99 -28.22
N ARG C 212 6.99 26.95 -29.08
CA ARG C 212 7.64 28.24 -29.06
C ARG C 212 7.56 28.94 -27.69
N ALA C 213 6.38 28.79 -27.06
CA ALA C 213 6.03 29.44 -25.78
C ALA C 213 6.63 28.71 -24.56
N GLY C 214 7.11 27.48 -24.81
CA GLY C 214 7.97 26.75 -23.87
C GLY C 214 7.21 25.78 -22.98
N LEU C 215 6.05 25.33 -23.45
CA LEU C 215 5.19 24.39 -22.68
C LEU C 215 5.39 22.91 -23.01
N ALA C 216 5.85 22.66 -24.23
CA ALA C 216 5.92 21.29 -24.71
C ALA C 216 7.09 21.12 -25.65
N ARG C 217 7.39 19.83 -25.87
CA ARG C 217 8.32 19.36 -26.85
C ARG C 217 7.64 18.26 -27.63
N VAL C 218 8.27 17.87 -28.73
CA VAL C 218 7.68 16.91 -29.65
C VAL C 218 8.38 15.58 -29.46
N VAL C 219 7.60 14.52 -29.39
CA VAL C 219 8.18 13.18 -29.30
C VAL C 219 7.38 12.19 -30.16
N ASP C 220 8.05 11.66 -31.21
CA ASP C 220 7.44 10.79 -32.22
C ASP C 220 6.14 11.49 -32.70
N GLY C 221 6.27 12.77 -33.03
CA GLY C 221 5.16 13.51 -33.66
C GLY C 221 4.01 13.93 -32.77
N VAL C 222 4.16 13.72 -31.46
CA VAL C 222 3.14 14.17 -30.49
C VAL C 222 3.79 15.07 -29.46
N LEU C 223 3.04 16.08 -29.00
CA LEU C 223 3.50 16.96 -27.95
C LEU C 223 3.54 16.28 -26.59
N VAL C 224 4.61 16.55 -25.86
CA VAL C 224 4.82 16.02 -24.53
C VAL C 224 5.17 17.24 -23.66
N ALA C 225 4.43 17.41 -22.56
CA ALA C 225 4.66 18.54 -21.66
C ALA C 225 5.25 18.06 -20.34
N PRO C 226 6.28 18.77 -19.83
CA PRO C 226 6.86 18.35 -18.57
C PRO C 226 5.79 18.47 -17.52
N PHE C 227 5.79 17.55 -16.57
CA PHE C 227 4.86 17.55 -15.44
C PHE C 227 3.45 17.06 -15.79
N LEU C 228 2.99 17.21 -17.03
CA LEU C 228 1.60 16.82 -17.37
C LEU C 228 1.51 15.43 -17.96
N ARG C 229 1.79 14.44 -17.11
CA ARG C 229 2.00 13.08 -17.55
C ARG C 229 0.71 12.41 -18.00
N ARG C 230 -0.46 12.92 -17.69
CA ARG C 230 -1.63 12.17 -18.26
C ARG C 230 -2.27 12.81 -19.49
N GLY C 231 -1.51 13.67 -20.15
CA GLY C 231 -1.94 14.23 -21.41
C GLY C 231 -2.56 15.56 -21.13
N PHE C 232 -2.80 16.31 -22.18
CA PHE C 232 -3.32 17.65 -22.06
C PHE C 232 -3.90 18.13 -23.41
N ARG C 233 -4.55 19.29 -23.32
CA ARG C 233 -5.03 20.03 -24.47
C ARG C 233 -4.67 21.49 -24.30
N LEU C 234 -4.67 22.22 -25.41
CA LEU C 234 -4.21 23.59 -25.48
C LEU C 234 -5.30 24.65 -25.75
N GLY C 235 -5.05 25.83 -25.20
CA GLY C 235 -5.77 27.02 -25.57
C GLY C 235 -4.76 28.14 -25.84
N VAL C 236 -5.17 29.08 -26.70
CA VAL C 236 -4.35 30.24 -27.05
C VAL C 236 -5.21 31.49 -27.09
N VAL C 237 -4.63 32.61 -26.65
CA VAL C 237 -5.21 33.91 -26.86
C VAL C 237 -4.15 34.69 -27.60
N THR C 238 -4.48 35.07 -28.83
CA THR C 238 -3.63 35.91 -29.65
C THR C 238 -4.15 37.32 -29.48
N THR C 239 -3.24 38.29 -29.54
CA THR C 239 -3.60 39.66 -29.25
C THR C 239 -2.49 40.62 -29.65
N GLY C 240 -2.90 41.88 -29.84
CA GLY C 240 -1.99 42.97 -30.06
C GLY C 240 -1.45 43.51 -28.75
N TYR C 241 -2.10 43.16 -27.64
CA TYR C 241 -1.62 43.52 -26.29
C TYR C 241 -0.22 42.94 -26.07
N ALA C 242 0.76 43.83 -26.05
CA ALA C 242 2.16 43.41 -26.01
C ALA C 242 2.49 42.77 -24.66
N LEU C 243 3.18 41.63 -24.75
CA LEU C 243 3.54 40.81 -23.60
C LEU C 243 4.99 40.39 -23.67
N ALA C 244 5.65 40.36 -22.52
CA ALA C 244 6.97 39.72 -22.42
C ALA C 244 6.85 38.22 -22.75
N ALA C 245 7.69 37.76 -23.66
CA ALA C 245 7.69 36.36 -24.11
C ALA C 245 8.62 35.41 -23.27
N ASP C 246 8.29 34.12 -23.38
CA ASP C 246 9.01 33.04 -22.70
C ASP C 246 9.96 32.35 -23.72
N ARG C 247 10.81 31.43 -23.23
CA ARG C 247 11.80 30.73 -24.07
C ARG C 247 11.41 29.27 -24.19
N PRO C 248 11.68 28.65 -25.35
CA PRO C 248 11.32 27.23 -25.47
C PRO C 248 12.15 26.28 -24.59
N LEU C 249 11.61 25.08 -24.39
CA LEU C 249 12.28 24.05 -23.61
C LEU C 249 13.41 23.53 -24.48
N ALA C 250 14.53 23.24 -23.82
CA ALA C 250 15.64 22.54 -24.48
C ALA C 250 15.06 21.32 -25.21
N PRO C 251 15.34 21.17 -26.53
CA PRO C 251 14.57 20.22 -27.32
C PRO C 251 14.94 18.76 -27.13
N GLU C 252 16.16 18.50 -26.65
CA GLU C 252 16.70 17.15 -26.57
C GLU C 252 16.99 16.89 -25.08
N GLY C 253 16.71 15.67 -24.62
CA GLY C 253 17.17 15.25 -23.29
C GLY C 253 16.38 15.69 -22.05
N ASP C 254 17.00 15.59 -20.89
CA ASP C 254 16.33 15.77 -19.60
C ASP C 254 16.20 17.25 -19.19
N LEU C 255 14.98 17.66 -18.80
CA LEU C 255 14.68 19.08 -18.52
C LEU C 255 14.91 19.55 -17.10
N GLY C 256 15.09 18.62 -16.16
CA GLY C 256 15.32 18.95 -14.72
C GLY C 256 14.08 18.75 -13.85
N GLU C 257 13.13 17.97 -14.37
CA GLU C 257 11.83 17.81 -13.73
C GLU C 257 11.96 17.07 -12.42
N THR C 258 13.04 16.33 -12.27
CA THR C 258 13.22 15.51 -11.06
C THR C 258 14.34 16.00 -10.21
N ALA C 259 14.86 17.19 -10.49
CA ALA C 259 15.86 17.78 -9.59
C ALA C 259 15.30 17.73 -8.17
N PRO C 260 16.18 17.57 -7.16
CA PRO C 260 15.73 17.51 -5.76
C PRO C 260 14.82 18.67 -5.33
N GLU C 261 15.15 19.88 -5.75
CA GLU C 261 14.34 21.07 -5.44
C GLU C 261 12.93 20.99 -6.05
N VAL C 262 12.84 20.37 -7.23
CA VAL C 262 11.56 20.29 -7.93
C VAL C 262 10.76 19.18 -7.28
N MET C 263 11.45 18.06 -7.04
CA MET C 263 10.82 16.85 -6.46
C MET C 263 10.20 17.14 -5.09
N LEU C 264 10.95 17.82 -4.23
CA LEU C 264 10.42 18.21 -2.91
C LEU C 264 9.54 19.45 -2.90
N GLY C 265 9.59 20.19 -4.00
CA GLY C 265 8.80 21.37 -4.15
C GLY C 265 9.19 22.40 -3.14
N ILE C 266 10.48 22.72 -3.14
CA ILE C 266 11.07 23.61 -2.14
C ILE C 266 10.49 25.02 -2.16
N ASP C 267 9.97 25.44 -3.33
CA ASP C 267 9.44 26.80 -3.52
C ASP C 267 7.93 26.95 -3.31
N GLY C 268 7.31 25.94 -2.75
CA GLY C 268 5.85 25.94 -2.58
C GLY C 268 5.11 25.31 -3.73
N THR C 269 5.86 24.53 -4.49
CA THR C 269 5.42 24.03 -5.75
C THR C 269 5.00 22.57 -5.57
N ARG C 270 4.26 22.06 -6.52
CA ARG C 270 3.69 20.72 -6.44
C ARG C 270 4.76 19.61 -6.31
N PRO C 271 4.71 18.83 -5.22
CA PRO C 271 5.72 17.76 -5.03
C PRO C 271 5.70 16.78 -6.18
N GLY C 272 6.87 16.23 -6.47
CA GLY C 272 7.02 15.29 -7.57
C GLY C 272 6.21 14.00 -7.38
N TRP C 273 5.90 13.68 -6.13
CA TRP C 273 5.21 12.42 -5.82
C TRP C 273 3.69 12.61 -5.73
N GLU C 274 3.25 13.87 -5.72
CA GLU C 274 1.84 14.14 -5.49
C GLU C 274 0.91 13.45 -6.50
N ASP C 275 1.22 13.55 -7.79
CA ASP C 275 0.35 12.92 -8.80
C ASP C 275 0.21 11.43 -8.49
N ALA C 276 1.33 10.75 -8.32
CA ALA C 276 1.35 9.31 -8.07
C ALA C 276 0.59 8.92 -6.80
N GLU C 277 0.81 9.66 -5.73
CA GLU C 277 0.07 9.40 -4.49
C GLU C 277 -1.45 9.58 -4.64
N GLU C 278 -1.85 10.68 -5.27
CA GLU C 278 -3.28 11.00 -5.50
C GLU C 278 -3.96 9.93 -6.37
N GLU C 279 -3.29 9.45 -7.42
CA GLU C 279 -3.83 8.36 -8.24
C GLU C 279 -4.02 7.02 -7.50
N LYS C 280 -3.42 6.88 -6.31
CA LYS C 280 -3.64 5.70 -5.44
C LYS C 280 -5.07 5.67 -4.91
N ARG C 281 -5.76 6.81 -4.76
CA ARG C 281 -7.13 6.77 -4.23
C ARG C 281 -8.18 6.92 -5.32
N PRO C 282 -9.29 6.19 -5.17
CA PRO C 282 -10.29 6.13 -6.21
C PRO C 282 -10.84 7.51 -6.53
N LEU C 283 -11.15 7.73 -7.82
CA LEU C 283 -11.60 9.04 -8.27
C LEU C 283 -12.83 9.53 -7.51
N HIS C 284 -13.73 8.60 -7.25
CA HIS C 284 -15.01 8.91 -6.62
C HIS C 284 -14.92 9.40 -5.20
N MET C 285 -13.75 9.32 -4.58
CA MET C 285 -13.56 9.70 -3.18
C MET C 285 -13.08 11.14 -2.99
N GLY C 286 -12.71 11.77 -4.10
CA GLY C 286 -12.30 13.13 -4.10
C GLY C 286 -10.90 13.24 -3.60
N ARG C 287 -10.34 14.43 -3.74
CA ARG C 287 -8.95 14.68 -3.39
C ARG C 287 -8.78 14.84 -1.86
N TYR C 288 -9.76 15.43 -1.21
CA TYR C 288 -9.72 15.64 0.22
C TYR C 288 -10.34 14.47 0.98
N PRO C 289 -9.77 14.12 2.14
CA PRO C 289 -10.14 12.87 2.76
C PRO C 289 -11.43 13.00 3.56
N MET C 290 -12.55 13.26 2.88
CA MET C 290 -13.83 13.43 3.56
C MET C 290 -14.30 12.18 4.29
N GLU C 291 -13.78 11.02 3.89
CA GLU C 291 -14.12 9.75 4.55
C GLU C 291 -13.62 9.67 5.99
N THR C 292 -12.71 10.56 6.38
CA THR C 292 -12.21 10.60 7.76
C THR C 292 -13.08 11.44 8.68
N ILE C 293 -14.09 12.12 8.14
CA ILE C 293 -14.90 13.06 8.92
C ILE C 293 -16.07 12.27 9.52
N ARG C 294 -16.37 12.50 10.81
CA ARG C 294 -17.53 11.86 11.49
C ARG C 294 -18.84 12.26 10.80
N ARG C 295 -19.59 11.25 10.39
CA ARG C 295 -20.93 11.39 9.87
C ARG C 295 -21.94 11.17 11.00
N VAL C 296 -23.06 11.86 10.89
CA VAL C 296 -24.06 11.82 11.92
C VAL C 296 -25.39 11.71 11.18
N ASP C 297 -26.42 11.24 11.87
CA ASP C 297 -27.72 11.01 11.25
C ASP C 297 -28.52 12.30 11.09
N GLU C 298 -28.70 13.01 12.20
CA GLU C 298 -29.27 14.37 12.20
C GLU C 298 -28.04 15.35 12.14
N PRO C 299 -28.18 16.51 11.47
CA PRO C 299 -27.08 17.48 11.47
C PRO C 299 -26.79 18.05 12.87
N THR C 300 -25.66 18.74 12.99
CA THR C 300 -25.19 19.24 14.29
C THR C 300 -26.00 20.41 14.80
N THR C 301 -26.82 20.99 13.94
CA THR C 301 -27.70 22.07 14.35
C THR C 301 -29.14 21.61 14.12
N LEU C 302 -30.07 22.09 14.94
CA LEU C 302 -31.47 21.71 14.84
C LEU C 302 -32.12 22.09 13.49
N VAL C 303 -32.88 21.13 12.95
CA VAL C 303 -33.67 21.34 11.74
C VAL C 303 -35.07 20.82 12.02
N VAL C 304 -36.04 21.72 12.07
CA VAL C 304 -37.41 21.32 12.38
C VAL C 304 -38.27 21.44 11.14
N ARG C 305 -38.27 20.39 10.32
CA ARG C 305 -38.90 20.45 9.00
C ARG C 305 -40.38 20.93 9.04
N GLN C 306 -41.17 20.45 10.02
CA GLN C 306 -42.58 20.78 10.15
C GLN C 306 -42.78 22.26 10.49
N GLU C 307 -41.68 23.01 10.63
CA GLU C 307 -41.75 24.44 10.89
C GLU C 307 -41.01 25.30 9.87
N ILE C 308 -40.49 24.66 8.84
CA ILE C 308 -39.74 25.35 7.79
C ILE C 308 -40.71 25.73 6.69
N GLN C 309 -41.00 27.02 6.62
CA GLN C 309 -41.75 27.52 5.50
C GLN C 309 -40.85 27.72 4.28
N ARG C 310 -41.53 27.67 3.14
CA ARG C 310 -40.90 27.95 1.88
C ARG C 310 -40.98 29.46 1.54
N VAL C 311 -39.99 29.91 0.78
CA VAL C 311 -39.70 31.33 0.61
C VAL C 311 -39.86 31.72 -0.86
N ALA C 312 -40.52 32.86 -1.09
CA ALA C 312 -40.61 33.42 -2.41
C ALA C 312 -39.21 33.67 -2.88
N LYS C 313 -38.94 33.34 -4.12
CA LYS C 313 -37.64 33.66 -4.70
C LYS C 313 -37.45 35.19 -4.76
N ARG C 314 -38.55 35.92 -4.77
CA ARG C 314 -38.57 37.40 -4.62
C ARG C 314 -38.02 37.93 -3.24
N GLY C 315 -37.90 37.05 -2.25
CA GLY C 315 -37.29 37.38 -0.93
C GLY C 315 -35.77 37.16 -0.81
N ASP C 316 -35.16 36.48 -1.77
CA ASP C 316 -33.70 36.54 -1.99
C ASP C 316 -33.35 38.04 -1.99
N PHE C 317 -32.44 38.47 -1.13
CA PHE C 317 -32.19 39.94 -0.99
C PHE C 317 -31.54 40.63 -2.18
N PHE C 318 -30.93 39.89 -3.10
CA PHE C 318 -30.52 40.47 -4.39
C PHE C 318 -31.74 40.83 -5.26
N LYS C 319 -32.77 40.02 -5.19
CA LYS C 319 -34.04 40.31 -5.84
C LYS C 319 -34.75 41.49 -5.14
N ARG C 320 -34.71 41.50 -3.82
CA ARG C 320 -35.21 42.64 -3.05
C ARG C 320 -34.50 43.93 -3.44
N ALA C 321 -33.17 43.89 -3.55
CA ALA C 321 -32.38 45.03 -4.04
C ALA C 321 -32.83 45.50 -5.41
N GLU C 322 -33.01 44.52 -6.31
CA GLU C 322 -33.37 44.72 -7.74
C GLU C 322 -34.70 45.40 -7.90
N ALA C 323 -35.60 45.12 -6.96
CA ALA C 323 -36.97 45.59 -6.99
C ALA C 323 -37.16 46.95 -6.33
N GLY C 324 -36.17 47.45 -5.61
CA GLY C 324 -36.26 48.73 -4.94
C GLY C 324 -36.43 48.66 -3.43
N ASP C 325 -36.57 47.45 -2.88
CA ASP C 325 -36.82 47.25 -1.43
C ASP C 325 -35.74 47.83 -0.49
N LEU C 326 -34.53 47.99 -1.04
CA LEU C 326 -33.37 48.45 -0.27
C LEU C 326 -32.91 49.85 -0.67
N GLY C 327 -33.71 50.53 -1.49
CA GLY C 327 -33.43 51.92 -1.85
C GLY C 327 -32.89 52.04 -3.25
N GLU C 328 -32.71 53.29 -3.69
CA GLU C 328 -32.38 53.62 -5.08
C GLU C 328 -30.97 53.13 -5.44
N LYS C 329 -29.95 53.46 -4.62
CA LYS C 329 -28.53 53.14 -4.95
C LYS C 329 -28.34 51.62 -5.13
N ALA C 330 -28.93 50.84 -4.24
CA ALA C 330 -28.88 49.37 -4.31
C ALA C 330 -29.58 48.87 -5.56
N LYS C 331 -30.75 49.43 -5.82
CA LYS C 331 -31.47 49.10 -7.06
C LYS C 331 -30.62 49.37 -8.31
N GLN C 332 -30.01 50.57 -8.37
CA GLN C 332 -29.17 50.99 -9.50
C GLN C 332 -27.99 50.06 -9.71
N GLU C 333 -27.28 49.79 -8.62
CA GLU C 333 -26.01 49.01 -8.65
C GLU C 333 -26.15 47.47 -8.80
N LYS C 334 -27.38 46.97 -8.66
CA LYS C 334 -27.63 45.56 -8.50
C LYS C 334 -27.09 44.69 -9.62
N LYS C 335 -27.25 45.15 -10.87
CA LYS C 335 -26.74 44.39 -12.03
C LYS C 335 -25.23 44.59 -12.21
N ARG C 336 -24.75 45.77 -11.83
CA ARG C 336 -23.38 46.18 -12.10
C ARG C 336 -22.30 45.69 -11.08
N PHE C 337 -22.66 45.58 -9.80
CA PHE C 337 -21.65 45.47 -8.76
C PHE C 337 -20.63 44.31 -8.92
N PRO C 338 -21.04 43.14 -9.47
CA PRO C 338 -20.04 42.06 -9.60
C PRO C 338 -19.27 42.10 -10.91
N MET C 339 -19.66 43.01 -11.79
CA MET C 339 -19.12 43.14 -13.16
C MET C 339 -18.32 44.42 -13.37
N LYS C 340 -17.78 44.97 -12.30
CA LYS C 340 -16.96 46.15 -12.38
C LYS C 340 -15.54 45.89 -12.93
N HIS C 341 -15.03 44.66 -12.79
CA HIS C 341 -13.66 44.35 -13.18
C HIS C 341 -13.71 43.63 -14.54
N PRO C 342 -12.80 43.99 -15.50
CA PRO C 342 -12.77 43.35 -16.84
C PRO C 342 -12.71 41.83 -16.85
N LEU C 343 -12.08 41.23 -15.84
CA LEU C 343 -11.97 39.78 -15.75
C LEU C 343 -13.35 39.14 -15.56
N ALA C 344 -14.09 39.68 -14.59
CA ALA C 344 -15.50 39.27 -14.35
C ALA C 344 -16.36 39.49 -15.59
N LEU C 345 -16.13 40.64 -16.23
CA LEU C 345 -16.83 40.92 -17.48
C LEU C 345 -16.53 39.86 -18.55
N GLY C 346 -15.29 39.35 -18.57
CA GLY C 346 -14.90 38.29 -19.51
C GLY C 346 -15.67 36.99 -19.29
N MET C 347 -16.12 36.77 -18.05
CA MET C 347 -16.86 35.54 -17.69
C MET C 347 -18.34 35.67 -17.98
N GLN C 348 -18.83 36.92 -17.99
CA GLN C 348 -20.26 37.14 -18.02
C GLN C 348 -20.98 36.40 -19.15
N PRO C 349 -20.41 36.46 -20.38
CA PRO C 349 -21.15 35.86 -21.48
C PRO C 349 -21.37 34.39 -21.28
N LEU C 350 -20.35 33.71 -20.73
CA LEU C 350 -20.40 32.25 -20.55
C LEU C 350 -21.46 31.93 -19.48
N ILE C 351 -21.40 32.69 -18.39
CA ILE C 351 -22.34 32.56 -17.27
C ILE C 351 -23.79 32.70 -17.75
N GLN C 352 -24.06 33.76 -18.50
CA GLN C 352 -25.42 34.12 -18.94
C GLN C 352 -26.00 33.10 -19.93
N ASN C 353 -25.15 32.66 -20.85
CA ASN C 353 -25.58 31.82 -21.95
C ASN C 353 -25.61 30.35 -21.63
N MET C 354 -25.11 29.98 -20.45
CA MET C 354 -25.28 28.59 -19.99
C MET C 354 -26.67 28.41 -19.38
N VAL C 355 -27.32 29.52 -19.02
CA VAL C 355 -28.61 29.46 -18.34
C VAL C 355 -29.65 28.66 -19.12
N PRO C 356 -29.71 28.83 -20.48
CA PRO C 356 -30.75 28.10 -21.19
C PRO C 356 -30.51 26.59 -21.30
N LEU C 357 -29.29 26.16 -20.96
CA LEU C 357 -28.90 24.74 -21.02
C LEU C 357 -28.99 24.04 -19.66
N GLN C 358 -29.57 24.68 -18.66
CA GLN C 358 -29.58 24.18 -17.28
C GLN C 358 -30.41 22.90 -17.14
N GLY C 359 -31.41 22.71 -17.99
CA GLY C 359 -32.14 21.44 -18.05
C GLY C 359 -33.62 21.43 -17.70
N THR C 360 -34.13 20.25 -17.39
CA THR C 360 -35.59 19.95 -17.44
C THR C 360 -36.22 19.83 -16.05
N ARG C 361 -37.48 20.22 -15.91
CA ARG C 361 -38.24 19.95 -14.69
C ARG C 361 -39.25 18.79 -14.83
N GLU C 362 -39.57 18.41 -16.07
CA GLU C 362 -40.59 17.35 -16.30
C GLU C 362 -39.93 15.95 -16.20
N LYS C 363 -40.68 14.96 -15.66
CA LYS C 363 -40.21 13.57 -15.52
C LYS C 363 -39.85 12.98 -16.88
N LEU C 364 -38.74 12.24 -16.94
CA LEU C 364 -38.26 11.62 -18.17
C LEU C 364 -38.33 10.10 -18.03
N ALA C 365 -38.32 9.42 -19.17
CA ALA C 365 -38.33 7.95 -19.22
C ALA C 365 -36.89 7.43 -19.39
N PRO C 366 -36.48 6.47 -18.54
CA PRO C 366 -35.13 5.93 -18.73
C PRO C 366 -34.90 5.45 -20.19
N THR C 367 -33.75 5.83 -20.75
CA THR C 367 -33.43 5.61 -22.14
C THR C 367 -32.63 4.32 -22.41
N GLY C 368 -32.20 3.66 -21.34
CA GLY C 368 -31.25 2.52 -21.46
C GLY C 368 -29.78 2.87 -21.74
N LYS C 369 -29.48 4.14 -22.05
CA LYS C 369 -28.10 4.60 -22.09
C LYS C 369 -27.53 4.72 -20.65
N GLY C 370 -26.19 4.70 -20.56
CA GLY C 370 -25.46 4.88 -19.29
C GLY C 370 -24.92 3.66 -18.55
N GLY C 371 -25.20 2.46 -19.03
CA GLY C 371 -24.72 1.26 -18.36
C GLY C 371 -25.67 0.78 -17.27
N ASP C 372 -25.15 -0.01 -16.34
CA ASP C 372 -25.98 -0.56 -15.27
C ASP C 372 -26.31 0.50 -14.22
N LEU C 373 -27.55 0.97 -14.23
CA LEU C 373 -28.01 2.01 -13.29
C LEU C 373 -28.95 1.44 -12.20
N SER C 374 -28.81 0.16 -11.89
CA SER C 374 -29.70 -0.50 -10.91
C SER C 374 -29.22 -0.40 -9.47
N ASP C 375 -27.93 -0.11 -9.25
CA ASP C 375 -27.37 0.11 -7.91
C ASP C 375 -27.26 1.63 -7.61
N PRO C 376 -28.06 2.15 -6.63
CA PRO C 376 -27.91 3.54 -6.23
C PRO C 376 -26.54 3.88 -5.61
N GLY C 377 -25.97 2.92 -4.88
CA GLY C 377 -24.64 3.05 -4.32
C GLY C 377 -23.57 3.28 -5.37
N ARG C 378 -23.66 2.57 -6.50
CA ARG C 378 -22.69 2.72 -7.59
C ARG C 378 -22.97 3.99 -8.39
N ASN C 379 -24.26 4.34 -8.47
CA ASN C 379 -24.66 5.57 -9.14
C ASN C 379 -24.10 6.79 -8.43
N ALA C 380 -24.17 6.74 -7.09
CA ALA C 380 -23.59 7.82 -6.27
C ALA C 380 -22.09 8.00 -6.58
N GLU C 381 -21.34 6.89 -6.58
CA GLU C 381 -19.91 6.88 -6.92
C GLU C 381 -19.58 7.36 -8.33
N ALA C 382 -20.45 7.00 -9.28
CA ALA C 382 -20.29 7.37 -10.68
C ALA C 382 -20.46 8.85 -10.88
N ILE C 383 -21.50 9.38 -10.23
CA ILE C 383 -21.77 10.82 -10.20
C ILE C 383 -20.66 11.60 -9.50
N LYS C 384 -20.16 11.07 -8.39
CA LYS C 384 -19.03 11.68 -7.74
C LYS C 384 -17.79 11.73 -8.64
N ALA C 385 -17.38 10.56 -9.12
CA ALA C 385 -16.24 10.44 -10.04
C ALA C 385 -16.38 11.40 -11.21
N LEU C 386 -17.61 11.48 -11.74
CA LEU C 386 -17.92 12.37 -12.86
C LEU C 386 -17.62 13.84 -12.52
N GLY C 387 -18.12 14.27 -11.36
CA GLY C 387 -17.86 15.63 -10.88
C GLY C 387 -16.39 15.96 -10.68
N TYR C 388 -15.64 15.02 -10.09
CA TYR C 388 -14.22 15.23 -9.85
C TYR C 388 -13.46 15.30 -11.16
N TYR C 389 -13.82 14.40 -12.08
CA TYR C 389 -13.26 14.39 -13.45
C TYR C 389 -13.43 15.72 -14.15
N LEU C 390 -14.59 16.33 -13.93
CA LEU C 390 -14.92 17.61 -14.57
C LEU C 390 -14.34 18.81 -13.82
N GLY C 391 -13.87 18.59 -12.59
CA GLY C 391 -13.14 19.62 -11.82
C GLY C 391 -13.77 20.15 -10.53
N ALA C 392 -14.77 19.44 -10.03
CA ALA C 392 -15.36 19.80 -8.75
C ALA C 392 -14.29 19.57 -7.67
N ASP C 393 -14.37 20.33 -6.56
CA ASP C 393 -13.49 20.06 -5.39
C ASP C 393 -14.11 19.08 -4.34
N PHE C 394 -15.42 19.17 -4.19
CA PHE C 394 -16.18 18.25 -3.37
C PHE C 394 -17.49 17.92 -4.09
N VAL C 395 -17.95 16.68 -3.90
CA VAL C 395 -19.23 16.20 -4.42
C VAL C 395 -20.01 15.42 -3.34
N GLY C 396 -21.26 15.80 -3.16
CA GLY C 396 -22.06 15.20 -2.11
C GLY C 396 -23.46 15.15 -2.63
N ILE C 397 -24.24 14.20 -2.09
CA ILE C 397 -25.58 13.89 -2.62
C ILE C 397 -26.53 13.79 -1.43
N CYS C 398 -27.69 14.39 -1.59
CA CYS C 398 -28.79 14.27 -0.62
C CYS C 398 -30.12 14.20 -1.35
N ARG C 399 -31.18 13.88 -0.59
CA ARG C 399 -32.56 14.02 -1.03
C ARG C 399 -32.95 15.52 -1.15
N ALA C 400 -33.50 15.89 -2.31
CA ALA C 400 -33.99 17.27 -2.55
C ALA C 400 -35.37 17.41 -1.95
N GLU C 401 -35.41 17.73 -0.66
CA GLU C 401 -36.67 17.88 0.07
C GLU C 401 -37.46 19.12 -0.43
N PRO C 402 -38.79 19.06 -0.35
CA PRO C 402 -39.61 20.15 -0.94
C PRO C 402 -39.40 21.53 -0.32
N TRP C 403 -39.03 21.56 0.95
CA TRP C 403 -38.76 22.82 1.65
C TRP C 403 -37.42 23.47 1.26
N MET C 404 -36.61 22.72 0.49
CA MET C 404 -35.38 23.23 -0.13
C MET C 404 -35.65 24.03 -1.41
N TYR C 405 -36.83 23.86 -1.96
CA TYR C 405 -37.23 24.61 -3.15
C TYR C 405 -37.85 25.95 -2.76
N TYR C 406 -37.59 26.98 -3.56
CA TYR C 406 -38.30 28.26 -3.36
C TYR C 406 -39.80 28.01 -3.56
N ALA C 407 -40.62 28.83 -2.92
CA ALA C 407 -42.09 28.71 -3.00
C ALA C 407 -42.60 29.11 -4.39
N SER C 408 -42.02 30.18 -4.91
CA SER C 408 -42.44 30.77 -6.18
C SER C 408 -41.28 31.43 -6.86
N ASP C 409 -41.43 31.65 -8.16
CA ASP C 409 -40.41 32.39 -8.93
C ASP C 409 -40.64 33.88 -8.75
N GLU C 410 -39.61 34.66 -9.01
CA GLU C 410 -39.69 36.09 -8.79
C GLU C 410 -40.22 36.90 -10.02
N VAL C 411 -40.42 36.22 -11.15
CA VAL C 411 -40.75 36.91 -12.40
C VAL C 411 -42.28 36.93 -12.64
N GLU C 412 -42.88 35.75 -12.65
CA GLU C 412 -44.33 35.61 -12.82
C GLU C 412 -45.02 35.41 -11.46
N GLY C 413 -44.26 35.07 -10.40
CA GLY C 413 -44.89 34.69 -9.13
C GLY C 413 -45.55 33.31 -9.12
N LYS C 414 -45.26 32.48 -10.12
CA LYS C 414 -45.87 31.14 -10.22
C LYS C 414 -45.20 30.19 -9.23
N PRO C 415 -45.99 29.29 -8.64
CA PRO C 415 -45.44 28.29 -7.76
C PRO C 415 -44.30 27.51 -8.40
N ILE C 416 -43.31 27.14 -7.60
CA ILE C 416 -42.23 26.24 -8.03
C ILE C 416 -42.59 24.88 -7.47
N GLU C 417 -42.44 23.85 -8.30
CA GLU C 417 -42.75 22.48 -7.91
C GLU C 417 -41.46 21.83 -7.43
N ALA C 418 -41.61 20.94 -6.47
CA ALA C 418 -40.50 20.14 -5.99
C ALA C 418 -40.32 18.99 -6.97
N TYR C 419 -39.72 19.30 -8.10
CA TYR C 419 -39.86 18.42 -9.26
C TYR C 419 -38.89 17.24 -9.35
N HIS C 420 -37.83 17.28 -8.56
CA HIS C 420 -36.78 16.25 -8.57
C HIS C 420 -36.57 15.68 -7.19
N ASP C 421 -36.16 14.41 -7.15
CA ASP C 421 -35.98 13.69 -5.87
C ASP C 421 -34.64 13.89 -5.17
N TYR C 422 -33.59 14.15 -5.94
CA TYR C 422 -32.23 14.21 -5.40
C TYR C 422 -31.55 15.53 -5.74
N ALA C 423 -30.66 15.96 -4.84
CA ALA C 423 -29.72 17.07 -5.11
C ALA C 423 -28.31 16.55 -5.14
N VAL C 424 -27.61 16.84 -6.21
CA VAL C 424 -26.14 16.69 -6.27
C VAL C 424 -25.48 18.05 -6.06
N VAL C 425 -24.67 18.10 -5.01
CA VAL C 425 -24.08 19.32 -4.48
C VAL C 425 -22.58 19.27 -4.67
N MET C 426 -22.03 20.33 -5.25
CA MET C 426 -20.59 20.38 -5.47
C MET C 426 -20.02 21.70 -5.05
N LEU C 427 -18.84 21.64 -4.43
CA LEU C 427 -18.15 22.83 -3.98
C LEU C 427 -17.00 23.15 -4.90
N ILE C 428 -16.92 24.41 -5.27
CA ILE C 428 -15.80 24.91 -6.04
C ILE C 428 -15.02 25.86 -5.13
N ASP C 429 -13.76 25.54 -4.89
CA ASP C 429 -12.86 26.34 -4.08
C ASP C 429 -12.76 27.73 -4.75
N GLN C 430 -13.00 28.79 -4.00
CA GLN C 430 -12.93 30.15 -4.54
C GLN C 430 -11.49 30.65 -4.83
N GLY C 431 -10.52 30.03 -4.18
CA GLY C 431 -9.09 30.33 -4.42
C GLY C 431 -8.37 30.92 -3.23
N TYR C 432 -7.62 30.07 -2.51
CA TYR C 432 -6.84 30.51 -1.37
C TYR C 432 -5.84 31.63 -1.69
N GLU C 433 -4.97 31.41 -2.68
CA GLU C 433 -3.80 32.28 -2.90
C GLU C 433 -4.22 33.69 -3.31
N THR C 434 -5.18 33.76 -4.21
CA THR C 434 -5.71 35.07 -4.62
C THR C 434 -6.31 35.80 -3.44
N MET C 435 -7.13 35.09 -2.66
CA MET C 435 -7.79 35.68 -1.50
C MET C 435 -6.83 36.14 -0.41
N GLU C 436 -5.66 35.49 -0.37
CA GLU C 436 -4.61 35.82 0.58
C GLU C 436 -4.06 37.22 0.31
N GLY C 437 -3.94 37.55 -0.97
CA GLY C 437 -3.44 38.87 -1.38
C GLY C 437 -4.52 39.95 -1.39
N ALA C 438 -5.77 39.53 -1.26
CA ALA C 438 -6.91 40.42 -1.38
C ALA C 438 -7.37 40.93 -0.03
N SER C 439 -8.10 42.03 -0.05
CA SER C 439 -8.72 42.60 1.15
C SER C 439 -9.94 41.82 1.48
N GLY C 440 -10.49 41.16 0.47
CA GLY C 440 -11.78 40.47 0.59
C GLY C 440 -12.91 41.27 -0.05
N ASP C 441 -12.74 42.58 -0.07
CA ASP C 441 -13.73 43.51 -0.62
C ASP C 441 -13.10 44.49 -1.62
N ASP C 442 -12.00 44.08 -2.26
CA ASP C 442 -11.32 44.88 -3.29
C ASP C 442 -11.77 44.48 -4.70
N TRP C 443 -10.97 44.83 -5.70
CA TRP C 443 -11.38 44.72 -7.10
C TRP C 443 -11.47 43.32 -7.65
N ILE C 444 -10.94 42.34 -6.90
CA ILE C 444 -11.00 40.93 -7.34
C ILE C 444 -12.10 40.11 -6.66
N SER C 445 -12.77 40.63 -5.65
CA SER C 445 -13.69 39.78 -4.89
C SER C 445 -14.75 39.12 -5.75
N ALA C 446 -15.45 39.92 -6.55
CA ALA C 446 -16.51 39.37 -7.40
C ALA C 446 -15.96 38.43 -8.46
N SER C 447 -14.73 38.67 -8.94
CA SER C 447 -14.10 37.72 -9.87
C SER C 447 -13.88 36.33 -9.19
N GLN C 448 -13.60 36.33 -7.89
CA GLN C 448 -13.49 35.05 -7.18
C GLN C 448 -14.84 34.37 -7.10
N SER C 449 -15.88 35.15 -6.83
CA SER C 449 -17.26 34.60 -6.83
C SER C 449 -17.64 34.08 -8.21
N MET C 450 -17.43 34.93 -9.23
CA MET C 450 -17.93 34.64 -10.58
C MET C 450 -17.18 33.49 -11.22
N ARG C 451 -15.88 33.36 -10.92
CA ARG C 451 -15.07 32.25 -11.46
C ARG C 451 -15.64 30.91 -10.99
N ALA C 452 -15.95 30.88 -9.71
CA ALA C 452 -16.46 29.70 -9.03
C ALA C 452 -17.89 29.38 -9.53
N TYR C 453 -18.70 30.43 -9.69
CA TYR C 453 -20.04 30.27 -10.29
C TYR C 453 -20.02 29.73 -11.74
N MET C 454 -19.19 30.34 -12.57
CA MET C 454 -19.00 29.92 -13.96
C MET C 454 -18.50 28.46 -14.08
N ARG C 455 -17.46 28.13 -13.32
CA ARG C 455 -16.89 26.76 -13.35
C ARG C 455 -17.89 25.71 -12.86
N GLY C 456 -18.61 26.05 -11.80
CA GLY C 456 -19.63 25.17 -11.22
C GLY C 456 -20.82 24.96 -12.13
N ALA C 457 -21.26 26.03 -12.78
CA ALA C 457 -22.38 25.95 -13.71
C ALA C 457 -22.02 25.08 -14.95
N GLU C 458 -20.80 25.24 -15.45
CA GLU C 458 -20.31 24.43 -16.57
C GLU C 458 -20.31 22.93 -16.22
N ILE C 459 -19.77 22.62 -15.06
CA ILE C 459 -19.64 21.23 -14.59
C ILE C 459 -21.00 20.62 -14.37
N ALA C 460 -21.86 21.32 -13.62
CA ALA C 460 -23.23 20.83 -13.33
C ALA C 460 -24.15 20.83 -14.55
N GLY C 461 -23.90 21.72 -15.51
CA GLY C 461 -24.63 21.68 -16.76
C GLY C 461 -24.32 20.42 -17.57
N VAL C 462 -23.04 20.00 -17.57
CA VAL C 462 -22.60 18.82 -18.31
C VAL C 462 -23.16 17.55 -17.66
N MET C 463 -23.11 17.51 -16.33
CA MET C 463 -23.51 16.34 -15.57
C MET C 463 -25.01 16.15 -15.57
N ALA C 464 -25.74 17.27 -15.45
CA ALA C 464 -27.23 17.24 -15.52
C ALA C 464 -27.64 16.76 -16.91
N ALA C 465 -26.91 17.21 -17.93
CA ALA C 465 -27.19 16.82 -19.32
C ALA C 465 -26.98 15.34 -19.56
N HIS C 466 -25.98 14.78 -18.88
CA HIS C 466 -25.66 13.39 -19.02
C HIS C 466 -26.76 12.55 -18.34
N CYS C 467 -27.20 12.97 -17.18
CA CYS C 467 -28.34 12.36 -16.51
C CYS C 467 -29.56 12.33 -17.41
N ARG C 468 -29.79 13.43 -18.13
CA ARG C 468 -30.91 13.53 -19.06
C ARG C 468 -30.77 12.52 -20.20
N ARG C 469 -29.57 12.41 -20.76
CA ARG C 469 -29.28 11.40 -21.80
C ARG C 469 -29.63 9.99 -21.37
N MET C 470 -29.35 9.68 -20.11
CA MET C 470 -29.68 8.39 -19.48
C MET C 470 -31.17 8.23 -19.12
N GLY C 471 -31.96 9.29 -19.36
CA GLY C 471 -33.41 9.29 -19.15
C GLY C 471 -33.87 9.64 -17.75
N TYR C 472 -33.09 10.51 -17.12
CA TYR C 472 -33.37 10.95 -15.77
C TYR C 472 -33.41 12.45 -15.78
N SER C 473 -34.58 13.00 -15.45
CA SER C 473 -34.76 14.43 -15.41
C SER C 473 -33.67 15.04 -14.50
N ALA C 474 -33.11 16.15 -14.94
CA ALA C 474 -32.02 16.81 -14.24
C ALA C 474 -31.99 18.27 -14.62
N ARG C 475 -31.83 19.13 -13.62
CA ARG C 475 -31.68 20.56 -13.84
C ARG C 475 -30.63 21.13 -12.91
N SER C 476 -29.74 21.93 -13.46
CA SER C 476 -28.79 22.66 -12.67
C SER C 476 -29.38 23.95 -12.09
N HIS C 477 -28.74 24.40 -11.00
CA HIS C 477 -29.18 25.54 -10.22
C HIS C 477 -28.01 26.45 -9.91
N SER C 478 -27.85 27.48 -10.75
CA SER C 478 -26.68 28.32 -10.79
C SER C 478 -26.92 29.60 -10.07
N ASN C 479 -25.96 30.52 -10.08
N ASN C 479 -25.89 30.44 -10.14
CA ASN C 479 -26.23 31.82 -9.45
CA ASN C 479 -25.89 31.85 -9.70
C ASN C 479 -27.23 32.63 -10.29
C ASN C 479 -27.07 32.62 -10.31
N ALA C 480 -27.13 32.52 -11.63
CA ALA C 480 -28.07 33.23 -12.54
C ALA C 480 -29.49 32.71 -12.39
N HIS C 481 -29.59 31.43 -12.13
CA HIS C 481 -30.89 30.86 -12.00
C HIS C 481 -30.86 29.59 -11.15
N SER C 482 -31.37 29.69 -9.93
CA SER C 482 -31.63 28.53 -9.07
C SER C 482 -33.10 28.55 -8.68
N GLU C 483 -33.67 27.35 -8.48
CA GLU C 483 -34.97 27.14 -7.84
C GLU C 483 -34.91 26.33 -6.54
N VAL C 484 -33.70 26.05 -6.07
CA VAL C 484 -33.46 25.55 -4.71
C VAL C 484 -32.52 26.50 -3.96
N ILE C 485 -32.63 26.44 -2.62
CA ILE C 485 -31.67 27.09 -1.73
C ILE C 485 -30.54 26.10 -1.46
N HIS C 486 -29.31 26.45 -1.85
CA HIS C 486 -28.20 25.53 -1.75
C HIS C 486 -27.84 25.14 -0.32
N ASN C 487 -27.94 26.08 0.60
CA ASN C 487 -27.46 25.87 1.96
C ASN C 487 -27.93 24.60 2.66
N PRO C 488 -29.26 24.37 2.77
CA PRO C 488 -29.69 23.14 3.45
C PRO C 488 -29.25 21.85 2.74
N ALA C 489 -28.99 21.96 1.45
CA ALA C 489 -28.48 20.85 0.66
C ALA C 489 -26.98 20.61 0.93
N ILE C 490 -26.19 21.68 1.06
CA ILE C 490 -24.77 21.57 1.44
C ILE C 490 -24.72 20.87 2.81
N LEU C 491 -25.59 21.30 3.70
CA LEU C 491 -25.69 20.69 5.02
C LEU C 491 -26.02 19.19 4.96
N MET C 492 -27.16 18.87 4.35
CA MET C 492 -27.69 17.49 4.31
C MET C 492 -26.78 16.55 3.50
N ALA C 493 -26.02 17.12 2.56
CA ALA C 493 -25.08 16.35 1.72
C ALA C 493 -23.75 16.04 2.45
N GLY C 494 -23.64 16.51 3.69
CA GLY C 494 -22.42 16.33 4.49
C GLY C 494 -21.21 17.06 3.94
N LEU C 495 -21.40 18.25 3.36
CA LEU C 495 -20.27 19.02 2.82
C LEU C 495 -19.86 20.19 3.70
N GLY C 496 -20.67 20.47 4.71
CA GLY C 496 -20.37 21.54 5.63
C GLY C 496 -21.19 21.49 6.90
N GLU C 497 -20.76 22.33 7.87
CA GLU C 497 -21.53 22.63 9.06
C GLU C 497 -21.92 24.09 9.06
N VAL C 498 -23.00 24.40 9.76
CA VAL C 498 -23.42 25.77 10.05
C VAL C 498 -22.26 26.51 10.75
N SER C 499 -21.92 27.69 10.25
CA SER C 499 -20.85 28.51 10.83
C SER C 499 -21.40 29.84 11.28
N ARG C 500 -20.58 30.60 12.01
CA ARG C 500 -20.99 31.93 12.48
C ARG C 500 -21.22 32.89 11.29
N ILE C 501 -20.56 32.65 10.17
CA ILE C 501 -20.63 33.57 9.05
C ILE C 501 -22.10 33.79 8.70
N GLY C 502 -22.86 32.69 8.71
CA GLY C 502 -24.31 32.75 8.78
C GLY C 502 -25.04 32.09 7.65
N ASP C 503 -24.90 32.71 6.47
CA ASP C 503 -25.51 32.21 5.21
C ASP C 503 -24.42 31.49 4.41
N THR C 504 -23.33 31.15 5.12
CA THR C 504 -22.24 30.31 4.62
C THR C 504 -22.04 29.10 5.56
N LEU C 505 -21.87 27.93 4.94
CA LEU C 505 -21.49 26.68 5.61
C LEU C 505 -20.02 26.42 5.39
N LEU C 506 -19.44 25.75 6.36
CA LEU C 506 -18.01 25.71 6.43
C LEU C 506 -17.59 24.26 6.30
N ASN C 507 -16.67 24.05 5.38
CA ASN C 507 -16.10 22.74 5.11
C ASN C 507 -14.72 22.58 5.83
N PRO C 508 -14.47 21.35 6.36
CA PRO C 508 -13.29 21.14 7.20
C PRO C 508 -11.96 21.23 6.48
N PHE C 509 -11.95 21.29 5.17
CA PHE C 509 -10.72 21.26 4.39
C PHE C 509 -10.48 22.51 3.59
N ILE C 510 -11.54 23.10 3.01
CA ILE C 510 -11.41 24.42 2.36
C ILE C 510 -12.08 25.53 3.14
N GLY C 511 -12.48 25.23 4.37
CA GLY C 511 -13.19 26.22 5.20
C GLY C 511 -14.42 26.77 4.49
N PRO C 512 -14.64 28.09 4.61
CA PRO C 512 -15.82 28.68 3.99
C PRO C 512 -15.56 29.16 2.59
N ARG C 513 -14.38 28.85 2.06
CA ARG C 513 -13.86 29.39 0.80
C ARG C 513 -14.38 28.64 -0.41
N SER C 514 -15.69 28.72 -0.60
CA SER C 514 -16.30 28.06 -1.71
C SER C 514 -17.49 28.83 -2.27
N LYS C 515 -17.88 28.40 -3.49
CA LYS C 515 -19.27 28.50 -3.98
C LYS C 515 -19.74 27.10 -4.29
N SER C 516 -20.98 26.82 -3.91
CA SER C 516 -21.67 25.60 -4.34
C SER C 516 -22.35 25.74 -5.71
N ILE C 517 -22.47 24.63 -6.41
CA ILE C 517 -23.41 24.50 -7.53
C ILE C 517 -24.16 23.21 -7.19
N VAL C 518 -25.44 23.26 -7.45
CA VAL C 518 -26.32 22.13 -7.22
C VAL C 518 -26.98 21.80 -8.57
N PHE C 519 -27.11 20.52 -8.88
CA PHE C 519 -28.14 20.11 -9.82
C PHE C 519 -29.04 19.05 -9.21
N THR C 520 -30.33 19.17 -9.47
CA THR C 520 -31.28 18.19 -8.96
C THR C 520 -31.56 17.19 -10.07
N THR C 521 -31.93 15.99 -9.65
CA THR C 521 -32.13 14.87 -10.56
C THR C 521 -33.02 13.81 -9.97
N ASP C 522 -33.60 12.99 -10.84
CA ASP C 522 -34.36 11.81 -10.46
C ASP C 522 -33.53 10.51 -10.41
N LEU C 523 -32.31 10.53 -10.96
CA LEU C 523 -31.37 9.38 -10.91
C LEU C 523 -31.26 8.86 -9.50
N PRO C 524 -31.54 7.58 -9.28
CA PRO C 524 -31.45 7.05 -7.94
C PRO C 524 -30.02 6.87 -7.52
N MET C 525 -29.73 7.47 -6.38
CA MET C 525 -28.42 7.53 -5.79
C MET C 525 -28.62 7.34 -4.33
N SER C 526 -27.69 6.65 -3.74
CA SER C 526 -27.71 6.64 -2.30
C SER C 526 -27.04 7.97 -1.83
N VAL C 527 -27.57 8.42 -0.71
CA VAL C 527 -27.28 9.75 -0.20
C VAL C 527 -26.19 9.73 0.88
N ASP C 528 -25.45 10.83 0.97
CA ASP C 528 -24.46 11.04 2.03
C ASP C 528 -25.22 11.42 3.29
N ARG C 529 -24.52 11.45 4.43
CA ARG C 529 -25.06 11.90 5.69
C ARG C 529 -24.38 13.19 6.12
N PRO C 530 -25.06 14.00 6.95
CA PRO C 530 -24.43 15.18 7.56
C PRO C 530 -23.09 14.85 8.23
N ILE C 531 -22.25 15.88 8.40
CA ILE C 531 -20.95 15.74 9.05
C ILE C 531 -20.89 16.50 10.40
N ASP C 532 -19.98 16.02 11.26
CA ASP C 532 -19.64 16.65 12.54
C ASP C 532 -18.13 16.68 12.79
N PHE C 533 -17.53 17.82 12.56
CA PHE C 533 -16.11 18.00 12.80
C PHE C 533 -15.84 19.04 13.89
N GLY C 534 -16.83 19.20 14.77
CA GLY C 534 -16.71 20.09 15.91
C GLY C 534 -16.90 21.58 15.70
N LEU C 535 -17.49 21.97 14.59
CA LEU C 535 -17.50 23.38 14.28
C LEU C 535 -18.34 24.16 15.27
N GLN C 536 -19.37 23.56 15.81
CA GLN C 536 -20.27 24.32 16.65
C GLN C 536 -19.52 24.86 17.85
N ASP C 537 -18.74 23.99 18.46
CA ASP C 537 -17.86 24.36 19.58
C ASP C 537 -16.76 25.34 19.18
N PHE C 538 -16.19 25.14 18.00
CA PHE C 538 -15.17 26.05 17.47
C PHE C 538 -15.67 27.47 17.30
N CYS C 539 -16.75 27.63 16.53
CA CYS C 539 -17.35 28.97 16.28
C CYS C 539 -17.87 29.61 17.54
N ASN C 540 -18.32 28.81 18.50
CA ASN C 540 -18.75 29.34 19.81
C ASN C 540 -17.66 30.12 20.51
N GLN C 541 -16.41 29.76 20.27
CA GLN C 541 -15.31 30.49 20.87
C GLN C 541 -14.47 31.33 19.90
N CYS C 542 -15.00 31.61 18.71
CA CYS C 542 -14.30 32.42 17.74
C CYS C 542 -15.25 33.52 17.37
N ARG C 543 -14.69 34.67 16.99
CA ARG C 543 -15.47 35.82 16.49
C ARG C 543 -14.78 36.53 15.32
N LYS C 544 -13.82 35.89 14.68
CA LYS C 544 -12.90 36.59 13.82
C LYS C 544 -13.62 37.20 12.61
N CYS C 545 -14.46 36.40 11.99
CA CYS C 545 -15.25 36.84 10.85
C CYS C 545 -16.13 38.03 11.24
N ALA C 546 -16.81 37.89 12.38
CA ALA C 546 -17.69 38.92 12.91
C ALA C 546 -16.95 40.25 13.08
N ARG C 547 -15.72 40.16 13.58
CA ARG C 547 -14.91 41.30 13.91
C ARG C 547 -14.44 41.94 12.66
N GLU C 548 -14.18 41.13 11.63
CA GLU C 548 -13.58 41.62 10.38
C GLU C 548 -14.56 41.99 9.28
N CYS C 549 -15.85 41.84 9.55
CA CYS C 549 -16.90 42.22 8.60
C CYS C 549 -17.01 43.73 8.49
N PRO C 550 -16.89 44.29 7.29
CA PRO C 550 -16.88 45.75 7.13
C PRO C 550 -18.10 46.50 7.61
N CYS C 551 -19.25 45.83 7.59
CA CYS C 551 -20.52 46.45 8.02
C CYS C 551 -21.16 45.83 9.27
N ASN C 552 -20.38 45.07 10.02
CA ASN C 552 -20.84 44.42 11.23
C ASN C 552 -22.09 43.56 11.04
N ALA C 553 -22.15 42.86 9.91
CA ALA C 553 -23.35 42.06 9.57
C ALA C 553 -23.37 40.69 10.24
N ILE C 554 -22.21 40.21 10.70
CA ILE C 554 -22.13 38.87 11.24
C ILE C 554 -22.38 38.91 12.74
N SER C 555 -23.15 37.95 13.22
CA SER C 555 -23.50 37.93 14.65
C SER C 555 -22.35 37.57 15.59
N PHE C 556 -22.23 38.35 16.66
CA PHE C 556 -21.30 38.06 17.76
C PHE C 556 -21.97 37.22 18.81
N GLY C 557 -23.24 36.93 18.62
CA GLY C 557 -23.97 36.28 19.69
C GLY C 557 -24.15 34.81 19.45
N ASP C 558 -25.18 34.27 20.11
CA ASP C 558 -25.50 32.87 19.99
C ASP C 558 -26.39 32.56 18.79
N LYS C 559 -26.45 31.28 18.46
CA LYS C 559 -27.37 30.80 17.45
C LYS C 559 -28.82 31.02 17.90
N VAL C 560 -29.67 31.18 16.89
CA VAL C 560 -31.08 31.41 17.10
C VAL C 560 -31.85 30.47 16.22
N MET C 561 -33.13 30.30 16.56
CA MET C 561 -34.12 29.68 15.67
C MET C 561 -34.60 30.69 14.65
N PHE C 562 -34.67 30.23 13.39
CA PHE C 562 -35.03 31.09 12.26
C PHE C 562 -35.72 30.21 11.24
N ASN C 563 -37.01 30.49 10.97
CA ASN C 563 -37.77 29.70 10.00
C ASN C 563 -37.63 28.20 10.22
N GLY C 564 -37.63 27.80 11.48
CA GLY C 564 -37.67 26.39 11.85
C GLY C 564 -36.33 25.66 11.87
N TYR C 565 -35.23 26.40 11.93
CA TYR C 565 -33.90 25.76 12.04
C TYR C 565 -32.94 26.68 12.79
N GLU C 566 -31.94 26.03 13.40
CA GLU C 566 -30.92 26.68 14.20
C GLU C 566 -29.86 27.26 13.30
N ILE C 567 -29.51 28.51 13.51
CA ILE C 567 -28.56 29.18 12.63
C ILE C 567 -27.88 30.33 13.41
N TRP C 568 -26.71 30.77 12.99
CA TRP C 568 -26.26 32.13 13.31
C TRP C 568 -26.76 33.08 12.25
N LYS C 569 -27.72 33.92 12.57
CA LYS C 569 -28.29 34.73 11.50
C LYS C 569 -27.53 36.02 11.37
N ALA C 570 -26.88 36.18 10.23
CA ALA C 570 -26.21 37.44 9.84
C ALA C 570 -27.30 38.45 9.44
N ASP C 571 -26.91 39.73 9.37
CA ASP C 571 -27.78 40.78 8.89
C ASP C 571 -27.60 40.88 7.40
N VAL C 572 -28.52 40.21 6.71
CA VAL C 572 -28.49 40.16 5.23
C VAL C 572 -28.87 41.50 4.51
N GLU C 573 -29.53 42.41 5.23
CA GLU C 573 -29.76 43.74 4.72
C GLU C 573 -28.46 44.49 4.64
N LYS C 574 -27.72 44.54 5.76
CA LYS C 574 -26.45 45.30 5.81
C LYS C 574 -25.43 44.72 4.83
N CYS C 575 -25.31 43.39 4.82
CA CYS C 575 -24.39 42.72 3.91
C CYS C 575 -24.74 43.01 2.44
N THR C 576 -26.00 42.80 2.07
CA THR C 576 -26.40 43.12 0.68
C THR C 576 -26.03 44.56 0.32
N LYS C 577 -26.39 45.49 1.18
CA LYS C 577 -26.15 46.89 0.87
C LYS C 577 -24.65 47.12 0.65
N TYR C 578 -23.82 46.56 1.53
CA TYR C 578 -22.38 46.77 1.45
C TYR C 578 -21.86 46.15 0.14
N ARG C 579 -22.20 44.90 -0.09
CA ARG C 579 -21.73 44.20 -1.28
C ARG C 579 -22.13 44.90 -2.57
N VAL C 580 -23.37 45.34 -2.63
CA VAL C 580 -23.94 45.93 -3.85
C VAL C 580 -23.45 47.36 -4.12
N THR C 581 -23.31 48.13 -3.07
CA THR C 581 -23.08 49.56 -3.18
C THR C 581 -21.70 50.05 -2.78
N GLN C 582 -20.92 49.26 -2.03
CA GLN C 582 -19.57 49.74 -1.66
C GLN C 582 -18.76 49.95 -2.96
N MET C 583 -17.95 51.02 -2.93
CA MET C 583 -17.35 51.59 -4.13
C MET C 583 -15.85 51.45 -4.18
N LYS C 584 -15.24 50.90 -3.15
CA LYS C 584 -13.77 50.67 -3.15
C LYS C 584 -13.41 49.20 -3.47
N GLY C 585 -14.31 48.51 -4.14
CA GLY C 585 -14.05 47.16 -4.62
C GLY C 585 -15.24 46.65 -5.39
N SER C 586 -15.19 45.40 -5.80
CA SER C 586 -16.31 44.77 -6.49
C SER C 586 -16.87 43.68 -5.58
N ALA C 587 -17.93 44.03 -4.88
CA ALA C 587 -18.59 43.17 -3.91
C ALA C 587 -17.66 42.88 -2.71
N CYS C 588 -17.86 41.74 -2.05
CA CYS C 588 -17.20 41.41 -0.78
C CYS C 588 -17.30 39.90 -0.47
N GLY C 589 -16.25 39.39 0.17
CA GLY C 589 -16.20 38.04 0.74
C GLY C 589 -15.09 37.97 1.77
N ARG C 590 -14.93 39.07 2.48
CA ARG C 590 -13.88 39.23 3.47
C ARG C 590 -14.00 38.21 4.60
N CYS C 591 -15.22 37.84 4.92
CA CYS C 591 -15.51 36.91 6.00
C CYS C 591 -14.91 35.52 5.74
N MET C 592 -14.94 35.09 4.48
CA MET C 592 -14.28 33.83 4.09
C MET C 592 -12.75 33.94 4.22
N LYS C 593 -12.22 35.08 3.81
CA LYS C 593 -10.80 35.34 3.92
C LYS C 593 -10.29 35.21 5.37
N MET C 594 -11.05 35.74 6.31
CA MET C 594 -10.53 35.97 7.66
C MET C 594 -10.67 34.77 8.61
N CYS C 595 -11.40 33.78 8.14
CA CYS C 595 -11.75 32.64 8.98
C CYS C 595 -10.52 31.78 9.18
N PRO C 596 -10.28 31.31 10.41
CA PRO C 596 -9.11 30.46 10.67
C PRO C 596 -9.06 29.17 9.83
N TRP C 597 -10.22 28.66 9.45
CA TRP C 597 -10.29 27.48 8.61
C TRP C 597 -9.94 27.77 7.15
N ASN C 598 -9.86 29.03 6.79
CA ASN C 598 -9.34 29.39 5.51
C ASN C 598 -7.83 29.31 5.59
N ARG C 599 -7.29 28.17 5.18
CA ARG C 599 -5.85 27.88 5.24
C ARG C 599 -5.24 27.32 3.94
N GLU C 600 -3.91 27.45 3.90
CA GLU C 600 -3.09 26.88 2.86
C GLU C 600 -3.08 25.36 2.95
N ASP C 601 -3.00 24.74 1.78
CA ASP C 601 -3.00 23.28 1.65
C ASP C 601 -1.56 22.70 1.74
N THR C 602 -0.97 22.95 2.91
CA THR C 602 0.31 22.39 3.30
C THR C 602 0.08 21.38 4.43
N VAL C 603 1.15 20.72 4.81
CA VAL C 603 1.13 19.76 5.90
C VAL C 603 0.72 20.43 7.21
N GLU C 604 1.32 21.58 7.48
CA GLU C 604 1.00 22.33 8.68
C GLU C 604 -0.43 22.87 8.63
N GLY C 605 -0.84 23.33 7.47
CA GLY C 605 -2.21 23.83 7.34
C GLY C 605 -3.22 22.73 7.67
N ARG C 606 -3.04 21.58 7.06
CA ARG C 606 -3.89 20.44 7.30
C ARG C 606 -3.82 19.92 8.72
N ARG C 607 -2.67 20.05 9.37
CA ARG C 607 -2.51 19.59 10.73
C ARG C 607 -3.31 20.47 11.68
N LEU C 608 -3.32 21.78 11.42
CA LEU C 608 -4.10 22.69 12.27
C LEU C 608 -5.55 22.38 12.15
N ALA C 609 -6.00 21.96 10.97
CA ALA C 609 -7.42 21.57 10.77
C ALA C 609 -7.73 20.23 11.48
N GLU C 610 -6.83 19.27 11.36
CA GLU C 610 -6.95 17.99 12.04
C GLU C 610 -7.00 18.18 13.56
N LEU C 611 -6.12 19.03 14.08
CA LEU C 611 -6.12 19.34 15.51
C LEU C 611 -7.42 20.00 15.92
N SER C 612 -7.87 20.99 15.16
CA SER C 612 -9.14 21.68 15.43
C SER C 612 -10.28 20.64 15.55
N ILE C 613 -10.27 19.70 14.62
CA ILE C 613 -11.33 18.70 14.55
C ILE C 613 -11.21 17.74 15.72
N LYS C 614 -10.01 17.21 15.94
CA LYS C 614 -9.83 16.09 16.87
C LYS C 614 -9.50 16.44 18.31
N VAL C 615 -9.07 17.66 18.55
CA VAL C 615 -8.57 18.04 19.89
C VAL C 615 -9.30 19.31 20.38
N PRO C 616 -10.44 19.13 21.02
CA PRO C 616 -11.22 20.27 21.53
C PRO C 616 -10.45 21.19 22.46
N GLU C 617 -9.60 20.61 23.30
CA GLU C 617 -8.80 21.38 24.28
C GLU C 617 -7.86 22.37 23.53
N ALA C 618 -7.58 22.12 22.25
CA ALA C 618 -6.68 23.00 21.45
C ALA C 618 -7.34 24.15 20.69
N ARG C 619 -8.67 24.13 20.60
CA ARG C 619 -9.38 25.06 19.73
C ARG C 619 -9.18 26.50 20.11
N ALA C 620 -9.32 26.79 21.40
CA ALA C 620 -9.14 28.15 21.91
C ALA C 620 -7.76 28.74 21.56
N ALA C 621 -6.74 27.88 21.63
CA ALA C 621 -5.35 28.24 21.36
C ALA C 621 -5.14 28.48 19.87
N ILE C 622 -5.82 27.68 19.06
CA ILE C 622 -5.74 27.80 17.61
C ILE C 622 -6.40 29.10 17.17
N ILE C 623 -7.54 29.36 17.79
CA ILE C 623 -8.25 30.58 17.49
C ILE C 623 -7.39 31.84 17.79
N ALA C 624 -6.71 31.80 18.93
CA ALA C 624 -5.95 32.92 19.43
C ALA C 624 -4.68 33.13 18.64
N MET C 625 -4.02 32.03 18.31
CA MET C 625 -2.79 32.09 17.55
C MET C 625 -3.04 32.49 16.12
N ASP C 626 -4.25 32.28 15.65
CA ASP C 626 -4.59 32.73 14.27
C ASP C 626 -4.45 34.23 14.15
N ASP C 627 -4.80 34.93 15.21
CA ASP C 627 -4.54 36.36 15.29
C ASP C 627 -3.07 36.71 15.66
N ALA C 628 -2.52 36.04 16.69
CA ALA C 628 -1.14 36.27 17.11
C ALA C 628 -0.15 36.15 15.93
N LEU C 629 -0.40 35.18 15.06
CA LEU C 629 0.41 35.02 13.85
C LEU C 629 -0.06 35.87 12.67
N GLN C 630 -1.03 36.76 12.90
CA GLN C 630 -1.54 37.67 11.87
C GLN C 630 -1.99 36.99 10.58
N ASN C 631 -2.71 35.89 10.75
CA ASN C 631 -3.38 35.27 9.63
C ASN C 631 -4.58 36.15 9.23
N GLY C 632 -4.75 36.37 7.93
CA GLY C 632 -5.73 37.35 7.48
C GLY C 632 -5.06 38.64 7.01
N LYS C 633 -3.79 38.79 7.37
CA LYS C 633 -2.95 39.83 6.82
C LYS C 633 -2.92 39.65 5.31
N ARG C 634 -2.89 40.76 4.58
CA ARG C 634 -2.82 40.72 3.10
C ARG C 634 -1.39 40.45 2.67
N ASN C 635 -1.24 39.50 1.75
CA ASN C 635 0.08 39.07 1.30
C ASN C 635 0.39 39.77 -0.03
N LEU C 636 1.30 40.74 0.02
CA LEU C 636 1.52 41.67 -1.10
C LEU C 636 1.98 40.91 -2.36
N ILE C 637 2.67 39.78 -2.16
CA ILE C 637 3.18 38.91 -3.25
C ILE C 637 2.08 38.25 -4.08
N LYS C 638 0.93 38.05 -3.47
CA LYS C 638 -0.17 37.37 -4.14
C LYS C 638 -1.12 38.31 -4.89
N ARG C 639 -0.87 39.61 -4.83
CA ARG C 639 -1.75 40.58 -5.49
C ARG C 639 -1.45 40.70 -6.96
N TRP C 640 -2.03 39.83 -7.74
CA TRP C 640 -1.59 39.66 -9.12
C TRP C 640 -2.47 40.44 -10.10
N TRP C 641 -3.60 40.94 -9.59
CA TRP C 641 -4.64 41.52 -10.47
C TRP C 641 -4.45 43.02 -10.62
N PHE C 642 -4.99 43.57 -11.72
CA PHE C 642 -5.06 45.03 -11.87
C PHE C 642 -6.29 45.58 -11.13
N ASP C 643 -6.11 46.73 -10.46
CA ASP C 643 -7.26 47.50 -9.96
C ASP C 643 -7.91 48.35 -11.06
N LEU C 644 -8.90 47.74 -11.69
CA LEU C 644 -9.64 48.32 -12.79
C LEU C 644 -11.13 48.26 -12.44
N GLU C 645 -11.76 49.41 -12.63
CA GLU C 645 -13.20 49.58 -12.53
C GLU C 645 -13.70 50.06 -13.88
N VAL C 646 -14.59 49.28 -14.47
CA VAL C 646 -15.33 49.70 -15.64
C VAL C 646 -16.50 50.65 -15.23
N ILE C 647 -16.38 51.92 -15.68
CA ILE C 647 -17.37 52.99 -15.45
C ILE C 647 -17.71 53.57 -16.86
N ASP C 648 -18.95 53.36 -17.29
CA ASP C 648 -19.46 53.74 -18.64
C ASP C 648 -18.77 53.00 -19.76
N GLY C 649 -18.67 51.67 -19.63
CA GLY C 649 -18.12 50.79 -20.71
C GLY C 649 -16.59 50.85 -20.93
N VAL C 650 -15.89 51.64 -20.13
CA VAL C 650 -14.44 51.81 -20.26
C VAL C 650 -13.76 51.54 -18.91
N ALA C 651 -12.73 50.72 -18.94
CA ALA C 651 -11.95 50.41 -17.76
C ALA C 651 -11.07 51.58 -17.37
N GLY C 652 -11.07 51.91 -16.09
CA GLY C 652 -10.18 52.95 -15.58
C GLY C 652 -9.71 52.67 -14.17
N ALA C 653 -8.86 53.55 -13.65
CA ALA C 653 -8.49 53.47 -12.25
C ALA C 653 -9.75 53.60 -11.41
N PRO C 654 -9.75 53.03 -10.19
CA PRO C 654 -10.96 53.09 -9.36
C PRO C 654 -11.32 54.52 -8.99
N ARG C 655 -12.58 54.89 -9.19
CA ARG C 655 -13.08 56.27 -8.94
C ARG C 655 -12.87 56.62 -7.45
N MET C 656 -13.30 55.72 -6.57
CA MET C 656 -13.35 56.01 -5.13
C MET C 656 -12.22 55.40 -4.34
N GLY C 657 -11.41 54.58 -4.99
CA GLY C 657 -10.24 53.98 -4.33
C GLY C 657 -10.35 52.47 -4.25
N THR C 658 -9.54 51.89 -3.37
CA THR C 658 -9.45 50.45 -3.22
C THR C 658 -9.29 50.07 -1.73
N ASN C 659 -10.16 49.19 -1.25
CA ASN C 659 -10.02 48.64 0.10
C ASN C 659 -8.72 47.84 0.23
N GLU C 660 -7.98 48.12 1.28
CA GLU C 660 -6.73 47.42 1.58
C GLU C 660 -6.77 47.20 3.05
N ARG C 661 -7.77 46.45 3.47
CA ARG C 661 -8.02 46.19 4.85
C ARG C 661 -6.97 45.30 5.52
N ASP C 662 -6.72 45.58 6.78
CA ASP C 662 -5.82 44.82 7.61
C ASP C 662 -6.59 44.25 8.78
N LEU C 663 -5.96 43.41 9.56
CA LEU C 663 -6.59 42.88 10.74
C LEU C 663 -7.10 44.00 11.65
N SER C 664 -8.26 43.77 12.30
CA SER C 664 -8.99 44.79 13.05
C SER C 664 -8.91 44.45 14.50
N PRO C 665 -9.10 45.44 15.35
CA PRO C 665 -8.97 45.16 16.77
C PRO C 665 -10.28 44.64 17.39
N ASP C 666 -10.18 44.00 18.55
CA ASP C 666 -11.37 43.50 19.24
C ASP C 666 -12.44 44.57 19.50
N ARG C 667 -13.64 44.07 19.73
CA ARG C 667 -14.77 44.85 20.19
C ARG C 667 -14.98 44.47 21.68
N GLY C 668 -15.95 45.13 22.34
CA GLY C 668 -16.38 44.80 23.73
C GLY C 668 -16.28 43.32 24.12
N ASP C 669 -16.03 43.04 25.41
CA ASP C 669 -16.36 41.70 25.95
C ASP C 669 -17.89 41.63 25.81
N LYS C 670 -18.53 42.82 25.73
CA LYS C 670 -19.99 42.90 25.78
C LYS C 670 -20.69 42.98 24.40
N ILE C 671 -19.92 42.93 23.32
CA ILE C 671 -20.46 43.10 21.95
C ILE C 671 -21.54 42.09 21.59
N GLY C 672 -21.43 40.87 22.07
CA GLY C 672 -22.47 39.86 21.79
C GLY C 672 -23.83 40.23 22.34
N ALA C 673 -23.83 40.84 23.53
CA ALA C 673 -25.03 41.30 24.23
C ALA C 673 -25.57 42.57 23.60
N ASN C 674 -24.69 43.42 23.07
CA ASN C 674 -25.12 44.74 22.62
C ASN C 674 -25.42 44.88 21.16
N GLN C 675 -24.79 44.08 20.32
CA GLN C 675 -25.05 44.13 18.86
C GLN C 675 -26.49 43.73 18.58
N LYS C 676 -27.21 44.56 17.83
CA LYS C 676 -28.57 44.26 17.43
C LYS C 676 -28.62 44.26 15.90
N LEU C 677 -28.99 43.08 15.38
CA LEU C 677 -29.10 42.78 13.96
C LEU C 677 -30.56 42.51 13.62
N ALA C 678 -30.88 42.66 12.33
CA ALA C 678 -32.21 42.38 11.84
C ALA C 678 -32.23 41.04 11.14
N MET C 679 -33.32 40.33 11.34
CA MET C 679 -33.60 39.11 10.57
C MET C 679 -34.94 39.21 9.79
N TYR C 680 -35.00 38.48 8.69
CA TYR C 680 -36.11 38.57 7.76
C TYR C 680 -36.55 37.16 7.40
N PRO C 681 -37.18 36.46 8.38
CA PRO C 681 -37.78 35.15 8.14
C PRO C 681 -39.04 35.41 7.33
N PRO C 682 -39.64 34.35 6.73
CA PRO C 682 -40.79 34.49 5.82
C PRO C 682 -41.83 35.57 6.16
N ARG C 683 -42.27 35.62 7.42
CA ARG C 683 -43.18 36.66 7.86
C ARG C 683 -42.75 38.11 7.50
N LEU C 684 -41.46 38.41 7.38
CA LEU C 684 -40.99 39.75 6.99
C LEU C 684 -40.48 39.82 5.56
N GLN C 685 -40.78 38.77 4.80
CA GLN C 685 -40.39 38.67 3.38
C GLN C 685 -41.58 38.97 2.46
N PRO C 686 -41.31 39.22 1.18
CA PRO C 686 -42.40 39.30 0.22
C PRO C 686 -43.03 37.94 0.18
N PRO C 687 -44.39 37.87 0.22
CA PRO C 687 -45.06 36.57 0.30
C PRO C 687 -44.95 35.81 -1.02
N PRO C 688 -45.15 34.47 -1.00
CA PRO C 688 -45.00 33.60 -2.17
C PRO C 688 -45.59 33.99 -3.54
N GLY C 689 -46.60 34.86 -3.62
CA GLY C 689 -47.01 35.32 -4.97
C GLY C 689 -46.18 36.46 -5.59
N THR C 690 -45.36 37.11 -4.78
CA THR C 690 -44.83 38.42 -5.14
C THR C 690 -43.75 38.35 -6.23
N THR C 691 -43.82 39.35 -7.12
CA THR C 691 -42.94 39.47 -8.27
C THR C 691 -42.08 40.72 -8.17
N LEU C 692 -41.10 40.85 -9.05
CA LEU C 692 -40.20 42.03 -9.08
C LEU C 692 -40.90 43.35 -9.44
N ASP C 693 -42.12 43.23 -10.01
CA ASP C 693 -42.93 44.38 -10.47
C ASP C 693 -43.53 45.17 -9.26
N ALA C 694 -43.57 44.51 -8.09
CA ALA C 694 -43.90 45.12 -6.79
C ALA C 694 -42.65 45.59 -6.03
N VAL C 695 -42.83 46.59 -5.19
CA VAL C 695 -41.81 47.04 -4.21
C VAL C 695 -42.31 46.82 -2.79
N LEU C 696 -41.46 46.25 -1.91
CA LEU C 696 -41.77 46.11 -0.47
C LEU C 696 -40.59 46.61 0.33
N PRO C 697 -40.61 47.89 0.69
CA PRO C 697 -39.47 48.41 1.45
C PRO C 697 -39.14 47.51 2.64
N VAL C 698 -37.87 47.25 2.86
CA VAL C 698 -37.48 46.37 3.93
C VAL C 698 -37.91 46.95 5.29
N ASP C 699 -38.59 46.15 6.11
CA ASP C 699 -39.00 46.59 7.44
C ASP C 699 -37.90 46.32 8.51
N ARG C 700 -36.90 47.19 8.55
CA ARG C 700 -35.78 47.04 9.45
C ARG C 700 -36.15 47.02 10.90
N SER C 701 -37.06 47.89 11.31
CA SER C 701 -37.56 47.95 12.71
C SER C 701 -38.09 46.63 13.13
N GLY C 702 -38.93 46.08 12.27
CA GLY C 702 -39.60 44.84 12.56
C GLY C 702 -38.62 43.68 12.54
N GLY C 703 -37.57 43.83 11.73
CA GLY C 703 -36.54 42.80 11.62
C GLY C 703 -35.65 42.82 12.84
N LEU C 704 -35.38 44.01 13.35
CA LEU C 704 -34.65 44.16 14.62
C LEU C 704 -35.39 43.48 15.79
N ALA C 705 -36.68 43.76 15.88
CA ALA C 705 -37.55 43.17 16.91
C ALA C 705 -37.71 41.67 16.73
N GLU C 706 -37.82 41.24 15.47
CA GLU C 706 -37.92 39.82 15.15
C GLU C 706 -36.74 39.07 15.76
N TYR C 707 -35.54 39.58 15.50
CA TYR C 707 -34.31 38.97 16.02
C TYR C 707 -34.34 38.89 17.56
N ALA C 708 -34.75 39.99 18.19
CA ALA C 708 -34.81 40.06 19.67
C ALA C 708 -35.79 39.05 20.25
N ALA C 709 -36.79 38.71 19.45
CA ALA C 709 -37.85 37.77 19.81
C ALA C 709 -37.57 36.33 19.39
N ALA C 710 -36.52 36.10 18.60
CA ALA C 710 -36.23 34.77 18.11
C ALA C 710 -36.05 33.77 19.26
N GLU C 711 -36.61 32.59 19.10
CA GLU C 711 -36.46 31.53 20.12
C GLU C 711 -35.04 30.94 20.14
N THR C 712 -34.63 30.49 21.32
CA THR C 712 -33.30 29.89 21.44
C THR C 712 -33.41 28.47 20.99
N PRO C 713 -32.34 27.92 20.40
CA PRO C 713 -32.31 26.53 20.00
C PRO C 713 -32.55 25.57 21.18
N ALA C 714 -32.07 25.97 22.36
CA ALA C 714 -32.27 25.23 23.61
C ALA C 714 -33.75 25.07 23.94
N ALA C 715 -34.45 26.20 23.96
CA ALA C 715 -35.90 26.27 24.19
C ALA C 715 -36.64 25.47 23.15
N ALA C 716 -36.24 25.61 21.88
CA ALA C 716 -36.87 24.83 20.82
C ALA C 716 -36.77 23.32 21.09
N ARG C 717 -35.58 22.83 21.41
CA ARG C 717 -35.41 21.40 21.75
C ARG C 717 -36.28 20.95 22.96
N ALA C 718 -36.38 21.79 23.98
CA ALA C 718 -37.24 21.47 25.13
C ALA C 718 -38.71 21.40 24.69
N ARG C 719 -39.09 22.35 23.84
CA ARG C 719 -40.45 22.45 23.32
C ARG C 719 -40.82 21.25 22.49
N LEU C 720 -39.93 20.86 21.60
CA LEU C 720 -40.15 19.70 20.75
C LEU C 720 -40.15 18.39 21.55
N LYS C 721 -39.34 18.34 22.60
CA LYS C 721 -39.28 17.19 23.51
C LYS C 721 -40.61 16.89 24.18
N SER C 722 -41.58 17.83 24.11
CA SER C 722 -43.02 17.49 24.30
C SER C 722 -43.68 16.87 23.02
#